data_8FER
# 
_entry.id   8FER 
# 
_audit_conform.dict_name       mmcif_pdbx.dic 
_audit_conform.dict_version    5.387 
_audit_conform.dict_location   http://mmcif.pdb.org/dictionaries/ascii/mmcif_pdbx.dic 
# 
loop_
_database_2.database_id 
_database_2.database_code 
_database_2.pdbx_database_accession 
_database_2.pdbx_DOI 
PDB   8FER         pdb_00008fer 10.2210/pdb8fer/pdb 
WWPDB D_1000270471 ?            ?                   
# 
loop_
_pdbx_audit_revision_history.ordinal 
_pdbx_audit_revision_history.data_content_type 
_pdbx_audit_revision_history.major_revision 
_pdbx_audit_revision_history.minor_revision 
_pdbx_audit_revision_history.revision_date 
1 'Structure model' 1 0 2024-01-24 
2 'Structure model' 1 1 2024-01-31 
3 'Structure model' 1 2 2024-02-14 
4 'Structure model' 1 3 2024-02-21 
# 
_pdbx_audit_revision_details.ordinal             1 
_pdbx_audit_revision_details.revision_ordinal    1 
_pdbx_audit_revision_details.data_content_type   'Structure model' 
_pdbx_audit_revision_details.provider            repository 
_pdbx_audit_revision_details.type                'Initial release' 
_pdbx_audit_revision_details.description         ? 
_pdbx_audit_revision_details.details             ? 
# 
loop_
_pdbx_audit_revision_group.ordinal 
_pdbx_audit_revision_group.revision_ordinal 
_pdbx_audit_revision_group.data_content_type 
_pdbx_audit_revision_group.group 
1 2 'Structure model' 'Database references' 
2 3 'Structure model' 'Database references' 
3 4 'Structure model' 'Database references' 
# 
loop_
_pdbx_audit_revision_category.ordinal 
_pdbx_audit_revision_category.revision_ordinal 
_pdbx_audit_revision_category.data_content_type 
_pdbx_audit_revision_category.category 
1 2 'Structure model' citation        
2 2 'Structure model' citation_author 
3 3 'Structure model' citation        
4 3 'Structure model' citation_author 
5 4 'Structure model' citation        
# 
loop_
_pdbx_audit_revision_item.ordinal 
_pdbx_audit_revision_item.revision_ordinal 
_pdbx_audit_revision_item.data_content_type 
_pdbx_audit_revision_item.item 
1  2 'Structure model' '_citation.title'                   
2  3 'Structure model' '_citation.country'                 
3  3 'Structure model' '_citation.journal_abbrev'          
4  3 'Structure model' '_citation.journal_id_ASTM'         
5  3 'Structure model' '_citation.journal_id_CSD'          
6  3 'Structure model' '_citation.journal_id_ISSN'         
7  3 'Structure model' '_citation.pdbx_database_id_DOI'    
8  3 'Structure model' '_citation.pdbx_database_id_PubMed' 
9  3 'Structure model' '_citation.title'                   
10 3 'Structure model' '_citation.year'                    
11 3 'Structure model' '_citation_author.identifier_ORCID' 
12 3 'Structure model' '_citation_author.name'             
13 4 'Structure model' '_citation.journal_volume'          
14 4 'Structure model' '_citation.page_first'              
15 4 'Structure model' '_citation.page_last'               
# 
_pdbx_database_status.status_code                     REL 
_pdbx_database_status.status_code_sf                  REL 
_pdbx_database_status.status_code_mr                  ? 
_pdbx_database_status.entry_id                        8FER 
_pdbx_database_status.recvd_initial_deposition_date   2022-12-06 
_pdbx_database_status.SG_entry                        N 
_pdbx_database_status.deposit_site                    RCSB 
_pdbx_database_status.process_site                    RCSB 
_pdbx_database_status.status_code_cs                  ? 
_pdbx_database_status.status_code_nmr_data            ? 
_pdbx_database_status.methods_development_category    ? 
_pdbx_database_status.pdb_format_compatible           N 
# 
_pdbx_contact_author.id                 3 
_pdbx_contact_author.email              jwszostak@uchicago.edu 
_pdbx_contact_author.name_first         Jack 
_pdbx_contact_author.name_last          Szostak 
_pdbx_contact_author.name_mi            W. 
_pdbx_contact_author.role               'principal investigator/group leader' 
_pdbx_contact_author.identifier_ORCID   0000-0003-4131-1203 
# 
loop_
_audit_author.name 
_audit_author.pdbx_ordinal 
_audit_author.identifier_ORCID 
'Fang, Z.'      1 0000-0001-8679-6633 
'Zhou, L.'      2 0000-0002-0393-4787 
'Szostak, J.W.' 3 0000-0003-4131-1203 
# 
_citation.abstract                  ? 
_citation.abstract_id_CAS           ? 
_citation.book_id_ISBN              ? 
_citation.book_publisher            ? 
_citation.book_publisher_city       ? 
_citation.book_title                ? 
_citation.coordinate_linkage        ? 
_citation.country                   US 
_citation.database_id_Medline       ? 
_citation.details                   ? 
_citation.id                        primary 
_citation.journal_abbrev            J.Am.Chem.Soc. 
_citation.journal_id_ASTM           JACSAT 
_citation.journal_id_CSD            ? 
_citation.journal_id_ISSN           1520-5126 
_citation.journal_full              ? 
_citation.journal_issue             ? 
_citation.journal_volume            146 
_citation.language                  ? 
_citation.page_first                3861 
_citation.page_last                 3871 
_citation.title                     
'Unusual Base Pair between Two 2-Thiouridines and Its Implication for Nonenzymatic RNA Copying.' 
_citation.year                      2024 
_citation.database_id_CSD           ? 
_citation.pdbx_database_id_DOI      10.1021/jacs.3c11158 
_citation.pdbx_database_id_PubMed   38293747 
_citation.pdbx_database_id_patent   ? 
_citation.unpublished_flag          ? 
# 
loop_
_citation_author.citation_id 
_citation_author.name 
_citation_author.ordinal 
_citation_author.identifier_ORCID 
primary 'Ding, D.'         1 0000-0001-9046-7816 
primary 'Fang, Z.'         2 0000-0001-8679-6633 
primary 'Kim, S.C.'        3 0000-0002-2230-1774 
primary 
;O'Flaherty, D.K.
;
4 0000-0003-3693-6380 
primary 'Jia, X.'          5 0000-0001-9094-9882 
primary 'Stone, T.B.'      6 ?                   
primary 'Zhou, L.'         7 0000-0002-0393-4787 
primary 'Szostak, J.W.'    8 0000-0003-4131-1203 
# 
loop_
_entity.id 
_entity.type 
_entity.src_method 
_entity.pdbx_description 
_entity.formula_weight 
_entity.pdbx_number_of_molecules 
_entity.pdbx_ec 
_entity.pdbx_mutation 
_entity.pdbx_fragment 
_entity.details 
1 polymer syn 'RNA 16mer with two continuous s(2)U' 5092.155 2  ? ? ? ? 
2 water   nat water                                 18.015   85 ? ? ? ? 
# 
_entity_poly.entity_id                      1 
_entity_poly.type                           polyribonucleotide 
_entity_poly.nstd_linkage                   no 
_entity_poly.nstd_monomer                   yes 
_entity_poly.pdbx_seq_one_letter_code       'AGAGAAG(SUR)(SUR)CUUCUCU' 
_entity_poly.pdbx_seq_one_letter_code_can   AGAGAAGUUCUUCUCU 
_entity_poly.pdbx_strand_id                 AAA,BBB 
_entity_poly.pdbx_target_identifier         ? 
# 
_pdbx_entity_nonpoly.entity_id   2 
_pdbx_entity_nonpoly.name        water 
_pdbx_entity_nonpoly.comp_id     HOH 
# 
loop_
_entity_poly_seq.entity_id 
_entity_poly_seq.num 
_entity_poly_seq.mon_id 
_entity_poly_seq.hetero 
1 1  A   n 
1 2  G   n 
1 3  A   n 
1 4  G   n 
1 5  A   n 
1 6  A   n 
1 7  G   n 
1 8  SUR n 
1 9  SUR n 
1 10 C   n 
1 11 U   n 
1 12 U   n 
1 13 C   n 
1 14 U   n 
1 15 C   n 
1 16 U   n 
# 
_pdbx_entity_src_syn.entity_id              1 
_pdbx_entity_src_syn.pdbx_src_id            1 
_pdbx_entity_src_syn.pdbx_alt_source_flag   sample 
_pdbx_entity_src_syn.pdbx_beg_seq_num       1 
_pdbx_entity_src_syn.pdbx_end_seq_num       16 
_pdbx_entity_src_syn.organism_scientific    'synthetic construct' 
_pdbx_entity_src_syn.organism_common_name   ? 
_pdbx_entity_src_syn.ncbi_taxonomy_id       32630 
_pdbx_entity_src_syn.details                ? 
# 
loop_
_chem_comp.id 
_chem_comp.type 
_chem_comp.mon_nstd_flag 
_chem_comp.name 
_chem_comp.pdbx_synonyms 
_chem_comp.formula 
_chem_comp.formula_weight 
A   'RNA linking' y "ADENOSINE-5'-MONOPHOSPHATE"                          ? 'C10 H14 N5 O7 P'  347.221 
C   'RNA linking' y "CYTIDINE-5'-MONOPHOSPHATE"                           ? 'C9 H14 N3 O8 P'   323.197 
G   'RNA linking' y "GUANOSINE-5'-MONOPHOSPHATE"                          ? 'C10 H14 N5 O8 P'  363.221 
HOH non-polymer   . WATER                                                 ? 'H2 O'             18.015  
SUR 'RNA linking' n "1-(BETA-D-RIBOFURANOSYL)-2-THIO-URACIL-5'-PHOSPHATE" ? 'C9 H13 N2 O8 P S' 340.247 
U   'RNA linking' y "URIDINE-5'-MONOPHOSPHATE"                            ? 'C9 H13 N2 O9 P'   324.181 
# 
loop_
_pdbx_poly_seq_scheme.asym_id 
_pdbx_poly_seq_scheme.entity_id 
_pdbx_poly_seq_scheme.seq_id 
_pdbx_poly_seq_scheme.mon_id 
_pdbx_poly_seq_scheme.ndb_seq_num 
_pdbx_poly_seq_scheme.pdb_seq_num 
_pdbx_poly_seq_scheme.auth_seq_num 
_pdbx_poly_seq_scheme.pdb_mon_id 
_pdbx_poly_seq_scheme.auth_mon_id 
_pdbx_poly_seq_scheme.pdb_strand_id 
_pdbx_poly_seq_scheme.pdb_ins_code 
_pdbx_poly_seq_scheme.hetero 
A 1 1  A   1  1  1  A   A   AAA . n 
A 1 2  G   2  2  2  G   G   AAA . n 
A 1 3  A   3  3  3  A   A   AAA . n 
A 1 4  G   4  4  4  G   G   AAA . n 
A 1 5  A   5  5  5  A   A   AAA . n 
A 1 6  A   6  6  6  A   A   AAA . n 
A 1 7  G   7  7  7  G   G   AAA . n 
A 1 8  SUR 8  8  8  SUR SUR AAA . n 
A 1 9  SUR 9  9  9  SUR SUR AAA . n 
A 1 10 C   10 10 10 C   C   AAA . n 
A 1 11 U   11 11 11 U   U   AAA . n 
A 1 12 U   12 12 12 U   U   AAA . n 
A 1 13 C   13 13 13 C   C   AAA . n 
A 1 14 U   14 14 14 U   U   AAA . n 
A 1 15 C   15 15 15 C   C   AAA . n 
A 1 16 U   16 16 16 U   U   AAA . n 
B 1 1  A   1  1  1  A   A   BBB . n 
B 1 2  G   2  2  2  G   G   BBB . n 
B 1 3  A   3  3  3  A   A   BBB . n 
B 1 4  G   4  4  4  G   G   BBB . n 
B 1 5  A   5  5  5  A   A   BBB . n 
B 1 6  A   6  6  6  A   A   BBB . n 
B 1 7  G   7  7  7  G   G   BBB . n 
B 1 8  SUR 8  8  8  SUR SUR BBB . n 
B 1 9  SUR 9  9  9  SUR SUR BBB . n 
B 1 10 C   10 10 10 C   C   BBB . n 
B 1 11 U   11 11 11 U   U   BBB . n 
B 1 12 U   12 12 12 U   U   BBB . n 
B 1 13 C   13 13 13 C   C   BBB . n 
B 1 14 U   14 14 14 U   U   BBB . n 
B 1 15 C   15 15 15 C   C   BBB . n 
B 1 16 U   16 16 16 U   U   BBB . n 
# 
loop_
_pdbx_nonpoly_scheme.asym_id 
_pdbx_nonpoly_scheme.entity_id 
_pdbx_nonpoly_scheme.mon_id 
_pdbx_nonpoly_scheme.ndb_seq_num 
_pdbx_nonpoly_scheme.pdb_seq_num 
_pdbx_nonpoly_scheme.auth_seq_num 
_pdbx_nonpoly_scheme.pdb_mon_id 
_pdbx_nonpoly_scheme.auth_mon_id 
_pdbx_nonpoly_scheme.pdb_strand_id 
_pdbx_nonpoly_scheme.pdb_ins_code 
C 2 HOH 1  101 66 HOH HOH AAA . 
C 2 HOH 2  102 16 HOH HOH AAA . 
C 2 HOH 3  103 36 HOH HOH AAA . 
C 2 HOH 4  104 84 HOH HOH AAA . 
C 2 HOH 5  105 72 HOH HOH AAA . 
C 2 HOH 6  106 38 HOH HOH AAA . 
C 2 HOH 7  107 18 HOH HOH AAA . 
C 2 HOH 8  108 80 HOH HOH AAA . 
C 2 HOH 9  109 71 HOH HOH AAA . 
C 2 HOH 10 110 13 HOH HOH AAA . 
C 2 HOH 11 111 56 HOH HOH AAA . 
C 2 HOH 12 112 43 HOH HOH AAA . 
C 2 HOH 13 113 2  HOH HOH AAA . 
C 2 HOH 14 114 19 HOH HOH AAA . 
C 2 HOH 15 115 31 HOH HOH AAA . 
C 2 HOH 16 116 9  HOH HOH AAA . 
C 2 HOH 17 117 26 HOH HOH AAA . 
C 2 HOH 18 118 5  HOH HOH AAA . 
C 2 HOH 19 119 8  HOH HOH AAA . 
C 2 HOH 20 120 76 HOH HOH AAA . 
C 2 HOH 21 121 74 HOH HOH AAA . 
C 2 HOH 22 122 6  HOH HOH AAA . 
C 2 HOH 23 123 17 HOH HOH AAA . 
C 2 HOH 24 124 12 HOH HOH AAA . 
C 2 HOH 25 125 73 HOH HOH AAA . 
C 2 HOH 26 126 4  HOH HOH AAA . 
C 2 HOH 27 127 65 HOH HOH AAA . 
C 2 HOH 28 128 53 HOH HOH AAA . 
C 2 HOH 29 129 67 HOH HOH AAA . 
C 2 HOH 30 130 32 HOH HOH AAA . 
C 2 HOH 31 131 11 HOH HOH AAA . 
C 2 HOH 32 132 42 HOH HOH AAA . 
C 2 HOH 33 133 68 HOH HOH AAA . 
C 2 HOH 34 134 14 HOH HOH AAA . 
C 2 HOH 35 135 52 HOH HOH AAA . 
C 2 HOH 36 136 81 HOH HOH AAA . 
C 2 HOH 37 137 83 HOH HOH AAA . 
C 2 HOH 38 138 37 HOH HOH AAA . 
C 2 HOH 39 139 1  HOH HOH AAA . 
C 2 HOH 40 140 85 HOH HOH AAA . 
C 2 HOH 41 141 75 HOH HOH AAA . 
C 2 HOH 42 142 57 HOH HOH AAA . 
C 2 HOH 43 143 79 HOH HOH AAA . 
C 2 HOH 44 144 58 HOH HOH AAA . 
C 2 HOH 45 145 29 HOH HOH AAA . 
C 2 HOH 46 146 82 HOH HOH AAA . 
D 2 HOH 1  101 33 HOH HOH BBB . 
D 2 HOH 2  102 50 HOH HOH BBB . 
D 2 HOH 3  103 54 HOH HOH BBB . 
D 2 HOH 4  104 51 HOH HOH BBB . 
D 2 HOH 5  105 34 HOH HOH BBB . 
D 2 HOH 6  106 24 HOH HOH BBB . 
D 2 HOH 7  107 64 HOH HOH BBB . 
D 2 HOH 8  108 63 HOH HOH BBB . 
D 2 HOH 9  109 40 HOH HOH BBB . 
D 2 HOH 10 110 45 HOH HOH BBB . 
D 2 HOH 11 111 22 HOH HOH BBB . 
D 2 HOH 12 112 28 HOH HOH BBB . 
D 2 HOH 13 113 15 HOH HOH BBB . 
D 2 HOH 14 114 70 HOH HOH BBB . 
D 2 HOH 15 115 49 HOH HOH BBB . 
D 2 HOH 16 116 23 HOH HOH BBB . 
D 2 HOH 17 117 62 HOH HOH BBB . 
D 2 HOH 18 118 3  HOH HOH BBB . 
D 2 HOH 19 119 35 HOH HOH BBB . 
D 2 HOH 20 120 55 HOH HOH BBB . 
D 2 HOH 21 121 78 HOH HOH BBB . 
D 2 HOH 22 122 59 HOH HOH BBB . 
D 2 HOH 23 123 48 HOH HOH BBB . 
D 2 HOH 24 124 77 HOH HOH BBB . 
D 2 HOH 25 125 27 HOH HOH BBB . 
D 2 HOH 26 126 21 HOH HOH BBB . 
D 2 HOH 27 127 47 HOH HOH BBB . 
D 2 HOH 28 128 20 HOH HOH BBB . 
D 2 HOH 29 129 46 HOH HOH BBB . 
D 2 HOH 30 130 7  HOH HOH BBB . 
D 2 HOH 31 131 25 HOH HOH BBB . 
D 2 HOH 32 132 61 HOH HOH BBB . 
D 2 HOH 33 133 30 HOH HOH BBB . 
D 2 HOH 34 134 60 HOH HOH BBB . 
D 2 HOH 35 135 44 HOH HOH BBB . 
D 2 HOH 36 136 69 HOH HOH BBB . 
D 2 HOH 37 137 39 HOH HOH BBB . 
D 2 HOH 38 138 10 HOH HOH BBB . 
D 2 HOH 39 139 41 HOH HOH BBB . 
# 
loop_
_software.citation_id 
_software.classification 
_software.compiler_name 
_software.compiler_version 
_software.contact_author 
_software.contact_author_email 
_software.date 
_software.description 
_software.dependencies 
_software.hardware 
_software.language 
_software.location 
_software.mods 
_software.name 
_software.os 
_software.os_version 
_software.type 
_software.version 
_software.pdbx_ordinal 
? refinement       ? ? ? ? ? ? ? ? ? ? ? REFMAC   ? ? ? 5.8.0267 1 
? 'data reduction' ? ? ? ? ? ? ? ? ? ? ? HKL-2000 ? ? ? .        2 
? 'data scaling'   ? ? ? ? ? ? ? ? ? ? ? HKL-2000 ? ? ? .        3 
? phasing          ? ? ? ? ? ? ? ? ? ? ? PHASER   ? ? ? .        4 
# 
_cell.angle_alpha                  90.000 
_cell.angle_alpha_esd              ? 
_cell.angle_beta                   90.000 
_cell.angle_beta_esd               ? 
_cell.angle_gamma                  120.000 
_cell.angle_gamma_esd              ? 
_cell.entry_id                     8FER 
_cell.details                      ? 
_cell.formula_units_Z              ? 
_cell.length_a                     43.810 
_cell.length_a_esd                 ? 
_cell.length_b                     43.810 
_cell.length_b_esd                 ? 
_cell.length_c                     258.170 
_cell.length_c_esd                 ? 
_cell.volume                       ? 
_cell.volume_esd                   ? 
_cell.Z_PDB                        36 
_cell.reciprocal_angle_alpha       ? 
_cell.reciprocal_angle_beta        ? 
_cell.reciprocal_angle_gamma       ? 
_cell.reciprocal_angle_alpha_esd   ? 
_cell.reciprocal_angle_beta_esd    ? 
_cell.reciprocal_angle_gamma_esd   ? 
_cell.reciprocal_length_a          ? 
_cell.reciprocal_length_b          ? 
_cell.reciprocal_length_c          ? 
_cell.reciprocal_length_a_esd      ? 
_cell.reciprocal_length_b_esd      ? 
_cell.reciprocal_length_c_esd      ? 
_cell.pdbx_unique_axis             ? 
_cell.pdbx_esd_method              ? 
# 
_symmetry.entry_id                         8FER 
_symmetry.cell_setting                     ? 
_symmetry.Int_Tables_number                155 
_symmetry.space_group_name_Hall            ? 
_symmetry.space_group_name_H-M             'H 3 2' 
_symmetry.pdbx_full_space_group_name_H-M   ? 
# 
_exptl.absorpt_coefficient_mu     ? 
_exptl.absorpt_correction_T_max   ? 
_exptl.absorpt_correction_T_min   ? 
_exptl.absorpt_correction_type    ? 
_exptl.absorpt_process_details    ? 
_exptl.entry_id                   8FER 
_exptl.crystals_number            1 
_exptl.details                    ? 
_exptl.method                     'X-RAY DIFFRACTION' 
_exptl.method_details             ? 
# 
_exptl_crystal.colour                       ? 
_exptl_crystal.density_diffrn               ? 
_exptl_crystal.density_Matthews             2.34 
_exptl_crystal.density_method               ? 
_exptl_crystal.density_percent_sol          47.46 
_exptl_crystal.description                  ? 
_exptl_crystal.F_000                        ? 
_exptl_crystal.id                           1 
_exptl_crystal.preparation                  ? 
_exptl_crystal.size_max                     ? 
_exptl_crystal.size_mid                     ? 
_exptl_crystal.size_min                     ? 
_exptl_crystal.size_rad                     ? 
_exptl_crystal.colour_lustre                ? 
_exptl_crystal.colour_modifier              ? 
_exptl_crystal.colour_primary               ? 
_exptl_crystal.density_meas                 ? 
_exptl_crystal.density_meas_esd             ? 
_exptl_crystal.density_meas_gt              ? 
_exptl_crystal.density_meas_lt              ? 
_exptl_crystal.density_meas_temp            ? 
_exptl_crystal.density_meas_temp_esd        ? 
_exptl_crystal.density_meas_temp_gt         ? 
_exptl_crystal.density_meas_temp_lt         ? 
_exptl_crystal.pdbx_crystal_image_url       ? 
_exptl_crystal.pdbx_crystal_image_format    ? 
_exptl_crystal.pdbx_mosaicity               ? 
_exptl_crystal.pdbx_mosaicity_esd           ? 
_exptl_crystal.pdbx_mosaic_method           ? 
_exptl_crystal.pdbx_mosaic_block_size       ? 
_exptl_crystal.pdbx_mosaic_block_size_esd   ? 
# 
_exptl_crystal_grow.apparatus       ? 
_exptl_crystal_grow.atmosphere      ? 
_exptl_crystal_grow.crystal_id      1 
_exptl_crystal_grow.details         ? 
_exptl_crystal_grow.method          'VAPOR DIFFUSION, SITTING DROP' 
_exptl_crystal_grow.method_ref      ? 
_exptl_crystal_grow.pH              7.5 
_exptl_crystal_grow.pressure        ? 
_exptl_crystal_grow.pressure_esd    ? 
_exptl_crystal_grow.seeding         ? 
_exptl_crystal_grow.seeding_ref     ? 
_exptl_crystal_grow.temp_details    ? 
_exptl_crystal_grow.temp_esd        ? 
_exptl_crystal_grow.time            ? 
_exptl_crystal_grow.pdbx_details    
;0.02 M Magnesium chloride hexahydrate, 0.002 M Cobalt(II) chloride hexahydrate, 0.05 M HEPES sodium pH 7.5, 2.0 M Ammonium sulfate, 0.001 M Spermine
;
_exptl_crystal_grow.pdbx_pH_range   ? 
_exptl_crystal_grow.temp            293 
# 
_diffrn.ambient_environment              ? 
_diffrn.ambient_temp                     100 
_diffrn.ambient_temp_details             ? 
_diffrn.ambient_temp_esd                 ? 
_diffrn.crystal_id                       1 
_diffrn.crystal_support                  ? 
_diffrn.crystal_treatment                ? 
_diffrn.details                          ? 
_diffrn.id                               1 
_diffrn.ambient_pressure                 ? 
_diffrn.ambient_pressure_esd             ? 
_diffrn.ambient_pressure_gt              ? 
_diffrn.ambient_pressure_lt              ? 
_diffrn.ambient_temp_gt                  ? 
_diffrn.ambient_temp_lt                  ? 
_diffrn.pdbx_serial_crystal_experiment   N 
# 
_diffrn_detector.details                      ? 
_diffrn_detector.detector                     PIXEL 
_diffrn_detector.diffrn_id                    1 
_diffrn_detector.type                         'DECTRIS PILATUS3 6M' 
_diffrn_detector.area_resol_mean              ? 
_diffrn_detector.dtime                        ? 
_diffrn_detector.pdbx_frames_total            ? 
_diffrn_detector.pdbx_collection_time_total   ? 
_diffrn_detector.pdbx_collection_date         2022-09-14 
_diffrn_detector.pdbx_frequency               ? 
# 
_diffrn_radiation.collimation                      ? 
_diffrn_radiation.diffrn_id                        1 
_diffrn_radiation.filter_edge                      ? 
_diffrn_radiation.inhomogeneity                    ? 
_diffrn_radiation.monochromator                    ? 
_diffrn_radiation.polarisn_norm                    ? 
_diffrn_radiation.polarisn_ratio                   ? 
_diffrn_radiation.probe                            ? 
_diffrn_radiation.type                             ? 
_diffrn_radiation.xray_symbol                      ? 
_diffrn_radiation.wavelength_id                    1 
_diffrn_radiation.pdbx_monochromatic_or_laue_m_l   M 
_diffrn_radiation.pdbx_wavelength_list             ? 
_diffrn_radiation.pdbx_wavelength                  ? 
_diffrn_radiation.pdbx_diffrn_protocol             'SINGLE WAVELENGTH' 
_diffrn_radiation.pdbx_analyzer                    ? 
_diffrn_radiation.pdbx_scattering_type             x-ray 
# 
_diffrn_radiation_wavelength.id           1 
_diffrn_radiation_wavelength.wavelength   1.037690 
_diffrn_radiation_wavelength.wt           1.0 
# 
_diffrn_source.current                     ? 
_diffrn_source.details                     ? 
_diffrn_source.diffrn_id                   1 
_diffrn_source.power                       ? 
_diffrn_source.size                        ? 
_diffrn_source.source                      SYNCHROTRON 
_diffrn_source.target                      ? 
_diffrn_source.type                        'ALS BEAMLINE 2.0.1' 
_diffrn_source.voltage                     ? 
_diffrn_source.take-off_angle              ? 
_diffrn_source.pdbx_wavelength_list        1.037690 
_diffrn_source.pdbx_wavelength             ? 
_diffrn_source.pdbx_synchrotron_beamline   2.0.1 
_diffrn_source.pdbx_synchrotron_site       ALS 
# 
_reflns.B_iso_Wilson_estimate                          ? 
_reflns.entry_id                                       8FER 
_reflns.data_reduction_details                         ? 
_reflns.data_reduction_method                          ? 
_reflns.d_resolution_high                              1.54 
_reflns.d_resolution_low                               50 
_reflns.details                                        ? 
_reflns.limit_h_max                                    ? 
_reflns.limit_h_min                                    ? 
_reflns.limit_k_max                                    ? 
_reflns.limit_k_min                                    ? 
_reflns.limit_l_max                                    ? 
_reflns.limit_l_min                                    ? 
_reflns.number_all                                     ? 
_reflns.number_obs                                     14744 
_reflns.observed_criterion                             ? 
_reflns.observed_criterion_F_max                       ? 
_reflns.observed_criterion_F_min                       ? 
_reflns.observed_criterion_I_max                       ? 
_reflns.observed_criterion_I_min                       ? 
_reflns.observed_criterion_sigma_F                     ? 
_reflns.observed_criterion_sigma_I                     ? 
_reflns.percent_possible_obs                           99.7 
_reflns.R_free_details                                 ? 
_reflns.Rmerge_F_all                                   ? 
_reflns.Rmerge_F_obs                                   ? 
_reflns.Friedel_coverage                               ? 
_reflns.number_gt                                      ? 
_reflns.threshold_expression                           ? 
_reflns.pdbx_redundancy                                7.9 
_reflns.pdbx_netI_over_av_sigmaI                       ? 
_reflns.pdbx_netI_over_sigmaI                          13.7 
_reflns.pdbx_res_netI_over_av_sigmaI_2                 ? 
_reflns.pdbx_res_netI_over_sigmaI_2                    ? 
_reflns.pdbx_chi_squared                               0.911 
_reflns.pdbx_scaling_rejects                           ? 
_reflns.pdbx_d_res_high_opt                            ? 
_reflns.pdbx_d_res_low_opt                             ? 
_reflns.pdbx_d_res_opt_method                          ? 
_reflns.phase_calculation_details                      ? 
_reflns.pdbx_Rrim_I_all                                0.121 
_reflns.pdbx_Rpim_I_all                                0.043 
_reflns.pdbx_d_opt                                     ? 
_reflns.pdbx_number_measured_all                       ? 
_reflns.pdbx_diffrn_id                                 1 
_reflns.pdbx_ordinal                                   1 
_reflns.pdbx_CC_half                                   0.986 
_reflns.pdbx_CC_star                                   0.996 
_reflns.pdbx_R_split                                   ? 
_reflns.pdbx_Rmerge_I_obs                              0.113 
_reflns.pdbx_Rmerge_I_all                              ? 
_reflns.pdbx_Rsym_value                                ? 
_reflns.pdbx_CC_split_method                           ? 
_reflns.pdbx_aniso_diffraction_limit_axis_1_ortho[1]   ? 
_reflns.pdbx_aniso_diffraction_limit_axis_1_ortho[2]   ? 
_reflns.pdbx_aniso_diffraction_limit_axis_1_ortho[3]   ? 
_reflns.pdbx_aniso_diffraction_limit_axis_2_ortho[1]   ? 
_reflns.pdbx_aniso_diffraction_limit_axis_2_ortho[2]   ? 
_reflns.pdbx_aniso_diffraction_limit_axis_2_ortho[3]   ? 
_reflns.pdbx_aniso_diffraction_limit_axis_3_ortho[1]   ? 
_reflns.pdbx_aniso_diffraction_limit_axis_3_ortho[2]   ? 
_reflns.pdbx_aniso_diffraction_limit_axis_3_ortho[3]   ? 
_reflns.pdbx_aniso_diffraction_limit_1                 ? 
_reflns.pdbx_aniso_diffraction_limit_2                 ? 
_reflns.pdbx_aniso_diffraction_limit_3                 ? 
_reflns.pdbx_aniso_B_tensor_eigenvector_1_ortho[1]     ? 
_reflns.pdbx_aniso_B_tensor_eigenvector_1_ortho[2]     ? 
_reflns.pdbx_aniso_B_tensor_eigenvector_1_ortho[3]     ? 
_reflns.pdbx_aniso_B_tensor_eigenvector_2_ortho[1]     ? 
_reflns.pdbx_aniso_B_tensor_eigenvector_2_ortho[2]     ? 
_reflns.pdbx_aniso_B_tensor_eigenvector_2_ortho[3]     ? 
_reflns.pdbx_aniso_B_tensor_eigenvector_3_ortho[1]     ? 
_reflns.pdbx_aniso_B_tensor_eigenvector_3_ortho[2]     ? 
_reflns.pdbx_aniso_B_tensor_eigenvector_3_ortho[3]     ? 
_reflns.pdbx_aniso_B_tensor_eigenvalue_1               ? 
_reflns.pdbx_aniso_B_tensor_eigenvalue_2               ? 
_reflns.pdbx_aniso_B_tensor_eigenvalue_3               ? 
_reflns.pdbx_orthogonalization_convention              ? 
_reflns.pdbx_percent_possible_ellipsoidal              ? 
_reflns.pdbx_percent_possible_spherical                ? 
_reflns.pdbx_percent_possible_ellipsoidal_anomalous    ? 
_reflns.pdbx_percent_possible_spherical_anomalous      ? 
_reflns.pdbx_redundancy_anomalous                      ? 
_reflns.pdbx_CC_half_anomalous                         ? 
_reflns.pdbx_absDiff_over_sigma_anomalous              ? 
_reflns.pdbx_percent_possible_anomalous                ? 
_reflns.pdbx_observed_signal_threshold                 ? 
_reflns.pdbx_signal_type                               ? 
_reflns.pdbx_signal_details                            ? 
_reflns.pdbx_signal_software_id                        ? 
# 
_reflns_shell.d_res_high                                    1.54 
_reflns_shell.d_res_low                                     1.57 
_reflns_shell.meanI_over_sigI_all                           ? 
_reflns_shell.meanI_over_sigI_obs                           4.4 
_reflns_shell.number_measured_all                           ? 
_reflns_shell.number_measured_obs                           ? 
_reflns_shell.number_possible                               ? 
_reflns_shell.number_unique_all                             ? 
_reflns_shell.number_unique_obs                             747 
_reflns_shell.percent_possible_obs                          ? 
_reflns_shell.Rmerge_F_all                                  ? 
_reflns_shell.Rmerge_F_obs                                  ? 
_reflns_shell.meanI_over_sigI_gt                            ? 
_reflns_shell.meanI_over_uI_all                             ? 
_reflns_shell.meanI_over_uI_gt                              ? 
_reflns_shell.number_measured_gt                            ? 
_reflns_shell.number_unique_gt                              ? 
_reflns_shell.percent_possible_gt                           ? 
_reflns_shell.Rmerge_F_gt                                   ? 
_reflns_shell.Rmerge_I_gt                                   ? 
_reflns_shell.pdbx_redundancy                               7.6 
_reflns_shell.pdbx_chi_squared                              0.505 
_reflns_shell.pdbx_netI_over_sigmaI_all                     ? 
_reflns_shell.pdbx_netI_over_sigmaI_obs                     ? 
_reflns_shell.pdbx_Rrim_I_all                               0.461 
_reflns_shell.pdbx_Rpim_I_all                               0.166 
_reflns_shell.pdbx_rejects                                  ? 
_reflns_shell.pdbx_ordinal                                  1 
_reflns_shell.pdbx_diffrn_id                                1 
_reflns_shell.pdbx_CC_half                                  0.978 
_reflns_shell.pdbx_CC_star                                  0.994 
_reflns_shell.pdbx_R_split                                  ? 
_reflns_shell.percent_possible_all                          100 
_reflns_shell.Rmerge_I_all                                  ? 
_reflns_shell.Rmerge_I_obs                                  0.429 
_reflns_shell.pdbx_Rsym_value                               ? 
_reflns_shell.pdbx_percent_possible_ellipsoidal             ? 
_reflns_shell.pdbx_percent_possible_spherical               ? 
_reflns_shell.pdbx_percent_possible_ellipsoidal_anomalous   ? 
_reflns_shell.pdbx_percent_possible_spherical_anomalous     ? 
_reflns_shell.pdbx_redundancy_anomalous                     ? 
_reflns_shell.pdbx_CC_half_anomalous                        ? 
_reflns_shell.pdbx_absDiff_over_sigma_anomalous             ? 
_reflns_shell.pdbx_percent_possible_anomalous               ? 
# 
_refine.aniso_B[1][1]                            0.002 
_refine.aniso_B[1][2]                            0.001 
_refine.aniso_B[1][3]                            -0.000 
_refine.aniso_B[2][2]                            0.002 
_refine.aniso_B[2][3]                            -0.000 
_refine.aniso_B[3][3]                            -0.007 
_refine.B_iso_max                                ? 
_refine.B_iso_mean                               14.690 
_refine.B_iso_min                                ? 
_refine.correlation_coeff_Fo_to_Fc               0.937 
_refine.correlation_coeff_Fo_to_Fc_free          0.905 
_refine.details                                  'Hydrogens have been added in their riding positions' 
_refine.diff_density_max                         ? 
_refine.diff_density_max_esd                     ? 
_refine.diff_density_min                         ? 
_refine.diff_density_min_esd                     ? 
_refine.diff_density_rms                         ? 
_refine.diff_density_rms_esd                     ? 
_refine.entry_id                                 8FER 
_refine.pdbx_refine_id                           'X-RAY DIFFRACTION' 
_refine.ls_abs_structure_details                 ? 
_refine.ls_abs_structure_Flack                   ? 
_refine.ls_abs_structure_Flack_esd               ? 
_refine.ls_abs_structure_Rogers                  ? 
_refine.ls_abs_structure_Rogers_esd              ? 
_refine.ls_d_res_high                            1.540 
_refine.ls_d_res_low                             43.065 
_refine.ls_extinction_coef                       ? 
_refine.ls_extinction_coef_esd                   ? 
_refine.ls_extinction_expression                 ? 
_refine.ls_extinction_method                     ? 
_refine.ls_goodness_of_fit_all                   ? 
_refine.ls_goodness_of_fit_all_esd               ? 
_refine.ls_goodness_of_fit_obs                   ? 
_refine.ls_goodness_of_fit_obs_esd               ? 
_refine.ls_hydrogen_treatment                    ? 
_refine.ls_matrix_type                           ? 
_refine.ls_number_constraints                    ? 
_refine.ls_number_parameters                     ? 
_refine.ls_number_reflns_all                     ? 
_refine.ls_number_reflns_obs                     14221 
_refine.ls_number_reflns_R_free                  725 
_refine.ls_number_reflns_R_work                  13496 
_refine.ls_number_restraints                     ? 
_refine.ls_percent_reflns_obs                    96.101 
_refine.ls_percent_reflns_R_free                 5.098 
_refine.ls_R_factor_all                          0.221 
_refine.ls_R_factor_obs                          ? 
_refine.ls_R_factor_R_free                       0.2587 
_refine.ls_R_factor_R_free_error                 ? 
_refine.ls_R_factor_R_free_error_details         ? 
_refine.ls_R_factor_R_work                       0.2187 
_refine.ls_R_Fsqd_factor_obs                     ? 
_refine.ls_R_I_factor_obs                        ? 
_refine.ls_redundancy_reflns_all                 ? 
_refine.ls_redundancy_reflns_obs                 ? 
_refine.ls_restrained_S_all                      ? 
_refine.ls_restrained_S_obs                      ? 
_refine.ls_shift_over_esd_max                    ? 
_refine.ls_shift_over_esd_mean                   ? 
_refine.ls_structure_factor_coef                 ? 
_refine.ls_weighting_details                     ? 
_refine.ls_weighting_scheme                      ? 
_refine.ls_wR_factor_all                         ? 
_refine.ls_wR_factor_obs                         ? 
_refine.ls_wR_factor_R_free                      ? 
_refine.ls_wR_factor_R_work                      ? 
_refine.occupancy_max                            ? 
_refine.occupancy_min                            ? 
_refine.solvent_model_details                    'MASK BULK SOLVENT' 
_refine.solvent_model_param_bsol                 ? 
_refine.solvent_model_param_ksol                 ? 
_refine.pdbx_R_complete                          ? 
_refine.ls_R_factor_gt                           ? 
_refine.ls_goodness_of_fit_gt                    ? 
_refine.ls_goodness_of_fit_ref                   ? 
_refine.ls_shift_over_su_max                     ? 
_refine.ls_shift_over_su_max_lt                  ? 
_refine.ls_shift_over_su_mean                    ? 
_refine.ls_shift_over_su_mean_lt                 ? 
_refine.pdbx_ls_sigma_I                          ? 
_refine.pdbx_ls_sigma_F                          ? 
_refine.pdbx_ls_sigma_Fsqd                       ? 
_refine.pdbx_data_cutoff_high_absF               ? 
_refine.pdbx_data_cutoff_high_rms_absF           ? 
_refine.pdbx_data_cutoff_low_absF                ? 
_refine.pdbx_isotropic_thermal_model             ? 
_refine.pdbx_ls_cross_valid_method               THROUGHOUT 
_refine.pdbx_method_to_determine_struct          'MOLECULAR REPLACEMENT' 
_refine.pdbx_starting_model                      ? 
_refine.pdbx_stereochemistry_target_values       ? 
_refine.pdbx_R_Free_selection_details            ? 
_refine.pdbx_stereochem_target_val_spec_case     ? 
_refine.pdbx_overall_ESU_R                       0.093 
_refine.pdbx_overall_ESU_R_Free                  0.097 
_refine.pdbx_solvent_vdw_probe_radii             1.200 
_refine.pdbx_solvent_ion_probe_radii             0.800 
_refine.pdbx_solvent_shrinkage_radii             0.800 
_refine.pdbx_real_space_R                        ? 
_refine.pdbx_density_correlation                 ? 
_refine.pdbx_pd_number_of_powder_patterns        ? 
_refine.pdbx_pd_number_of_points                 ? 
_refine.pdbx_pd_meas_number_of_points            ? 
_refine.pdbx_pd_proc_ls_prof_R_factor            ? 
_refine.pdbx_pd_proc_ls_prof_wR_factor           ? 
_refine.pdbx_pd_Marquardt_correlation_coeff      ? 
_refine.pdbx_pd_Fsqrd_R_factor                   ? 
_refine.pdbx_pd_ls_matrix_band_width             ? 
_refine.pdbx_overall_phase_error                 ? 
_refine.pdbx_overall_SU_R_free_Cruickshank_DPI   ? 
_refine.pdbx_overall_SU_R_free_Blow_DPI          ? 
_refine.pdbx_overall_SU_R_Blow_DPI               ? 
_refine.pdbx_TLS_residual_ADP_flag               ? 
_refine.pdbx_diffrn_id                           1 
_refine.overall_SU_B                             1.576 
_refine.overall_SU_ML                            0.056 
_refine.overall_SU_R_Cruickshank_DPI             ? 
_refine.overall_SU_R_free                        ? 
_refine.overall_FOM_free_R_set                   ? 
_refine.overall_FOM_work_R_set                   ? 
_refine.pdbx_average_fsc_overall                 ? 
_refine.pdbx_average_fsc_work                    ? 
_refine.pdbx_average_fsc_free                    ? 
# 
_refine_hist.pdbx_refine_id                   'X-RAY DIFFRACTION' 
_refine_hist.cycle_id                         LAST 
_refine_hist.pdbx_number_atoms_protein        0 
_refine_hist.pdbx_number_atoms_nucleic_acid   668 
_refine_hist.pdbx_number_atoms_ligand         0 
_refine_hist.number_atoms_solvent             85 
_refine_hist.number_atoms_total               753 
_refine_hist.d_res_high                       1.540 
_refine_hist.d_res_low                        43.065 
# 
loop_
_refine_ls_restr.pdbx_refine_id 
_refine_ls_restr.criterion 
_refine_ls_restr.dev_ideal 
_refine_ls_restr.dev_ideal_target 
_refine_ls_restr.number 
_refine_ls_restr.rejects 
_refine_ls_restr.type 
_refine_ls_restr.weight 
_refine_ls_restr.pdbx_restraint_function 
'X-RAY DIFFRACTION' ? 0.017 0.013  744  ? r_bond_refined_d               ? ? 
'X-RAY DIFFRACTION' ? 0.031 0.020  320  ? r_bond_other_d                 ? ? 
'X-RAY DIFFRACTION' ? 2.757 1.914  1130 ? r_angle_refined_deg            ? ? 
'X-RAY DIFFRACTION' ? 3.873 1.920  776  ? r_angle_other_deg              ? ? 
'X-RAY DIFFRACTION' ? 0.183 0.200  152  ? r_chiral_restr                 ? ? 
'X-RAY DIFFRACTION' ? 2.028 0.200  8    ? r_chiral_restr_other           ? ? 
'X-RAY DIFFRACTION' ? 0.023 0.020  362  ? r_gen_planes_refined           ? ? 
'X-RAY DIFFRACTION' ? 0.001 0.020  116  ? r_gen_planes_other             ? ? 
'X-RAY DIFFRACTION' ? 0.151 0.200  74   ? r_nbd_refined                  ? ? 
'X-RAY DIFFRACTION' ? 0.249 0.200  373  ? r_symmetry_nbd_other           ? ? 
'X-RAY DIFFRACTION' ? 0.249 0.200  279  ? r_nbtor_refined                ? ? 
'X-RAY DIFFRACTION' ? 0.129 0.200  193  ? r_symmetry_nbtor_other         ? ? 
'X-RAY DIFFRACTION' ? 0.139 0.200  38   ? r_xyhbond_nbd_refined          ? ? 
'X-RAY DIFFRACTION' ? 0.095 0.200  6    ? r_symmetry_nbd_refined         ? ? 
'X-RAY DIFFRACTION' ? 0.185 0.200  41   ? r_nbd_other                    ? ? 
'X-RAY DIFFRACTION' ? 0.123 0.200  18   ? r_symmetry_xyhbond_nbd_refined ? ? 
'X-RAY DIFFRACTION' ? 1.593 1.467  743  ? r_scbond_it                    ? ? 
'X-RAY DIFFRACTION' ? 1.592 1.467  744  ? r_scbond_other                 ? ? 
'X-RAY DIFFRACTION' ? 2.216 2.218  1129 ? r_scangle_it                   ? ? 
'X-RAY DIFFRACTION' ? 2.215 2.218  1130 ? r_scangle_other                ? ? 
'X-RAY DIFFRACTION' ? 3.249 13.897 945  ? r_lrange_it                    ? ? 
'X-RAY DIFFRACTION' ? 3.248 13.832 943  ? r_lrange_other                 ? ? 
# 
loop_
_refine_ls_shell.pdbx_refine_id 
_refine_ls_shell.d_res_high 
_refine_ls_shell.d_res_low 
_refine_ls_shell.number_reflns_all 
_refine_ls_shell.number_reflns_obs 
_refine_ls_shell.number_reflns_R_free 
_refine_ls_shell.number_reflns_R_work 
_refine_ls_shell.percent_reflns_obs 
_refine_ls_shell.percent_reflns_R_free 
_refine_ls_shell.R_factor_all 
_refine_ls_shell.R_factor_obs 
_refine_ls_shell.R_factor_R_free_error 
_refine_ls_shell.R_factor_R_work 
_refine_ls_shell.redundancy_reflns_all 
_refine_ls_shell.redundancy_reflns_obs 
_refine_ls_shell.wR_factor_all 
_refine_ls_shell.wR_factor_obs 
_refine_ls_shell.wR_factor_R_free 
_refine_ls_shell.wR_factor_R_work 
_refine_ls_shell.pdbx_R_complete 
_refine_ls_shell.pdbx_total_number_of_bins_used 
_refine_ls_shell.pdbx_phase_error 
_refine_ls_shell.pdbx_fsc_work 
_refine_ls_shell.pdbx_fsc_free 
_refine_ls_shell.R_factor_R_free 
'X-RAY DIFFRACTION' 1.540 1.580  . . 42 729 71.2569 . . . . 0.244 . . . . . . . . . . . 0.344 
'X-RAY DIFFRACTION' 1.580 1.623  . . 43 912 91.1260 . . . . 0.247 . . . . . . . . . . . 0.339 
'X-RAY DIFFRACTION' 1.623 1.670  . . 47 924 97.1000 . . . . 0.229 . . . . . . . . . . . 0.298 
'X-RAY DIFFRACTION' 1.670 1.721  . . 52 919 97.9818 . . . . 0.214 . . . . . . . . . . . 0.232 
'X-RAY DIFFRACTION' 1.721 1.778  . . 62 875 99.1534 . . . . 0.204 . . . . . . . . . . . 0.202 
'X-RAY DIFFRACTION' 1.778 1.840  . . 46 894 99.3658 . . . . 0.210 . . . . . . . . . . . 0.244 
'X-RAY DIFFRACTION' 1.840 1.910  . . 47 856 99.8894 . . . . 0.225 . . . . . . . . . . . 0.212 
'X-RAY DIFFRACTION' 1.910 1.988  . . 45 820 99.6544 . . . . 0.237 . . . . . . . . . . . 0.281 
'X-RAY DIFFRACTION' 1.988 2.076  . . 45 770 99.2692 . . . . 0.214 . . . . . . . . . . . 0.243 
'X-RAY DIFFRACTION' 2.076 2.177  . . 33 774 99.8762 . . . . 0.210 . . . . . . . . . . . 0.201 
'X-RAY DIFFRACTION' 2.177 2.295  . . 40 717 99.8681 . . . . 0.216 . . . . . . . . . . . 0.223 
'X-RAY DIFFRACTION' 2.295 2.434  . . 35 685 99.4475 . . . . 0.215 . . . . . . . . . . . 0.276 
'X-RAY DIFFRACTION' 2.434 2.602  . . 34 636 99.8510 . . . . 0.226 . . . . . . . . . . . 0.307 
'X-RAY DIFFRACTION' 2.602 2.810  . . 26 611 99.3760 . . . . 0.237 . . . . . . . . . . . 0.206 
'X-RAY DIFFRACTION' 2.810 3.078  . . 27 547 97.6190 . . . . 0.245 . . . . . . . . . . . 0.224 
'X-RAY DIFFRACTION' 3.078 3.441  . . 29 494 94.5751 . . . . 0.239 . . . . . . . . . . . 0.284 
'X-RAY DIFFRACTION' 3.441 3.972  . . 24 434 95.4167 . . . . 0.204 . . . . . . . . . . . 0.346 
'X-RAY DIFFRACTION' 3.972 4.862  . . 25 389 98.1043 . . . . 0.165 . . . . . . . . . . . 0.188 
'X-RAY DIFFRACTION' 4.862 6.865  . . 13 314 98.1982 . . . . 0.181 . . . . . . . . . . . 0.527 
'X-RAY DIFFRACTION' 6.865 43.065 . . 10 196 95.8140 . . . . 0.261 . . . . . . . . . . . 0.270 
# 
_struct.entry_id                     8FER 
_struct.title                        '16mer self-complementary duplex RNA with two continuous s(2)U:s(2)U pairs' 
_struct.pdbx_model_details           ? 
_struct.pdbx_formula_weight          ? 
_struct.pdbx_formula_weight_method   ? 
_struct.pdbx_model_type_details      ? 
_struct.pdbx_CASP_flag               N 
# 
_struct_keywords.entry_id        8FER 
_struct_keywords.text            'RNA, Duplexes, UU pairs, 2-thio-U' 
_struct_keywords.pdbx_keywords   RNA 
# 
loop_
_struct_asym.id 
_struct_asym.pdbx_blank_PDB_chainid_flag 
_struct_asym.pdbx_modified 
_struct_asym.entity_id 
_struct_asym.details 
A N N 1 ? 
B N N 1 ? 
C N N 2 ? 
D N N 2 ? 
# 
_struct_ref.id                         1 
_struct_ref.db_name                    PDB 
_struct_ref.db_code                    8FER 
_struct_ref.pdbx_db_accession          8FER 
_struct_ref.pdbx_db_isoform            ? 
_struct_ref.entity_id                  1 
_struct_ref.pdbx_seq_one_letter_code   ? 
_struct_ref.pdbx_align_begin           1 
# 
loop_
_struct_ref_seq.align_id 
_struct_ref_seq.ref_id 
_struct_ref_seq.pdbx_PDB_id_code 
_struct_ref_seq.pdbx_strand_id 
_struct_ref_seq.seq_align_beg 
_struct_ref_seq.pdbx_seq_align_beg_ins_code 
_struct_ref_seq.seq_align_end 
_struct_ref_seq.pdbx_seq_align_end_ins_code 
_struct_ref_seq.pdbx_db_accession 
_struct_ref_seq.db_align_beg 
_struct_ref_seq.pdbx_db_align_beg_ins_code 
_struct_ref_seq.db_align_end 
_struct_ref_seq.pdbx_db_align_end_ins_code 
_struct_ref_seq.pdbx_auth_seq_align_beg 
_struct_ref_seq.pdbx_auth_seq_align_end 
1 1 8FER AAA 1 ? 16 ? 8FER 1 ? 16 ? 1 16 
2 1 8FER BBB 1 ? 16 ? 8FER 1 ? 16 ? 1 16 
# 
_pdbx_struct_assembly.id                   1 
_pdbx_struct_assembly.details              author_defined_assembly 
_pdbx_struct_assembly.method_details       ? 
_pdbx_struct_assembly.oligomeric_details   dimeric 
_pdbx_struct_assembly.oligomeric_count     2 
# 
_pdbx_struct_assembly_gen.assembly_id       1 
_pdbx_struct_assembly_gen.oper_expression   1 
_pdbx_struct_assembly_gen.asym_id_list      A,B,C,D 
# 
_pdbx_struct_assembly_auth_evidence.id                     1 
_pdbx_struct_assembly_auth_evidence.assembly_id            1 
_pdbx_struct_assembly_auth_evidence.experimental_support   none 
_pdbx_struct_assembly_auth_evidence.details                ? 
# 
_pdbx_struct_oper_list.id                   1 
_pdbx_struct_oper_list.type                 'identity operation' 
_pdbx_struct_oper_list.name                 1_555 
_pdbx_struct_oper_list.symmetry_operation   x,y,z 
_pdbx_struct_oper_list.matrix[1][1]         1.0000000000 
_pdbx_struct_oper_list.matrix[1][2]         0.0000000000 
_pdbx_struct_oper_list.matrix[1][3]         0.0000000000 
_pdbx_struct_oper_list.vector[1]            0.0000000000 
_pdbx_struct_oper_list.matrix[2][1]         0.0000000000 
_pdbx_struct_oper_list.matrix[2][2]         1.0000000000 
_pdbx_struct_oper_list.matrix[2][3]         0.0000000000 
_pdbx_struct_oper_list.vector[2]            0.0000000000 
_pdbx_struct_oper_list.matrix[3][1]         0.0000000000 
_pdbx_struct_oper_list.matrix[3][2]         0.0000000000 
_pdbx_struct_oper_list.matrix[3][3]         1.0000000000 
_pdbx_struct_oper_list.vector[3]            0.0000000000 
# 
loop_
_struct_conn.id 
_struct_conn.conn_type_id 
_struct_conn.pdbx_leaving_atom_flag 
_struct_conn.pdbx_PDB_id 
_struct_conn.ptnr1_label_asym_id 
_struct_conn.ptnr1_label_comp_id 
_struct_conn.ptnr1_label_seq_id 
_struct_conn.ptnr1_label_atom_id 
_struct_conn.pdbx_ptnr1_label_alt_id 
_struct_conn.pdbx_ptnr1_PDB_ins_code 
_struct_conn.pdbx_ptnr1_standard_comp_id 
_struct_conn.ptnr1_symmetry 
_struct_conn.ptnr2_label_asym_id 
_struct_conn.ptnr2_label_comp_id 
_struct_conn.ptnr2_label_seq_id 
_struct_conn.ptnr2_label_atom_id 
_struct_conn.pdbx_ptnr2_label_alt_id 
_struct_conn.pdbx_ptnr2_PDB_ins_code 
_struct_conn.ptnr1_auth_asym_id 
_struct_conn.ptnr1_auth_comp_id 
_struct_conn.ptnr1_auth_seq_id 
_struct_conn.ptnr2_auth_asym_id 
_struct_conn.ptnr2_auth_comp_id 
_struct_conn.ptnr2_auth_seq_id 
_struct_conn.ptnr2_symmetry 
_struct_conn.pdbx_ptnr3_label_atom_id 
_struct_conn.pdbx_ptnr3_label_seq_id 
_struct_conn.pdbx_ptnr3_label_comp_id 
_struct_conn.pdbx_ptnr3_label_asym_id 
_struct_conn.pdbx_ptnr3_label_alt_id 
_struct_conn.pdbx_ptnr3_PDB_ins_code 
_struct_conn.details 
_struct_conn.pdbx_dist_value 
_struct_conn.pdbx_value_order 
_struct_conn.pdbx_role 
covale1  covale both ? A G   7  "O3'" ? ? ? 1_555 A SUR 8  P  ? ? AAA G   7  AAA SUR 8  1_555 ? ? ? ? ? ? ?                 1.644 
? ? 
covale2  covale both ? A SUR 8  "O3'" ? ? ? 1_555 A SUR 9  P  ? ? AAA SUR 8  AAA SUR 9  1_555 ? ? ? ? ? ? ?                 1.515 
? ? 
covale3  covale both ? A SUR 9  "O3'" ? ? ? 1_555 A C   10 P  ? ? AAA SUR 9  AAA C   10 1_555 ? ? ? ? ? ? ?                 1.538 
? ? 
covale4  covale both ? B G   7  "O3'" ? ? ? 1_555 B SUR 8  P  ? ? BBB G   7  BBB SUR 8  1_555 ? ? ? ? ? ? ?                 1.566 
? ? 
covale5  covale both ? B SUR 8  "O3'" ? ? ? 1_555 B SUR 9  P  ? ? BBB SUR 8  BBB SUR 9  1_555 ? ? ? ? ? ? ?                 1.514 
? ? 
covale6  covale both ? B SUR 9  "O3'" ? ? ? 1_555 B C   10 P  ? ? BBB SUR 9  BBB C   10 1_555 ? ? ? ? ? ? ?                 1.620 
? ? 
hydrog1  hydrog ?    ? A A   1  N1    ? ? ? 1_555 B U   16 N3 ? ? AAA A   1  BBB U   16 1_555 ? ? ? ? ? ? WATSON-CRICK      ?     
? ? 
hydrog2  hydrog ?    ? A A   1  N6    ? ? ? 1_555 B U   16 O4 ? ? AAA A   1  BBB U   16 1_555 ? ? ? ? ? ? WATSON-CRICK      ?     
? ? 
hydrog3  hydrog ?    ? A G   2  N1    ? ? ? 1_555 B C   15 N3 ? ? AAA G   2  BBB C   15 1_555 ? ? ? ? ? ? WATSON-CRICK      ?     
? ? 
hydrog4  hydrog ?    ? A G   2  N2    ? ? ? 1_555 B C   15 O2 ? ? AAA G   2  BBB C   15 1_555 ? ? ? ? ? ? WATSON-CRICK      ?     
? ? 
hydrog5  hydrog ?    ? A G   2  O6    ? ? ? 1_555 B C   15 N4 ? ? AAA G   2  BBB C   15 1_555 ? ? ? ? ? ? WATSON-CRICK      ?     
? ? 
hydrog6  hydrog ?    ? A A   3  N1    ? ? ? 1_555 B U   14 N3 ? ? AAA A   3  BBB U   14 1_555 ? ? ? ? ? ? WATSON-CRICK      ?     
? ? 
hydrog7  hydrog ?    ? A A   3  N6    ? ? ? 1_555 B U   14 O4 ? ? AAA A   3  BBB U   14 1_555 ? ? ? ? ? ? WATSON-CRICK      ?     
? ? 
hydrog8  hydrog ?    ? A G   4  N1    ? ? ? 1_555 B C   13 N3 ? ? AAA G   4  BBB C   13 1_555 ? ? ? ? ? ? WATSON-CRICK      ?     
? ? 
hydrog9  hydrog ?    ? A G   4  N2    ? ? ? 1_555 B C   13 O2 ? ? AAA G   4  BBB C   13 1_555 ? ? ? ? ? ? WATSON-CRICK      ?     
? ? 
hydrog10 hydrog ?    ? A G   4  O6    ? ? ? 1_555 B C   13 N4 ? ? AAA G   4  BBB C   13 1_555 ? ? ? ? ? ? WATSON-CRICK      ?     
? ? 
hydrog11 hydrog ?    ? A A   5  N1    ? ? ? 1_555 B U   12 N3 ? ? AAA A   5  BBB U   12 1_555 ? ? ? ? ? ? WATSON-CRICK      ?     
? ? 
hydrog12 hydrog ?    ? A A   5  N6    ? ? ? 1_555 B U   12 O4 ? ? AAA A   5  BBB U   12 1_555 ? ? ? ? ? ? WATSON-CRICK      ?     
? ? 
hydrog13 hydrog ?    ? A A   6  N1    ? ? ? 1_555 B U   11 N3 ? ? AAA A   6  BBB U   11 1_555 ? ? ? ? ? ? WATSON-CRICK      ?     
? ? 
hydrog14 hydrog ?    ? A A   6  N6    ? ? ? 1_555 B U   11 O4 ? ? AAA A   6  BBB U   11 1_555 ? ? ? ? ? ? WATSON-CRICK      ?     
? ? 
hydrog15 hydrog ?    ? A G   7  N1    ? ? ? 1_555 B C   10 N3 ? ? AAA G   7  BBB C   10 1_555 ? ? ? ? ? ? WATSON-CRICK      ?     
? ? 
hydrog16 hydrog ?    ? A G   7  N2    ? ? ? 1_555 B C   10 O2 ? ? AAA G   7  BBB C   10 1_555 ? ? ? ? ? ? WATSON-CRICK      ?     
? ? 
hydrog17 hydrog ?    ? A G   7  O6    ? ? ? 1_555 B C   10 N4 ? ? AAA G   7  BBB C   10 1_555 ? ? ? ? ? ? WATSON-CRICK      ?     
? ? 
hydrog18 hydrog ?    ? A SUR 8  O4    ? ? ? 1_555 B SUR 9  N3 ? ? AAA SUR 8  BBB SUR 9  1_555 ? ? ? ? ? ? 'SUR-SUR MISPAIR' ?     
? ? 
hydrog19 hydrog ?    ? A SUR 9  O4    ? ? ? 1_555 B SUR 8  N3 ? ? AAA SUR 9  BBB SUR 8  1_555 ? ? ? ? ? ? 'SUR-SUR MISPAIR' ?     
? ? 
hydrog20 hydrog ?    ? A C   10 N3    ? ? ? 1_555 B G   7  N1 ? ? AAA C   10 BBB G   7  1_555 ? ? ? ? ? ? WATSON-CRICK      ?     
? ? 
hydrog21 hydrog ?    ? A C   10 N4    ? ? ? 1_555 B G   7  O6 ? ? AAA C   10 BBB G   7  1_555 ? ? ? ? ? ? WATSON-CRICK      ?     
? ? 
hydrog22 hydrog ?    ? A C   10 O2    ? ? ? 1_555 B G   7  N2 ? ? AAA C   10 BBB G   7  1_555 ? ? ? ? ? ? WATSON-CRICK      ?     
? ? 
hydrog23 hydrog ?    ? A U   11 N3    ? ? ? 1_555 B A   6  N1 ? ? AAA U   11 BBB A   6  1_555 ? ? ? ? ? ? WATSON-CRICK      ?     
? ? 
hydrog24 hydrog ?    ? A U   11 O4    ? ? ? 1_555 B A   6  N6 ? ? AAA U   11 BBB A   6  1_555 ? ? ? ? ? ? WATSON-CRICK      ?     
? ? 
hydrog25 hydrog ?    ? A U   12 N3    ? ? ? 1_555 B A   5  N1 ? ? AAA U   12 BBB A   5  1_555 ? ? ? ? ? ? WATSON-CRICK      ?     
? ? 
hydrog26 hydrog ?    ? A U   12 O4    ? ? ? 1_555 B A   5  N6 ? ? AAA U   12 BBB A   5  1_555 ? ? ? ? ? ? WATSON-CRICK      ?     
? ? 
hydrog27 hydrog ?    ? A C   13 N3    ? ? ? 1_555 B G   4  N1 ? ? AAA C   13 BBB G   4  1_555 ? ? ? ? ? ? WATSON-CRICK      ?     
? ? 
hydrog28 hydrog ?    ? A C   13 N4    ? ? ? 1_555 B G   4  O6 ? ? AAA C   13 BBB G   4  1_555 ? ? ? ? ? ? WATSON-CRICK      ?     
? ? 
hydrog29 hydrog ?    ? A C   13 O2    ? ? ? 1_555 B G   4  N2 ? ? AAA C   13 BBB G   4  1_555 ? ? ? ? ? ? WATSON-CRICK      ?     
? ? 
hydrog30 hydrog ?    ? A U   14 N3    ? ? ? 1_555 B A   3  N1 ? ? AAA U   14 BBB A   3  1_555 ? ? ? ? ? ? WATSON-CRICK      ?     
? ? 
hydrog31 hydrog ?    ? A U   14 O4    ? ? ? 1_555 B A   3  N6 ? ? AAA U   14 BBB A   3  1_555 ? ? ? ? ? ? WATSON-CRICK      ?     
? ? 
hydrog32 hydrog ?    ? A C   15 N3    ? ? ? 1_555 B G   2  N1 ? ? AAA C   15 BBB G   2  1_555 ? ? ? ? ? ? WATSON-CRICK      ?     
? ? 
hydrog33 hydrog ?    ? A C   15 N4    ? ? ? 1_555 B G   2  O6 ? ? AAA C   15 BBB G   2  1_555 ? ? ? ? ? ? WATSON-CRICK      ?     
? ? 
hydrog34 hydrog ?    ? A C   15 O2    ? ? ? 1_555 B G   2  N2 ? ? AAA C   15 BBB G   2  1_555 ? ? ? ? ? ? WATSON-CRICK      ?     
? ? 
hydrog35 hydrog ?    ? A U   16 N3    ? ? ? 1_555 B A   1  N1 ? ? AAA U   16 BBB A   1  1_555 ? ? ? ? ? ? WATSON-CRICK      ?     
? ? 
hydrog36 hydrog ?    ? A U   16 O4    ? ? ? 1_555 B A   1  N6 ? ? AAA U   16 BBB A   1  1_555 ? ? ? ? ? ? WATSON-CRICK      ?     
? ? 
# 
loop_
_struct_conn_type.id 
_struct_conn_type.criteria 
_struct_conn_type.reference 
covale ? ? 
hydrog ? ? 
# 
loop_
_pdbx_validate_rmsd_bond.id 
_pdbx_validate_rmsd_bond.PDB_model_num 
_pdbx_validate_rmsd_bond.auth_atom_id_1 
_pdbx_validate_rmsd_bond.auth_asym_id_1 
_pdbx_validate_rmsd_bond.auth_comp_id_1 
_pdbx_validate_rmsd_bond.auth_seq_id_1 
_pdbx_validate_rmsd_bond.PDB_ins_code_1 
_pdbx_validate_rmsd_bond.label_alt_id_1 
_pdbx_validate_rmsd_bond.auth_atom_id_2 
_pdbx_validate_rmsd_bond.auth_asym_id_2 
_pdbx_validate_rmsd_bond.auth_comp_id_2 
_pdbx_validate_rmsd_bond.auth_seq_id_2 
_pdbx_validate_rmsd_bond.PDB_ins_code_2 
_pdbx_validate_rmsd_bond.label_alt_id_2 
_pdbx_validate_rmsd_bond.bond_value 
_pdbx_validate_rmsd_bond.bond_target_value 
_pdbx_validate_rmsd_bond.bond_deviation 
_pdbx_validate_rmsd_bond.bond_standard_deviation 
_pdbx_validate_rmsd_bond.linker_flag 
1 1 P     AAA G   7 ? ? "O5'" AAA G   7 ? ? 1.654 1.593 0.061  0.010 N 
2 1 "O3'" AAA SUR 8 ? ? P     AAA SUR 9 ? ? 1.515 1.607 -0.092 0.012 Y 
3 1 P     BBB G   7 ? ? "O5'" BBB G   7 ? ? 1.664 1.593 0.071  0.010 N 
4 1 "O3'" BBB SUR 8 ? ? P     BBB SUR 9 ? ? 1.514 1.607 -0.093 0.012 Y 
# 
loop_
_pdbx_validate_rmsd_angle.id 
_pdbx_validate_rmsd_angle.PDB_model_num 
_pdbx_validate_rmsd_angle.auth_atom_id_1 
_pdbx_validate_rmsd_angle.auth_asym_id_1 
_pdbx_validate_rmsd_angle.auth_comp_id_1 
_pdbx_validate_rmsd_angle.auth_seq_id_1 
_pdbx_validate_rmsd_angle.PDB_ins_code_1 
_pdbx_validate_rmsd_angle.label_alt_id_1 
_pdbx_validate_rmsd_angle.auth_atom_id_2 
_pdbx_validate_rmsd_angle.auth_asym_id_2 
_pdbx_validate_rmsd_angle.auth_comp_id_2 
_pdbx_validate_rmsd_angle.auth_seq_id_2 
_pdbx_validate_rmsd_angle.PDB_ins_code_2 
_pdbx_validate_rmsd_angle.label_alt_id_2 
_pdbx_validate_rmsd_angle.auth_atom_id_3 
_pdbx_validate_rmsd_angle.auth_asym_id_3 
_pdbx_validate_rmsd_angle.auth_comp_id_3 
_pdbx_validate_rmsd_angle.auth_seq_id_3 
_pdbx_validate_rmsd_angle.PDB_ins_code_3 
_pdbx_validate_rmsd_angle.label_alt_id_3 
_pdbx_validate_rmsd_angle.angle_value 
_pdbx_validate_rmsd_angle.angle_target_value 
_pdbx_validate_rmsd_angle.angle_deviation 
_pdbx_validate_rmsd_angle.angle_standard_deviation 
_pdbx_validate_rmsd_angle.linker_flag 
1  1 "C3'" AAA A 1  ? ? "O3'" AAA A 1  ? ? P   AAA G 2  ? ? 111.65 119.70 -8.05 1.20 Y 
2  1 "O3'" AAA A 1  ? ? P     AAA G 2  ? ? OP2 AAA G 2  ? ? 118.16 110.50 7.66  1.10 Y 
3  1 N1    AAA G 4  ? ? C6    AAA G 4  ? ? O6  AAA G 4  ? ? 123.84 119.90 3.94  0.60 N 
4  1 "O3'" AAA A 6  ? ? P     AAA G 7  ? ? OP2 AAA G 7  ? ? 118.46 110.50 7.96  1.10 Y 
5  1 "O5'" AAA G 7  ? ? P     AAA G 7  ? ? OP2 AAA G 7  ? ? 96.90  105.70 -8.80 0.90 N 
6  1 "O5'" AAA C 10 ? ? P     AAA C 10 ? ? OP2 AAA C 10 ? ? 99.50  105.70 -6.20 0.90 N 
7  1 "O5'" BBB G 2  ? ? P     BBB G 2  ? ? OP2 BBB G 2  ? ? 100.14 105.70 -5.56 0.90 N 
8  1 "O3'" BBB G 2  ? ? P     BBB A 3  ? ? OP2 BBB A 3  ? ? 117.41 110.50 6.91  1.10 Y 
9  1 "O5'" BBB A 3  ? ? P     BBB A 3  ? ? OP2 BBB A 3  ? ? 98.47  105.70 -7.23 0.90 N 
10 1 "O3'" BBB A 6  ? ? P     BBB G 7  ? ? OP2 BBB G 7  ? ? 117.72 110.50 7.22  1.10 Y 
11 1 "O3'" BBB C 13 ? ? P     BBB U 14 ? ? OP2 BBB U 14 ? ? 118.49 110.50 7.99  1.10 Y 
12 1 "O5'" BBB U 14 ? ? P     BBB U 14 ? ? OP2 BBB U 14 ? ? 98.94  105.70 -6.76 0.90 N 
13 1 "O3'" BBB U 14 ? ? P     BBB C 15 ? ? OP2 BBB C 15 ? ? 117.54 110.50 7.04  1.10 Y 
14 1 "O5'" BBB C 15 ? ? P     BBB C 15 ? ? OP2 BBB C 15 ? ? 97.18  105.70 -8.52 0.90 N 
# 
loop_
_pdbx_struct_special_symmetry.id 
_pdbx_struct_special_symmetry.PDB_model_num 
_pdbx_struct_special_symmetry.auth_asym_id 
_pdbx_struct_special_symmetry.auth_comp_id 
_pdbx_struct_special_symmetry.auth_seq_id 
_pdbx_struct_special_symmetry.PDB_ins_code 
_pdbx_struct_special_symmetry.label_asym_id 
_pdbx_struct_special_symmetry.label_comp_id 
_pdbx_struct_special_symmetry.label_seq_id 
1  1 AAA HOH 106 ? C HOH . 
2  1 AAA HOH 108 ? C HOH . 
3  1 AAA HOH 112 ? C HOH . 
4  1 AAA HOH 132 ? C HOH . 
5  1 AAA HOH 136 ? C HOH . 
6  1 AAA HOH 138 ? C HOH . 
7  1 AAA HOH 143 ? C HOH . 
8  1 AAA HOH 146 ? C HOH . 
9  1 BBB HOH 109 ? D HOH . 
10 1 BBB HOH 110 ? D HOH . 
11 1 BBB HOH 121 ? D HOH . 
12 1 BBB HOH 124 ? D HOH . 
13 1 BBB HOH 129 ? D HOH . 
14 1 BBB HOH 135 ? D HOH . 
15 1 BBB HOH 137 ? D HOH . 
16 1 BBB HOH 139 ? D HOH . 
# 
_pdbx_entry_details.entry_id                 8FER 
_pdbx_entry_details.has_ligand_of_interest   Y 
_pdbx_entry_details.compound_details         ? 
_pdbx_entry_details.source_details           ? 
_pdbx_entry_details.nonpolymer_details       ? 
_pdbx_entry_details.sequence_details         ? 
# 
_pdbx_distant_solvent_atoms.id                                1 
_pdbx_distant_solvent_atoms.PDB_model_num                     1 
_pdbx_distant_solvent_atoms.auth_atom_id                      O 
_pdbx_distant_solvent_atoms.label_alt_id                      ? 
_pdbx_distant_solvent_atoms.auth_asym_id                      AAA 
_pdbx_distant_solvent_atoms.auth_comp_id                      HOH 
_pdbx_distant_solvent_atoms.auth_seq_id                       146 
_pdbx_distant_solvent_atoms.PDB_ins_code                      ? 
_pdbx_distant_solvent_atoms.neighbor_macromolecule_distance   6.39 
_pdbx_distant_solvent_atoms.neighbor_ligand_distance          . 
# 
loop_
_chem_comp_atom.comp_id 
_chem_comp_atom.atom_id 
_chem_comp_atom.type_symbol 
_chem_comp_atom.pdbx_aromatic_flag 
_chem_comp_atom.pdbx_stereo_config 
_chem_comp_atom.pdbx_ordinal 
A   OP3    O N N 1   
A   P      P N N 2   
A   OP1    O N N 3   
A   OP2    O N N 4   
A   "O5'"  O N N 5   
A   "C5'"  C N N 6   
A   "C4'"  C N R 7   
A   "O4'"  O N N 8   
A   "C3'"  C N S 9   
A   "O3'"  O N N 10  
A   "C2'"  C N R 11  
A   "O2'"  O N N 12  
A   "C1'"  C N R 13  
A   N9     N Y N 14  
A   C8     C Y N 15  
A   N7     N Y N 16  
A   C5     C Y N 17  
A   C6     C Y N 18  
A   N6     N N N 19  
A   N1     N Y N 20  
A   C2     C Y N 21  
A   N3     N Y N 22  
A   C4     C Y N 23  
A   HOP3   H N N 24  
A   HOP2   H N N 25  
A   "H5'"  H N N 26  
A   "H5''" H N N 27  
A   "H4'"  H N N 28  
A   "H3'"  H N N 29  
A   "HO3'" H N N 30  
A   "H2'"  H N N 31  
A   "HO2'" H N N 32  
A   "H1'"  H N N 33  
A   H8     H N N 34  
A   H61    H N N 35  
A   H62    H N N 36  
A   H2     H N N 37  
C   OP3    O N N 38  
C   P      P N N 39  
C   OP1    O N N 40  
C   OP2    O N N 41  
C   "O5'"  O N N 42  
C   "C5'"  C N N 43  
C   "C4'"  C N R 44  
C   "O4'"  O N N 45  
C   "C3'"  C N S 46  
C   "O3'"  O N N 47  
C   "C2'"  C N R 48  
C   "O2'"  O N N 49  
C   "C1'"  C N R 50  
C   N1     N N N 51  
C   C2     C N N 52  
C   O2     O N N 53  
C   N3     N N N 54  
C   C4     C N N 55  
C   N4     N N N 56  
C   C5     C N N 57  
C   C6     C N N 58  
C   HOP3   H N N 59  
C   HOP2   H N N 60  
C   "H5'"  H N N 61  
C   "H5''" H N N 62  
C   "H4'"  H N N 63  
C   "H3'"  H N N 64  
C   "HO3'" H N N 65  
C   "H2'"  H N N 66  
C   "HO2'" H N N 67  
C   "H1'"  H N N 68  
C   H41    H N N 69  
C   H42    H N N 70  
C   H5     H N N 71  
C   H6     H N N 72  
G   OP3    O N N 73  
G   P      P N N 74  
G   OP1    O N N 75  
G   OP2    O N N 76  
G   "O5'"  O N N 77  
G   "C5'"  C N N 78  
G   "C4'"  C N R 79  
G   "O4'"  O N N 80  
G   "C3'"  C N S 81  
G   "O3'"  O N N 82  
G   "C2'"  C N R 83  
G   "O2'"  O N N 84  
G   "C1'"  C N R 85  
G   N9     N Y N 86  
G   C8     C Y N 87  
G   N7     N Y N 88  
G   C5     C Y N 89  
G   C6     C N N 90  
G   O6     O N N 91  
G   N1     N N N 92  
G   C2     C N N 93  
G   N2     N N N 94  
G   N3     N N N 95  
G   C4     C Y N 96  
G   HOP3   H N N 97  
G   HOP2   H N N 98  
G   "H5'"  H N N 99  
G   "H5''" H N N 100 
G   "H4'"  H N N 101 
G   "H3'"  H N N 102 
G   "HO3'" H N N 103 
G   "H2'"  H N N 104 
G   "HO2'" H N N 105 
G   "H1'"  H N N 106 
G   H8     H N N 107 
G   H1     H N N 108 
G   H21    H N N 109 
G   H22    H N N 110 
HOH O      O N N 111 
HOH H1     H N N 112 
HOH H2     H N N 113 
SUR P      P N N 114 
SUR OP1    O N N 115 
SUR OP2    O N N 116 
SUR OP3    O N N 117 
SUR "O5'"  O N N 118 
SUR "C5'"  C N N 119 
SUR "C4'"  C N R 120 
SUR "O4'"  O N N 121 
SUR "C3'"  C N S 122 
SUR "C1'"  C N R 123 
SUR N1     N N N 124 
SUR "C2'"  C N R 125 
SUR C6     C N N 126 
SUR C2     C N N 127 
SUR C5     C N N 128 
SUR S2     S N N 129 
SUR N3     N N N 130 
SUR C4     C N N 131 
SUR O4     O N N 132 
SUR "O2'"  O N N 133 
SUR "O3'"  O N N 134 
SUR HOP1   H N N 135 
SUR HOP3   H N N 136 
SUR "H5'1" H N N 137 
SUR "H5'2" H N N 138 
SUR "H4'"  H N N 139 
SUR "H3'"  H N N 140 
SUR "H1'"  H N N 141 
SUR "H2'"  H N N 142 
SUR HC6    H N N 143 
SUR HC5    H N N 144 
SUR HN3    H N N 145 
SUR HO2    H N N 146 
SUR HO3    H N N 147 
U   OP3    O N N 148 
U   P      P N N 149 
U   OP1    O N N 150 
U   OP2    O N N 151 
U   "O5'"  O N N 152 
U   "C5'"  C N N 153 
U   "C4'"  C N R 154 
U   "O4'"  O N N 155 
U   "C3'"  C N S 156 
U   "O3'"  O N N 157 
U   "C2'"  C N R 158 
U   "O2'"  O N N 159 
U   "C1'"  C N R 160 
U   N1     N N N 161 
U   C2     C N N 162 
U   O2     O N N 163 
U   N3     N N N 164 
U   C4     C N N 165 
U   O4     O N N 166 
U   C5     C N N 167 
U   C6     C N N 168 
U   HOP3   H N N 169 
U   HOP2   H N N 170 
U   "H5'"  H N N 171 
U   "H5''" H N N 172 
U   "H4'"  H N N 173 
U   "H3'"  H N N 174 
U   "HO3'" H N N 175 
U   "H2'"  H N N 176 
U   "HO2'" H N N 177 
U   "H1'"  H N N 178 
U   H3     H N N 179 
U   H5     H N N 180 
U   H6     H N N 181 
# 
loop_
_chem_comp_bond.comp_id 
_chem_comp_bond.atom_id_1 
_chem_comp_bond.atom_id_2 
_chem_comp_bond.value_order 
_chem_comp_bond.pdbx_aromatic_flag 
_chem_comp_bond.pdbx_stereo_config 
_chem_comp_bond.pdbx_ordinal 
A   OP3   P      sing N N 1   
A   OP3   HOP3   sing N N 2   
A   P     OP1    doub N N 3   
A   P     OP2    sing N N 4   
A   P     "O5'"  sing N N 5   
A   OP2   HOP2   sing N N 6   
A   "O5'" "C5'"  sing N N 7   
A   "C5'" "C4'"  sing N N 8   
A   "C5'" "H5'"  sing N N 9   
A   "C5'" "H5''" sing N N 10  
A   "C4'" "O4'"  sing N N 11  
A   "C4'" "C3'"  sing N N 12  
A   "C4'" "H4'"  sing N N 13  
A   "O4'" "C1'"  sing N N 14  
A   "C3'" "O3'"  sing N N 15  
A   "C3'" "C2'"  sing N N 16  
A   "C3'" "H3'"  sing N N 17  
A   "O3'" "HO3'" sing N N 18  
A   "C2'" "O2'"  sing N N 19  
A   "C2'" "C1'"  sing N N 20  
A   "C2'" "H2'"  sing N N 21  
A   "O2'" "HO2'" sing N N 22  
A   "C1'" N9     sing N N 23  
A   "C1'" "H1'"  sing N N 24  
A   N9    C8     sing Y N 25  
A   N9    C4     sing Y N 26  
A   C8    N7     doub Y N 27  
A   C8    H8     sing N N 28  
A   N7    C5     sing Y N 29  
A   C5    C6     sing Y N 30  
A   C5    C4     doub Y N 31  
A   C6    N6     sing N N 32  
A   C6    N1     doub Y N 33  
A   N6    H61    sing N N 34  
A   N6    H62    sing N N 35  
A   N1    C2     sing Y N 36  
A   C2    N3     doub Y N 37  
A   C2    H2     sing N N 38  
A   N3    C4     sing Y N 39  
C   OP3   P      sing N N 40  
C   OP3   HOP3   sing N N 41  
C   P     OP1    doub N N 42  
C   P     OP2    sing N N 43  
C   P     "O5'"  sing N N 44  
C   OP2   HOP2   sing N N 45  
C   "O5'" "C5'"  sing N N 46  
C   "C5'" "C4'"  sing N N 47  
C   "C5'" "H5'"  sing N N 48  
C   "C5'" "H5''" sing N N 49  
C   "C4'" "O4'"  sing N N 50  
C   "C4'" "C3'"  sing N N 51  
C   "C4'" "H4'"  sing N N 52  
C   "O4'" "C1'"  sing N N 53  
C   "C3'" "O3'"  sing N N 54  
C   "C3'" "C2'"  sing N N 55  
C   "C3'" "H3'"  sing N N 56  
C   "O3'" "HO3'" sing N N 57  
C   "C2'" "O2'"  sing N N 58  
C   "C2'" "C1'"  sing N N 59  
C   "C2'" "H2'"  sing N N 60  
C   "O2'" "HO2'" sing N N 61  
C   "C1'" N1     sing N N 62  
C   "C1'" "H1'"  sing N N 63  
C   N1    C2     sing N N 64  
C   N1    C6     sing N N 65  
C   C2    O2     doub N N 66  
C   C2    N3     sing N N 67  
C   N3    C4     doub N N 68  
C   C4    N4     sing N N 69  
C   C4    C5     sing N N 70  
C   N4    H41    sing N N 71  
C   N4    H42    sing N N 72  
C   C5    C6     doub N N 73  
C   C5    H5     sing N N 74  
C   C6    H6     sing N N 75  
G   OP3   P      sing N N 76  
G   OP3   HOP3   sing N N 77  
G   P     OP1    doub N N 78  
G   P     OP2    sing N N 79  
G   P     "O5'"  sing N N 80  
G   OP2   HOP2   sing N N 81  
G   "O5'" "C5'"  sing N N 82  
G   "C5'" "C4'"  sing N N 83  
G   "C5'" "H5'"  sing N N 84  
G   "C5'" "H5''" sing N N 85  
G   "C4'" "O4'"  sing N N 86  
G   "C4'" "C3'"  sing N N 87  
G   "C4'" "H4'"  sing N N 88  
G   "O4'" "C1'"  sing N N 89  
G   "C3'" "O3'"  sing N N 90  
G   "C3'" "C2'"  sing N N 91  
G   "C3'" "H3'"  sing N N 92  
G   "O3'" "HO3'" sing N N 93  
G   "C2'" "O2'"  sing N N 94  
G   "C2'" "C1'"  sing N N 95  
G   "C2'" "H2'"  sing N N 96  
G   "O2'" "HO2'" sing N N 97  
G   "C1'" N9     sing N N 98  
G   "C1'" "H1'"  sing N N 99  
G   N9    C8     sing Y N 100 
G   N9    C4     sing Y N 101 
G   C8    N7     doub Y N 102 
G   C8    H8     sing N N 103 
G   N7    C5     sing Y N 104 
G   C5    C6     sing N N 105 
G   C5    C4     doub Y N 106 
G   C6    O6     doub N N 107 
G   C6    N1     sing N N 108 
G   N1    C2     sing N N 109 
G   N1    H1     sing N N 110 
G   C2    N2     sing N N 111 
G   C2    N3     doub N N 112 
G   N2    H21    sing N N 113 
G   N2    H22    sing N N 114 
G   N3    C4     sing N N 115 
HOH O     H1     sing N N 116 
HOH O     H2     sing N N 117 
SUR P     OP1    sing N N 118 
SUR P     OP2    doub N N 119 
SUR P     OP3    sing N N 120 
SUR P     "O5'"  sing N N 121 
SUR OP1   HOP1   sing N N 122 
SUR OP3   HOP3   sing N N 123 
SUR "O5'" "C5'"  sing N N 124 
SUR "C5'" "C4'"  sing N N 125 
SUR "C5'" "H5'1" sing N N 126 
SUR "C5'" "H5'2" sing N N 127 
SUR "C4'" "O4'"  sing N N 128 
SUR "C4'" "C3'"  sing N N 129 
SUR "C4'" "H4'"  sing N N 130 
SUR "O4'" "C1'"  sing N N 131 
SUR "C3'" "C2'"  sing N N 132 
SUR "C3'" "O3'"  sing N N 133 
SUR "C3'" "H3'"  sing N N 134 
SUR "C1'" N1     sing N N 135 
SUR "C1'" "C2'"  sing N N 136 
SUR "C1'" "H1'"  sing N N 137 
SUR N1    C6     sing N N 138 
SUR N1    C2     sing N N 139 
SUR "C2'" "O2'"  sing N N 140 
SUR "C2'" "H2'"  sing N N 141 
SUR C6    C5     doub N N 142 
SUR C6    HC6    sing N N 143 
SUR C2    S2     doub N N 144 
SUR C2    N3     sing N N 145 
SUR C5    C4     sing N N 146 
SUR C5    HC5    sing N N 147 
SUR N3    C4     sing N N 148 
SUR N3    HN3    sing N N 149 
SUR C4    O4     doub N N 150 
SUR "O2'" HO2    sing N N 151 
SUR "O3'" HO3    sing N N 152 
U   OP3   P      sing N N 153 
U   OP3   HOP3   sing N N 154 
U   P     OP1    doub N N 155 
U   P     OP2    sing N N 156 
U   P     "O5'"  sing N N 157 
U   OP2   HOP2   sing N N 158 
U   "O5'" "C5'"  sing N N 159 
U   "C5'" "C4'"  sing N N 160 
U   "C5'" "H5'"  sing N N 161 
U   "C5'" "H5''" sing N N 162 
U   "C4'" "O4'"  sing N N 163 
U   "C4'" "C3'"  sing N N 164 
U   "C4'" "H4'"  sing N N 165 
U   "O4'" "C1'"  sing N N 166 
U   "C3'" "O3'"  sing N N 167 
U   "C3'" "C2'"  sing N N 168 
U   "C3'" "H3'"  sing N N 169 
U   "O3'" "HO3'" sing N N 170 
U   "C2'" "O2'"  sing N N 171 
U   "C2'" "C1'"  sing N N 172 
U   "C2'" "H2'"  sing N N 173 
U   "O2'" "HO2'" sing N N 174 
U   "C1'" N1     sing N N 175 
U   "C1'" "H1'"  sing N N 176 
U   N1    C2     sing N N 177 
U   N1    C6     sing N N 178 
U   C2    O2     doub N N 179 
U   C2    N3     sing N N 180 
U   N3    C4     sing N N 181 
U   N3    H3     sing N N 182 
U   C4    O4     doub N N 183 
U   C4    C5     sing N N 184 
U   C5    C6     doub N N 185 
U   C5    H5     sing N N 186 
U   C6    H6     sing N N 187 
# 
_ndb_struct_conf_na.entry_id   8FER 
_ndb_struct_conf_na.feature    'a-form double helix' 
# 
loop_
_ndb_struct_na_base_pair.model_number 
_ndb_struct_na_base_pair.i_label_asym_id 
_ndb_struct_na_base_pair.i_label_comp_id 
_ndb_struct_na_base_pair.i_label_seq_id 
_ndb_struct_na_base_pair.i_symmetry 
_ndb_struct_na_base_pair.j_label_asym_id 
_ndb_struct_na_base_pair.j_label_comp_id 
_ndb_struct_na_base_pair.j_label_seq_id 
_ndb_struct_na_base_pair.j_symmetry 
_ndb_struct_na_base_pair.shear 
_ndb_struct_na_base_pair.stretch 
_ndb_struct_na_base_pair.stagger 
_ndb_struct_na_base_pair.buckle 
_ndb_struct_na_base_pair.propeller 
_ndb_struct_na_base_pair.opening 
_ndb_struct_na_base_pair.pair_number 
_ndb_struct_na_base_pair.pair_name 
_ndb_struct_na_base_pair.i_auth_asym_id 
_ndb_struct_na_base_pair.i_auth_seq_id 
_ndb_struct_na_base_pair.i_PDB_ins_code 
_ndb_struct_na_base_pair.j_auth_asym_id 
_ndb_struct_na_base_pair.j_auth_seq_id 
_ndb_struct_na_base_pair.j_PDB_ins_code 
_ndb_struct_na_base_pair.hbond_type_28 
_ndb_struct_na_base_pair.hbond_type_12 
1 A A   1  1_555 B U   16 1_555 0.121  -0.121 -0.095 -1.445 -7.131  -5.514 1  AAA_A1:U16_BBB    AAA 1  ? BBB 16 ? 20 1 
1 A G   2  1_555 B C   15 1_555 -0.205 -0.183 -0.051 -0.694 -10.439 -2.592 2  AAA_G2:C15_BBB    AAA 2  ? BBB 15 ? 19 1 
1 A A   3  1_555 B U   14 1_555 0.123  -0.098 -0.108 -6.273 -8.449  0.739  3  AAA_A3:U14_BBB    AAA 3  ? BBB 14 ? 20 1 
1 A G   4  1_555 B C   13 1_555 -0.431 -0.199 -0.232 -9.385 -14.506 -1.111 4  AAA_G4:C13_BBB    AAA 4  ? BBB 13 ? 19 1 
1 A A   5  1_555 B U   12 1_555 0.061  -0.087 -0.111 -7.140 -8.235  1.685  5  AAA_A5:U12_BBB    AAA 5  ? BBB 12 ? 20 1 
1 A A   6  1_555 B U   11 1_555 0.079  -0.088 -0.044 1.458  -7.312  -2.963 6  AAA_A6:U11_BBB    AAA 6  ? BBB 11 ? 20 1 
1 A G   7  1_555 B C   10 1_555 -0.130 -0.229 0.078  0.366  -13.985 -1.431 7  AAA_G7:C10_BBB    AAA 7  ? BBB 10 ? 19 1 
1 A SUR 8  1_555 B SUR 9  1_555 -2.286 -1.659 -0.344 2.150  -13.429 -4.810 8  AAA_SUR8:SUR9_BBB AAA 8  ? BBB 9  ? ?  ? 
1 A SUR 9  1_555 B SUR 8  1_555 -2.215 -1.524 -0.003 -2.681 -5.096  -1.479 9  AAA_SUR9:SUR8_BBB AAA 9  ? BBB 8  ? ?  ? 
1 A C   10 1_555 B G   7  1_555 0.296  -0.223 -0.138 1.335  -9.297  -1.689 10 AAA_C10:G7_BBB    AAA 10 ? BBB 7  ? 19 1 
1 A U   11 1_555 B A   6  1_555 0.056  -0.082 -0.037 3.586  -9.302  4.244  11 AAA_U11:A6_BBB    AAA 11 ? BBB 6  ? 20 1 
1 A U   12 1_555 B A   5  1_555 -0.085 -0.108 -0.120 4.311  -7.732  0.255  12 AAA_U12:A5_BBB    AAA 12 ? BBB 5  ? 20 1 
1 A C   13 1_555 B G   4  1_555 0.453  -0.234 -0.150 8.716  -12.426 -1.657 13 AAA_C13:G4_BBB    AAA 13 ? BBB 4  ? 19 1 
1 A U   14 1_555 B A   3  1_555 0.051  -0.114 -0.143 6.564  -6.146  3.945  14 AAA_U14:A3_BBB    AAA 14 ? BBB 3  ? 20 1 
1 A C   15 1_555 B G   2  1_555 0.310  -0.177 -0.277 4.924  -8.149  -2.099 15 AAA_C15:G2_BBB    AAA 15 ? BBB 2  ? 19 1 
1 A U   16 1_555 B A   1  1_555 0.039  -0.088 -0.388 12.439 1.820   3.447  16 AAA_U16:A1_BBB    AAA 16 ? BBB 1  ? 20 1 
# 
loop_
_ndb_struct_na_base_pair_step.model_number 
_ndb_struct_na_base_pair_step.i_label_asym_id_1 
_ndb_struct_na_base_pair_step.i_label_comp_id_1 
_ndb_struct_na_base_pair_step.i_label_seq_id_1 
_ndb_struct_na_base_pair_step.i_symmetry_1 
_ndb_struct_na_base_pair_step.j_label_asym_id_1 
_ndb_struct_na_base_pair_step.j_label_comp_id_1 
_ndb_struct_na_base_pair_step.j_label_seq_id_1 
_ndb_struct_na_base_pair_step.j_symmetry_1 
_ndb_struct_na_base_pair_step.i_label_asym_id_2 
_ndb_struct_na_base_pair_step.i_label_comp_id_2 
_ndb_struct_na_base_pair_step.i_label_seq_id_2 
_ndb_struct_na_base_pair_step.i_symmetry_2 
_ndb_struct_na_base_pair_step.j_label_asym_id_2 
_ndb_struct_na_base_pair_step.j_label_comp_id_2 
_ndb_struct_na_base_pair_step.j_label_seq_id_2 
_ndb_struct_na_base_pair_step.j_symmetry_2 
_ndb_struct_na_base_pair_step.shift 
_ndb_struct_na_base_pair_step.slide 
_ndb_struct_na_base_pair_step.rise 
_ndb_struct_na_base_pair_step.tilt 
_ndb_struct_na_base_pair_step.roll 
_ndb_struct_na_base_pair_step.twist 
_ndb_struct_na_base_pair_step.x_displacement 
_ndb_struct_na_base_pair_step.y_displacement 
_ndb_struct_na_base_pair_step.helical_rise 
_ndb_struct_na_base_pair_step.inclination 
_ndb_struct_na_base_pair_step.tip 
_ndb_struct_na_base_pair_step.helical_twist 
_ndb_struct_na_base_pair_step.step_number 
_ndb_struct_na_base_pair_step.step_name 
_ndb_struct_na_base_pair_step.i_auth_asym_id_1 
_ndb_struct_na_base_pair_step.i_auth_seq_id_1 
_ndb_struct_na_base_pair_step.i_PDB_ins_code_1 
_ndb_struct_na_base_pair_step.j_auth_asym_id_1 
_ndb_struct_na_base_pair_step.j_auth_seq_id_1 
_ndb_struct_na_base_pair_step.j_PDB_ins_code_1 
_ndb_struct_na_base_pair_step.i_auth_asym_id_2 
_ndb_struct_na_base_pair_step.i_auth_seq_id_2 
_ndb_struct_na_base_pair_step.i_PDB_ins_code_2 
_ndb_struct_na_base_pair_step.j_auth_asym_id_2 
_ndb_struct_na_base_pair_step.j_auth_seq_id_2 
_ndb_struct_na_base_pair_step.j_PDB_ins_code_2 
1 A A   1  1_555 B U   16 1_555 A G   2  1_555 B C   15 1_555 -0.328 -1.790 3.229 -2.826 8.245  29.840 -4.800 0.113  2.670 15.597 
5.345  31.059 1  AAAAAA_A1G2:C15U16_BBBBBB       AAA 1  ? BBB 16 ? AAA 2  ? BBB 15 ? 
1 A G   2  1_555 B C   15 1_555 A A   3  1_555 B U   14 1_555 -0.098 -1.888 3.367 -0.207 10.369 34.911 -4.397 0.130  2.715 16.830 
0.335  36.373 2  AAAAAA_G2A3:U14C15_BBBBBB       AAA 2  ? BBB 15 ? AAA 3  ? BBB 14 ? 
1 A A   3  1_555 B U   14 1_555 A G   4  1_555 B C   13 1_555 0.249  -1.868 3.342 3.086  12.428 27.777 -5.793 0.084  2.326 24.317 
-6.039 30.534 3  AAAAAA_A3G4:C13U14_BBBBBB       AAA 3  ? BBB 14 ? AAA 4  ? BBB 13 ? 
1 A G   4  1_555 B C   13 1_555 A A   5  1_555 B U   12 1_555 0.456  -1.508 3.210 1.128  9.474  32.264 -4.035 -0.619 2.686 16.601 
-1.976 33.610 4  AAAAAA_G4A5:U12C13_BBBBBB       AAA 4  ? BBB 13 ? AAA 5  ? BBB 12 ? 
1 A A   5  1_555 B U   12 1_555 A A   6  1_555 B U   11 1_555 -0.308 -1.367 3.036 1.607  5.688  32.579 -3.254 0.782  2.747 10.036 
-2.835 33.096 5  AAAAAA_A5A6:U11U12_BBBBBB       AAA 5  ? BBB 12 ? AAA 6  ? BBB 11 ? 
1 A A   6  1_555 B U   11 1_555 A G   7  1_555 B C   10 1_555 0.643  -1.863 3.196 0.218  9.004  26.305 -5.799 -1.292 2.442 19.086 
-0.461 27.779 6  AAAAAA_A6G7:C10U11_BBBBBB       AAA 6  ? BBB 11 ? AAA 7  ? BBB 10 ? 
1 A G   7  1_555 B C   10 1_555 A SUR 8  1_555 B SUR 9  1_555 -0.572 -1.851 3.001 -1.477 8.095  25.653 -5.714 0.911  2.346 17.661 
3.222  26.919 7  AAAAAA_G7SUR8:SUR9C10_BBBBBB    AAA 7  ? BBB 10 ? AAA 8  ? BBB 9  ? 
1 A SUR 8  1_555 B SUR 9  1_555 A SUR 9  1_555 B SUR 8  1_555 0.412  -1.398 3.522 -8.249 16.178 37.011 -3.726 -1.471 2.575 23.809 
12.140 41.086 8  AAAAAA_SUR8SUR9:SUR8SUR9_BBBBBB AAA 8  ? BBB 9  ? AAA 9  ? BBB 8  ? 
1 A SUR 9  1_555 B SUR 8  1_555 A C   10 1_555 B G   7  1_555 0.036  -1.333 3.219 1.107  7.708  39.852 -2.736 0.064  2.922 11.178 
-1.605 40.576 9  AAAAAA_SUR9C10:G7SUR8_BBBBBB    AAA 9  ? BBB 8  ? AAA 10 ? BBB 7  ? 
1 A C   10 1_555 B G   7  1_555 A U   11 1_555 B A   6  1_555 0.926  -1.841 3.148 3.009  7.960  28.565 -5.084 -1.234 2.633 15.697 
-5.935 29.780 10 AAAAAA_C10U11:A6G7_BBBBBB       AAA 10 ? BBB 7  ? AAA 11 ? BBB 6  ? 
1 A U   11 1_555 B A   6  1_555 A U   12 1_555 B A   5  1_555 -0.623 -1.859 3.243 -1.994 6.725  29.952 -4.740 0.808  2.804 12.793 
3.793  30.744 11 AAAAAA_U11U12:A5A6_BBBBBB       AAA 11 ? BBB 6  ? AAA 12 ? BBB 5  ? 
1 A U   12 1_555 B A   5  1_555 A C   13 1_555 B G   4  1_555 -0.569 -1.499 3.173 -2.649 4.751  31.851 -3.490 0.580  2.961 8.580  
4.784  32.300 12 AAAAAA_U12C13:G4A5_BBBBBB       AAA 12 ? BBB 5  ? AAA 13 ? BBB 4  ? 
1 A C   13 1_555 B G   4  1_555 A U   14 1_555 B A   3  1_555 0.141  -1.899 3.339 -2.210 8.244  29.827 -5.053 -0.665 2.713 15.618 
4.188  30.997 13 AAAAAA_C13U14:A3G4_BBBBBB       AAA 13 ? BBB 4  ? AAA 14 ? BBB 3  ? 
1 A U   14 1_555 B A   3  1_555 A C   15 1_555 B G   2  1_555 -0.094 -1.929 3.307 1.422  10.430 33.036 -4.725 0.361  2.590 17.789 
-2.426 34.628 14 AAAAAA_U14C15:G2A3_BBBBBB       AAA 14 ? BBB 3  ? AAA 15 ? BBB 2  ? 
1 A C   15 1_555 B G   2  1_555 A U   16 1_555 B A   1  1_555 0.590  -2.069 3.231 0.240  2.691  24.701 -5.584 -1.301 2.998 6.266  
-0.560 24.846 15 AAAAAA_C15U16:A1G2_BBBBBB       AAA 15 ? BBB 2  ? AAA 16 ? BBB 1  ? 
# 
loop_
_pdbx_audit_support.funding_organization 
_pdbx_audit_support.country 
_pdbx_audit_support.grant_number 
_pdbx_audit_support.ordinal 
'Simons Foundation'                      'United States' 290363FY18 1 
'Howard Hughes Medical Institute (HHMI)' 'United States' ?          2 
# 
_pdbx_entity_instance_feature.ordinal        1 
_pdbx_entity_instance_feature.comp_id        SUR 
_pdbx_entity_instance_feature.asym_id        ? 
_pdbx_entity_instance_feature.seq_num        ? 
_pdbx_entity_instance_feature.auth_comp_id   SUR 
_pdbx_entity_instance_feature.auth_asym_id   ? 
_pdbx_entity_instance_feature.auth_seq_num   ? 
_pdbx_entity_instance_feature.feature_type   'SUBJECT OF INVESTIGATION' 
_pdbx_entity_instance_feature.details        ? 
# 
_pdbx_initial_refinement_model.id               1 
_pdbx_initial_refinement_model.entity_id_list   ? 
_pdbx_initial_refinement_model.type             'experimental model' 
_pdbx_initial_refinement_model.source_name      PDB 
_pdbx_initial_refinement_model.accession_code   3ND4 
_pdbx_initial_refinement_model.details          ? 
# 
_atom_sites.entry_id                    8FER 
_atom_sites.Cartn_transf_matrix[1][1]   ? 
_atom_sites.Cartn_transf_matrix[1][2]   ? 
_atom_sites.Cartn_transf_matrix[1][3]   ? 
_atom_sites.Cartn_transf_matrix[2][1]   ? 
_atom_sites.Cartn_transf_matrix[2][2]   ? 
_atom_sites.Cartn_transf_matrix[2][3]   ? 
_atom_sites.Cartn_transf_matrix[3][1]   ? 
_atom_sites.Cartn_transf_matrix[3][2]   ? 
_atom_sites.Cartn_transf_matrix[3][3]   ? 
_atom_sites.Cartn_transf_vector[1]      ? 
_atom_sites.Cartn_transf_vector[2]      ? 
_atom_sites.Cartn_transf_vector[3]      ? 
_atom_sites.fract_transf_matrix[1][1]   0.00558342 
_atom_sites.fract_transf_matrix[1][2]   -0.02043571 
_atom_sites.fract_transf_matrix[1][3]   0.01568182 
_atom_sites.fract_transf_matrix[2][1]   0.02440074 
_atom_sites.fract_transf_matrix[2][2]   -0.00995249 
_atom_sites.fract_transf_matrix[2][3]   0.00049313 
_atom_sites.fract_transf_matrix[3][1]   0.00093986 
_atom_sites.fract_transf_matrix[3][2]   0.00244560 
_atom_sites.fract_transf_matrix[3][3]   0.00285234 
_atom_sites.fract_transf_vector[1]      -0.032312 
_atom_sites.fract_transf_vector[2]      0.446144 
_atom_sites.fract_transf_vector[3]      0.083128 
_atom_sites.solution_primary            ? 
_atom_sites.solution_secondary          ? 
_atom_sites.solution_hydrogens          ? 
_atom_sites.special_details             ? 
# 
loop_
_atom_type.symbol 
_atom_type.pdbx_scat_Z 
_atom_type.pdbx_N_electrons 
_atom_type.scat_Cromer_Mann_a1 
_atom_type.scat_Cromer_Mann_b1 
_atom_type.scat_Cromer_Mann_a2 
_atom_type.scat_Cromer_Mann_b2 
_atom_type.scat_Cromer_Mann_a3 
_atom_type.scat_Cromer_Mann_b3 
_atom_type.scat_Cromer_Mann_a4 
_atom_type.scat_Cromer_Mann_b4 
_atom_type.scat_Cromer_Mann_c 
C 6  6  2.310  20.844 1.020 10.208 1.589 0.569  0.865 51.651 0.216   
H 1  1  0.493  10.511 0.323 26.126 0.140 3.142  0.041 57.800 0.003   
N 7  7  12.222 0.006  3.135 9.893  2.014 28.997 1.167 0.583  -11.538 
O 8  8  3.049  13.277 2.287 5.701  1.546 0.324  0.867 32.909 0.251   
P 15 15 6.435  1.907  4.179 27.157 1.780 0.526  1.491 68.164 1.115   
S 16 16 6.905  1.468  5.203 22.215 1.438 0.254  1.586 56.172 0.867   
# 
loop_
_atom_site.group_PDB 
_atom_site.id 
_atom_site.type_symbol 
_atom_site.label_atom_id 
_atom_site.label_alt_id 
_atom_site.label_comp_id 
_atom_site.label_asym_id 
_atom_site.label_entity_id 
_atom_site.label_seq_id 
_atom_site.pdbx_PDB_ins_code 
_atom_site.Cartn_x 
_atom_site.Cartn_y 
_atom_site.Cartn_z 
_atom_site.occupancy 
_atom_site.B_iso_or_equiv 
_atom_site.pdbx_formal_charge 
_atom_site.auth_seq_id 
_atom_site.auth_comp_id 
_atom_site.auth_asym_id 
_atom_site.auth_atom_id 
_atom_site.pdbx_PDB_model_num 
_atom_site.calc_flag 
ATOM   1   O "O5'" . A   A 1 1  ? 2.879   -14.984 -9.917  1.000 45.335 0 1   A   AAA "O5'" 1 ? 
ATOM   2   C "C5'" . A   A 1 1  ? 4.107   -15.640 -10.371 1.000 43.561 0 1   A   AAA "C5'" 1 ? 
ATOM   3   C "C4'" . A   A 1 1  ? 4.431   -15.252 -11.797 1.000 43.534 0 1   A   AAA "C4'" 1 ? 
ATOM   4   O "O4'" . A   A 1 1  ? 3.505   -15.908 -12.700 1.000 43.701 0 1   A   AAA "O4'" 1 ? 
ATOM   5   C "C3'" . A   A 1 1  ? 4.330   -13.761 -12.162 1.000 40.157 0 1   A   AAA "C3'" 1 ? 
ATOM   6   O "O3'" . A   A 1 1  ? 5.510   -13.051 -11.776 1.000 35.314 0 1   A   AAA "O3'" 1 ? 
ATOM   7   C "C2'" . A   A 1 1  ? 4.072   -13.819 -13.676 1.000 35.034 0 1   A   AAA "C2'" 1 ? 
ATOM   8   O "O2'" . A   A 1 1  ? 5.206   -13.978 -14.495 1.000 35.252 0 1   A   AAA "O2'" 1 ? 
ATOM   9   C "C1'" . A   A 1 1  ? 3.183   -15.055 -13.787 1.000 35.500 0 1   A   AAA "C1'" 1 ? 
ATOM   10  N N9    . A   A 1 1  ? 1.762   -14.753 -13.721 1.000 26.710 0 1   A   AAA N9    1 ? 
ATOM   11  C C8    . A   A 1 1  ? 0.873   -15.066 -12.720 1.000 28.065 0 1   A   AAA C8    1 ? 
ATOM   12  N N7    . A   A 1 1  ? -0.350  -14.663 -12.954 1.000 26.622 0 1   A   AAA N7    1 ? 
ATOM   13  C C5    . A   A 1 1  ? -0.236  -14.015 -14.180 1.000 23.235 0 1   A   AAA C5    1 ? 
ATOM   14  C C6    . A   A 1 1  ? -1.183  -13.362 -14.976 1.000 19.374 0 1   A   AAA C6    1 ? 
ATOM   15  N N6    . A   A 1 1  ? -2.434  -13.270 -14.574 1.000 21.709 0 1   A   AAA N6    1 ? 
ATOM   16  N N1    . A   A 1 1  ? -0.761  -12.763 -16.119 1.000 21.690 0 1   A   AAA N1    1 ? 
ATOM   17  C C2    . A   A 1 1  ? 0.528   -12.874 -16.458 1.000 22.378 0 1   A   AAA C2    1 ? 
ATOM   18  N N3    . A   A 1 1  ? 1.508   -13.503 -15.796 1.000 21.629 0 1   A   AAA N3    1 ? 
ATOM   19  C C4    . A   A 1 1  ? 1.049   -14.048 -14.661 1.000 24.196 0 1   A   AAA C4    1 ? 
ATOM   20  P P     . G   A 1 2  ? 5.155   -11.655 -11.050 1.000 32.111 0 2   G   AAA P     1 ? 
ATOM   21  O OP1   . G   A 1 2  ? 6.383   -11.241 -10.235 1.000 33.855 0 2   G   AAA OP1   1 ? 
ATOM   22  O OP2   . G   A 1 2  ? 3.815   -11.549 -10.291 1.000 31.198 0 2   G   AAA OP2   1 ? 
ATOM   23  O "O5'" . G   A 1 2  ? 5.011   -10.712 -12.388 1.000 25.746 0 2   G   AAA "O5'" 1 ? 
ATOM   24  C "C5'" . G   A 1 2  ? 6.040   -10.637 -13.381 1.000 23.434 0 2   G   AAA "C5'" 1 ? 
ATOM   25  C "C4'" . G   A 1 2  ? 5.503   -9.801  -14.525 1.000 20.778 0 2   G   AAA "C4'" 1 ? 
ATOM   26  O "O4'" . G   A 1 2  ? 4.490   -10.581 -15.213 1.000 21.492 0 2   G   AAA "O4'" 1 ? 
ATOM   27  C "C3'" . G   A 1 2  ? 4.782   -8.480  -14.203 1.000 20.476 0 2   G   AAA "C3'" 1 ? 
ATOM   28  O "O3'" . G   A 1 2  ? 5.750   -7.454  -14.010 1.000 19.857 0 2   G   AAA "O3'" 1 ? 
ATOM   29  C "C2'" . G   A 1 2  ? 3.984   -8.294  -15.508 1.000 18.775 0 2   G   AAA "C2'" 1 ? 
ATOM   30  O "O2'" . G   A 1 2  ? 4.762   -7.864  -16.600 1.000 21.842 0 2   G   AAA "O2'" 1 ? 
ATOM   31  C "C1'" . G   A 1 2  ? 3.489   -9.722  -15.725 1.000 19.486 0 2   G   AAA "C1'" 1 ? 
ATOM   32  N N9    . G   A 1 2  ? 2.266   -9.986  -15.008 1.000 17.550 0 2   G   AAA N9    1 ? 
ATOM   33  C C8    . G   A 1 2  ? 2.037   -10.717 -13.878 1.000 17.898 0 2   G   AAA C8    1 ? 
ATOM   34  N N7    . G   A 1 2  ? 0.786   -10.763 -13.528 1.000 19.212 0 2   G   AAA N7    1 ? 
ATOM   35  C C5    . G   A 1 2  ? 0.153   -9.981  -14.496 1.000 17.102 0 2   G   AAA C5    1 ? 
ATOM   36  C C6    . G   A 1 2  ? -1.211  -9.688  -14.686 1.000 16.664 0 2   G   AAA C6    1 ? 
ATOM   37  O O6    . G   A 1 2  ? -2.174  -10.016 -13.975 1.000 18.203 0 2   G   AAA O6    1 ? 
ATOM   38  N N1    . G   A 1 2  ? -1.353  -8.840  -15.800 1.000 16.866 0 2   G   AAA N1    1 ? 
ATOM   39  C C2    . G   A 1 2  ? -0.383  -8.422  -16.662 1.000 18.394 0 2   G   AAA C2    1 ? 
ATOM   40  N N2    . G   A 1 2  ? -0.738  -7.588  -17.661 1.000 20.852 0 2   G   AAA N2    1 ? 
ATOM   41  N N3    . G   A 1 2  ? 0.897   -8.728  -16.511 1.000 18.289 0 2   G   AAA N3    1 ? 
ATOM   42  C C4    . G   A 1 2  ? 1.050   -9.534  -15.430 1.000 17.558 0 2   G   AAA C4    1 ? 
ATOM   43  P P     . A   A 1 3  ? 5.289   -6.234  -13.067 1.000 21.926 0 3   A   AAA P     1 ? 
ATOM   44  O OP1   . A   A 1 3  ? 6.507   -5.354  -12.870 1.000 22.204 0 3   A   AAA OP1   1 ? 
ATOM   45  O OP2   . A   A 1 3  ? 4.507   -6.639  -11.839 1.000 23.643 0 3   A   AAA OP2   1 ? 
ATOM   46  O "O5'" . A   A 1 3  ? 4.175   -5.461  -13.898 1.000 19.509 0 3   A   AAA "O5'" 1 ? 
ATOM   47  C "C5'" . A   A 1 3  ? 4.530   -4.678  -15.067 1.000 18.509 0 3   A   AAA "C5'" 1 ? 
ATOM   48  C "C4'" . A   A 1 3  ? 3.290   -3.977  -15.563 1.000 18.246 0 3   A   AAA "C4'" 1 ? 
ATOM   49  O "O4'" . A   A 1 3  ? 2.324   -4.951  -16.021 1.000 16.787 0 3   A   AAA "O4'" 1 ? 
ATOM   50  C "C3'" . A   A 1 3  ? 2.489   -3.147  -14.547 1.000 18.799 0 3   A   AAA "C3'" 1 ? 
ATOM   51  O "O3'" . A   A 1 3  ? 3.144   -1.907  -14.291 1.000 17.407 0 3   A   AAA "O3'" 1 ? 
ATOM   52  C "C2'" . A   A 1 3  ? 1.174   -2.982  -15.306 1.000 17.454 0 3   A   AAA "C2'" 1 ? 
ATOM   53  O "O2'" . A   A 1 3  ? 1.216   -2.039  -16.366 1.000 18.992 0 3   A   AAA "O2'" 1 ? 
ATOM   54  C "C1'" . A   A 1 3  ? 1.031   -4.414  -15.837 1.000 17.986 0 3   A   AAA "C1'" 1 ? 
ATOM   55  N N9    . A   A 1 3  ? 0.361   -5.282  -14.886 1.000 15.367 0 3   A   AAA N9    1 ? 
ATOM   56  C C8    . A   A 1 3  ? 0.945   -6.166  -14.014 1.000 16.042 0 3   A   AAA C8    1 ? 
ATOM   57  N N7    . A   A 1 3  ? 0.074   -6.819  -13.290 1.000 17.411 0 3   A   AAA N7    1 ? 
ATOM   58  C C5    . A   A 1 3  ? -1.152  -6.267  -13.640 1.000 14.712 0 3   A   AAA C5    1 ? 
ATOM   59  C C6    . A   A 1 3  ? -2.474  -6.509  -13.220 1.000 15.066 0 3   A   AAA C6    1 ? 
ATOM   60  N N6    . A   A 1 3  ? -2.821  -7.403  -12.302 1.000 18.204 0 3   A   AAA N6    1 ? 
ATOM   61  N N1    . A   A 1 3  ? -3.447  -5.787  -13.797 1.000 14.706 0 3   A   AAA N1    1 ? 
ATOM   62  C C2    . A   A 1 3  ? -3.135  -4.913  -14.748 1.000 17.546 0 3   A   AAA C2    1 ? 
ATOM   63  N N3    . A   A 1 3  ? -1.940  -4.586  -15.213 1.000 16.343 0 3   A   AAA N3    1 ? 
ATOM   64  C C4    . A   A 1 3  ? -0.988  -5.327  -14.635 1.000 16.316 0 3   A   AAA C4    1 ? 
ATOM   65  P P     . G   A 1 4  ? 2.979   -1.220  -12.853 1.000 19.034 0 4   G   AAA P     1 ? 
ATOM   66  O OP1   . G   A 1 4  ? 3.996   -0.053  -12.877 1.000 22.226 0 4   G   AAA OP1   1 ? 
ATOM   67  O OP2   . G   A 1 4  ? 3.122   -2.233  -11.762 1.000 16.693 0 4   G   AAA OP2   1 ? 
ATOM   68  O "O5'" . G   A 1 4  ? 1.450   -0.768  -12.758 1.000 16.415 0 4   G   AAA "O5'" 1 ? 
ATOM   69  C "C5'" . G   A 1 4  ? 0.964   0.226   -13.646 1.000 16.079 0 4   G   AAA "C5'" 1 ? 
ATOM   70  C "C4'" . G   A 1 4  ? -0.527  0.368   -13.472 1.000 15.065 0 4   G   AAA "C4'" 1 ? 
ATOM   71  O "O4'" . G   A 1 4  ? -1.182  -0.850  -13.924 1.000 15.436 0 4   G   AAA "O4'" 1 ? 
ATOM   72  C "C3'" . G   A 1 4  ? -1.082  0.583   -12.059 1.000 14.063 0 4   G   AAA "C3'" 1 ? 
ATOM   73  O "O3'" . G   A 1 4  ? -0.946  1.934   -11.633 1.000 13.259 0 4   G   AAA "O3'" 1 ? 
ATOM   74  C "C2'" . G   A 1 4  ? -2.551  0.282   -12.364 1.000 11.757 0 4   G   AAA "C2'" 1 ? 
ATOM   75  O "O2'" . G   A 1 4  ? -3.190  1.277   -13.108 1.000 14.325 0 4   G   AAA "O2'" 1 ? 
ATOM   76  C "C1'" . G   A 1 4  ? -2.420  -0.967  -13.235 1.000 12.706 0 4   G   AAA "C1'" 1 ? 
ATOM   77  N N9    . G   A 1 4  ? -2.452  -2.175  -12.418 1.000 12.905 0 4   G   AAA N9    1 ? 
ATOM   78  C C8    . G   A 1 4  ? -1.393  -2.887  -11.920 1.000 12.451 0 4   G   AAA C8    1 ? 
ATOM   79  N N7    . G   A 1 4  ? -1.745  -3.908  -11.163 1.000 14.627 0 4   G   AAA N7    1 ? 
ATOM   80  C C5    . G   A 1 4  ? -3.121  -3.804  -11.104 1.000 11.918 0 4   G   AAA C5    1 ? 
ATOM   81  C C6    . G   A 1 4  ? -4.044  -4.626  -10.421 1.000 12.681 0 4   G   AAA C6    1 ? 
ATOM   82  O O6    . G   A 1 4  ? -3.753  -5.603  -9.734  1.000 14.403 0 4   G   AAA O6    1 ? 
ATOM   83  N N1    . G   A 1 4  ? -5.340  -4.172  -10.608 1.000 13.329 0 4   G   AAA N1    1 ? 
ATOM   84  C C2    . G   A 1 4  ? -5.699  -3.103  -11.388 1.000 14.637 0 4   G   AAA C2    1 ? 
ATOM   85  N N2    . G   A 1 4  ? -6.997  -2.789  -11.454 1.000 15.086 0 4   G   AAA N2    1 ? 
ATOM   86  N N3    . G   A 1 4  ? -4.827  -2.317  -12.027 1.000 13.981 0 4   G   AAA N3    1 ? 
ATOM   87  C C4    . G   A 1 4  ? -3.568  -2.740  -11.842 1.000 12.468 0 4   G   AAA C4    1 ? 
ATOM   88  P P     . A   A 1 5  ? -0.753  2.199   -10.067 1.000 13.890 0 5   A   AAA P     1 ? 
ATOM   89  O OP1   . A   A 1 5  ? -0.511  3.697   -9.939  1.000 12.416 0 5   A   AAA OP1   1 ? 
ATOM   90  O OP2   . A   A 1 5  ? 0.189   1.236   -9.375  1.000 13.955 0 5   A   AAA OP2   1 ? 
ATOM   91  O "O5'" . A   A 1 5  ? -2.205  1.913   -9.377  1.000 13.134 0 5   A   AAA "O5'" 1 ? 
ATOM   92  C "C5'" . A   A 1 5  ? -3.257  2.851   -9.663  1.000 12.437 0 5   A   AAA "C5'" 1 ? 
ATOM   93  C "C4'" . A   A 1 5  ? -4.581  2.317   -9.210  1.000 12.016 0 5   A   AAA "C4'" 1 ? 
ATOM   94  O "O4'" . A   A 1 5  ? -4.838  1.018   -9.795  1.000 10.651 0 5   A   AAA "O4'" 1 ? 
ATOM   95  C "C3'" . A   A 1 5  ? -4.753  2.050   -7.715  1.000 12.298 0 5   A   AAA "C3'" 1 ? 
ATOM   96  O "O3'" . A   A 1 5  ? -4.962  3.312   -7.099  1.000 11.542 0 5   A   AAA "O3'" 1 ? 
ATOM   97  C "C2'" . A   A 1 5  ? -6.029  1.222   -7.769  1.000 11.622 0 5   A   AAA "C2'" 1 ? 
ATOM   98  O "O2'" . A   A 1 5  ? -7.172  1.994   -8.083  1.000 11.334 0 5   A   AAA "O2'" 1 ? 
ATOM   99  C "C1'" . A   A 1 5  ? -5.663  0.277   -8.910  1.000 10.883 0 5   A   AAA "C1'" 1 ? 
ATOM   100 N N9    . A   A 1 5  ? -4.907  -0.896  -8.484  1.000 10.924 0 5   A   AAA N9    1 ? 
ATOM   101 C C8    . A   A 1 5  ? -3.559  -1.108  -8.566  1.000 11.349 0 5   A   AAA C8    1 ? 
ATOM   102 N N7    . A   A 1 5  ? -3.163  -2.261  -8.099  1.000 11.093 0 5   A   AAA N7    1 ? 
ATOM   103 C C5    . A   A 1 5  ? -4.333  -2.816  -7.604  1.000 10.197 0 5   A   AAA C5    1 ? 
ATOM   104 C C6    . A   A 1 5  ? -4.595  -4.070  -7.005  1.000 12.006 0 5   A   AAA C6    1 ? 
ATOM   105 N N6    . A   A 1 5  ? -3.659  -4.976  -6.719  1.000 12.327 0 5   A   AAA N6    1 ? 
ATOM   106 N N1    . A   A 1 5  ? -5.867  -4.310  -6.643  1.000 11.525 0 5   A   AAA N1    1 ? 
ATOM   107 C C2    . A   A 1 5  ? -6.797  -3.386  -6.899  1.000 12.480 0 5   A   AAA C2    1 ? 
ATOM   108 N N3    . A   A 1 5  ? -6.683  -2.213  -7.524  1.000 11.264 0 5   A   AAA N3    1 ? 
ATOM   109 C C4    . A   A 1 5  ? -5.408  -1.995  -7.859  1.000 10.905 0 5   A   AAA C4    1 ? 
ATOM   110 P P     . A   A 1 6  ? -4.635  3.456   -5.525  1.000 13.786 0 6   A   AAA P     1 ? 
ATOM   111 O OP1   . A   A 1 6  ? -4.765  4.925   -5.235  1.000 16.079 0 6   A   AAA OP1   1 ? 
ATOM   112 O OP2   . A   A 1 6  ? -3.371  2.740   -5.239  1.000 12.747 0 6   A   AAA OP2   1 ? 
ATOM   113 O "O5'" . A   A 1 6  ? -5.809  2.640   -4.819  1.000 13.820 0 6   A   AAA "O5'" 1 ? 
ATOM   114 C "C5'" . A   A 1 6  ? -7.141  3.188   -4.824  1.000 15.116 0 6   A   AAA "C5'" 1 ? 
ATOM   115 C "C4'" . A   A 1 6  ? -8.018  2.200   -4.101  1.000 14.885 0 6   A   AAA "C4'" 1 ? 
ATOM   116 O "O4'" . A   A 1 6  ? -8.017  0.944   -4.821  1.000 13.624 0 6   A   AAA "O4'" 1 ? 
ATOM   117 C "C3'" . A   A 1 6  ? -7.587  1.804   -2.670  1.000 17.289 0 6   A   AAA "C3'" 1 ? 
ATOM   118 O "O3'" . A   A 1 6  ? -7.915  2.742   -1.656  1.000 21.499 0 6   A   AAA "O3'" 1 ? 
ATOM   119 C "C2'" . A   A 1 6  ? -8.364  0.494   -2.534  1.000 16.352 0 6   A   AAA "C2'" 1 ? 
ATOM   120 O "O2'" . A   A 1 6  ? -9.721  0.777   -2.265  1.000 17.914 0 6   A   AAA "O2'" 1 ? 
ATOM   121 C "C1'" . A   A 1 6  ? -8.105  -0.133  -3.900  1.000 14.328 0 6   A   AAA "C1'" 1 ? 
ATOM   122 N N9    . A   A 1 6  ? -6.873  -0.916  -3.961  1.000 12.457 0 6   A   AAA N9    1 ? 
ATOM   123 C C8    . A   A 1 6  ? -5.628  -0.494  -4.347  1.000 11.685 0 6   A   AAA C8    1 ? 
ATOM   124 N N7    . A   A 1 6  ? -4.715  -1.436  -4.289  1.000 10.965 0 6   A   AAA N7    1 ? 
ATOM   125 C C5    . A   A 1 6  ? -5.407  -2.540  -3.800  1.000 11.052 0 6   A   AAA C5    1 ? 
ATOM   126 C C6    . A   A 1 6  ? -4.999  -3.847  -3.496  1.000 10.567 0 6   A   AAA C6    1 ? 
ATOM   127 N N6    . A   A 1 6  ? -3.739  -4.237  -3.640  1.000 10.555 0 6   A   AAA N6    1 ? 
ATOM   128 N N1    . A   A 1 6  ? -5.906  -4.717  -2.998  1.000 11.605 0 6   A   AAA N1    1 ? 
ATOM   129 C C2    . A   A 1 6  ? -7.155  -4.257  -2.838  1.000 11.817 0 6   A   AAA C2    1 ? 
ATOM   130 N N3    . A   A 1 6  ? -7.657  -3.053  -3.083  1.000 11.835 0 6   A   AAA N3    1 ? 
ATOM   131 C C4    . A   A 1 6  ? -6.729  -2.226  -3.582  1.000 10.833 0 6   A   AAA C4    1 ? 
ATOM   132 P P     . G   A 1 7  ? -6.838  2.801   -0.446  1.000 26.513 0 7   G   AAA P     1 ? 
ATOM   133 O OP1   . G   A 1 7  ? -7.135  4.022   0.367   1.000 31.876 0 7   G   AAA OP1   1 ? 
ATOM   134 O OP2   . G   A 1 7  ? -5.340  2.532   -0.773  1.000 26.877 0 7   G   AAA OP2   1 ? 
ATOM   135 O "O5'" . G   A 1 7  ? -7.068  1.486   0.531   1.000 24.031 0 7   G   AAA "O5'" 1 ? 
ATOM   136 C "C5'" . G   A 1 7  ? -8.316  1.214   1.092   1.000 21.285 0 7   G   AAA "C5'" 1 ? 
ATOM   137 C "C4'" . G   A 1 7  ? -8.360  -0.243  1.485   1.000 17.651 0 7   G   AAA "C4'" 1 ? 
ATOM   138 O "O4'" . G   A 1 7  ? -8.104  -1.028  0.288   1.000 16.568 0 7   G   AAA "O4'" 1 ? 
ATOM   139 C "C3'" . G   A 1 7  ? -7.379  -0.793  2.529   1.000 16.723 0 7   G   AAA "C3'" 1 ? 
ATOM   140 O "O3'" . G   A 1 7  ? -7.697  -0.397  3.879   1.000 16.753 0 7   G   AAA "O3'" 1 ? 
ATOM   141 C "C2'" . G   A 1 7  ? -7.588  -2.278  2.203   1.000 15.258 0 7   G   AAA "C2'" 1 ? 
ATOM   142 O "O2'" . G   A 1 7  ? -8.850  -2.730  2.631   1.000 13.785 0 7   G   AAA "O2'" 1 ? 
ATOM   143 C "C1'" . G   A 1 7  ? -7.583  -2.286  0.667   1.000 14.774 0 7   G   AAA "C1'" 1 ? 
ATOM   144 N N9    . G   A 1 7  ? -6.229  -2.449  0.165   1.000 12.982 0 7   G   AAA N9    1 ? 
ATOM   145 C C8    . G   A 1 7  ? -5.400  -1.547  -0.444  1.000 10.896 0 7   G   AAA C8    1 ? 
ATOM   146 N N7    . G   A 1 7  ? -4.215  -2.033  -0.711  1.000 11.494 0 7   G   AAA N7    1 ? 
ATOM   147 C C5    . G   A 1 7  ? -4.276  -3.343  -0.258  1.000 10.457 0 7   G   AAA C5    1 ? 
ATOM   148 C C6    . G   A 1 7  ? -3.316  -4.372  -0.315  1.000 10.427 0 7   G   AAA C6    1 ? 
ATOM   149 O O6    . G   A 1 7  ? -2.172  -4.314  -0.736  1.000 10.430 0 7   G   AAA O6    1 ? 
ATOM   150 N N1    . G   A 1 7  ? -3.804  -5.571  0.214   1.000 9.614  0 7   G   AAA N1    1 ? 
ATOM   151 C C2    . G   A 1 7  ? -5.053  -5.736  0.753   1.000 10.005 0 7   G   AAA C2    1 ? 
ATOM   152 N N2    . G   A 1 7  ? -5.327  -6.936  1.278   1.000 9.756  0 7   G   AAA N2    1 ? 
ATOM   153 N N3    . G   A 1 7  ? -5.987  -4.779  0.777   1.000 11.440 0 7   G   AAA N3    1 ? 
ATOM   154 C C4    . G   A 1 7  ? -5.525  -3.624  0.246   1.000 11.100 0 7   G   AAA C4    1 ? 
HETATM 155 P P     . SUR A 1 8  ? -6.597  -0.652  5.074   1.000 16.826 0 8   SUR AAA P     1 ? 
HETATM 156 O OP1   . SUR A 1 8  ? -7.352  -0.066  6.199   1.000 19.749 0 8   SUR AAA OP1   1 ? 
HETATM 157 O OP2   . SUR A 1 8  ? -5.230  -0.300  4.650   1.000 16.909 0 8   SUR AAA OP2   1 ? 
HETATM 158 O "O5'" . SUR A 1 8  ? -6.524  -2.156  5.153   1.000 16.378 0 8   SUR AAA "O5'" 1 ? 
HETATM 159 C "C5'" . SUR A 1 8  ? -7.543  -2.938  5.835   1.000 16.979 0 8   SUR AAA "C5'" 1 ? 
HETATM 160 C "C4'" . SUR A 1 8  ? -7.138  -4.339  6.113   1.000 15.704 0 8   SUR AAA "C4'" 1 ? 
HETATM 161 O "O4'" . SUR A 1 8  ? -6.700  -4.994  4.982   1.000 15.145 0 8   SUR AAA "O4'" 1 ? 
HETATM 162 C "C3'" . SUR A 1 8  ? -5.849  -4.383  6.977   1.000 16.485 0 8   SUR AAA "C3'" 1 ? 
HETATM 163 C "C1'" . SUR A 1 8  ? -5.749  -6.002  5.246   1.000 15.020 0 8   SUR AAA "C1'" 1 ? 
HETATM 164 N N1    . SUR A 1 8  ? -4.557  -5.652  4.451   1.000 12.531 0 8   SUR AAA N1    1 ? 
HETATM 165 C "C2'" . SUR A 1 8  ? -5.443  -5.830  6.698   1.000 14.793 0 8   SUR AAA "C2'" 1 ? 
HETATM 166 C C6    . SUR A 1 8  ? -4.393  -4.369  3.882   1.000 11.852 0 8   SUR AAA C6    1 ? 
HETATM 167 C C2    . SUR A 1 8  ? -3.590  -6.550  4.291   1.000 11.912 0 8   SUR AAA C2    1 ? 
HETATM 168 C C5    . SUR A 1 8  ? -3.251  -4.124  3.135   1.000 11.816 0 8   SUR AAA C5    1 ? 
HETATM 169 S S2    . SUR A 1 8  ? -3.582  -8.144  5.062   1.000 16.870 0 8   SUR AAA S2    1 ? 
HETATM 170 N N3    . SUR A 1 8  ? -2.477  -6.267  3.626   1.000 11.074 0 8   SUR AAA N3    1 ? 
HETATM 171 C C4    . SUR A 1 8  ? -2.289  -5.088  2.961   1.000 12.051 0 8   SUR AAA C4    1 ? 
HETATM 172 O O4    . SUR A 1 8  ? -1.264  -4.921  2.289   1.000 11.945 0 8   SUR AAA O4    1 ? 
HETATM 173 O "O2'" . SUR A 1 8  ? -6.215  -6.845  7.389   1.000 20.370 0 8   SUR AAA "O2'" 1 ? 
HETATM 174 O "O3'" . SUR A 1 8  ? -6.087  -4.128  8.412   1.000 15.768 0 8   SUR AAA "O3'" 1 ? 
HETATM 175 P P     . SUR A 1 9  ? -5.015  -3.434  9.228   1.000 12.341 0 9   SUR AAA P     1 ? 
HETATM 176 O OP1   . SUR A 1 9  ? -5.710  -3.394  10.542  1.000 14.132 0 9   SUR AAA OP1   1 ? 
HETATM 177 O OP2   . SUR A 1 9  ? -4.524  -2.259  8.588   1.000 11.110 0 9   SUR AAA OP2   1 ? 
HETATM 178 O "O5'" . SUR A 1 9  ? -3.865  -4.573  9.280   1.000 11.259 0 9   SUR AAA "O5'" 1 ? 
HETATM 179 C "C5'" . SUR A 1 9  ? -4.072  -5.810  9.984   1.000 11.552 0 9   SUR AAA "C5'" 1 ? 
HETATM 180 C "C4'" . SUR A 1 9  ? -2.760  -6.537  9.978   1.000 10.288 0 9   SUR AAA "C4'" 1 ? 
HETATM 181 O "O4'" . SUR A 1 9  ? -2.412  -6.896  8.638   1.000 10.452 0 9   SUR AAA "O4'" 1 ? 
HETATM 182 C "C3'" . SUR A 1 9  ? -1.599  -5.718  10.464  1.000 9.689  0 9   SUR AAA "C3'" 1 ? 
HETATM 183 C "C1'" . SUR A 1 9  ? -0.948  -6.949  8.586   1.000 10.059 0 9   SUR AAA "C1'" 1 ? 
HETATM 184 N N1    . SUR A 1 9  ? -0.509  -5.995  7.524   1.000 9.989  0 9   SUR AAA N1    1 ? 
HETATM 185 C "C2'" . SUR A 1 9  ? -0.436  -6.547  9.919   1.000 10.229 0 9   SUR AAA "C2'" 1 ? 
HETATM 186 C C6    . SUR A 1 9  ? -1.377  -5.055  7.052   1.000 9.327  0 9   SUR AAA C6    1 ? 
HETATM 187 C C2    . SUR A 1 9  ? 0.679   -6.149  6.962   1.000 9.105  0 9   SUR AAA C2    1 ? 
HETATM 188 C C5    . SUR A 1 9  ? -0.957  -4.265  6.005   1.000 10.211 0 9   SUR AAA C5    1 ? 
HETATM 189 S S2    . SUR A 1 9  ? 1.828   -7.307  7.579   1.000 11.238 0 9   SUR AAA S2    1 ? 
HETATM 190 N N3    . SUR A 1 9  ? 1.123   -5.324  5.955   1.000 10.943 0 9   SUR AAA N3    1 ? 
HETATM 191 C C4    . SUR A 1 9  ? 0.328   -4.389  5.447   1.000 10.156 0 9   SUR AAA C4    1 ? 
HETATM 192 O O4    . SUR A 1 9  ? 0.732   -3.701  4.483   1.000 11.258 0 9   SUR AAA O4    1 ? 
HETATM 193 O "O2'" . SUR A 1 9  ? -0.264  -7.765  10.680  1.000 12.173 0 9   SUR AAA "O2'" 1 ? 
HETATM 194 O "O3'" . SUR A 1 9  ? -1.561  -5.723  11.912  1.000 10.064 0 9   SUR AAA "O3'" 1 ? 
ATOM   195 P P     . C   A 1 10 ? -1.086  -4.469  12.665  1.000 11.131 0 10  C   AAA P     1 ? 
ATOM   196 O OP1   . C   A 1 10 ? -1.282  -4.579  14.170  1.000 12.367 0 10  C   AAA OP1   1 ? 
ATOM   197 O OP2   . C   A 1 10 ? -1.537  -3.184  12.060  1.000 11.842 0 10  C   AAA OP2   1 ? 
ATOM   198 O "O5'" . C   A 1 10 ? 0.502   -4.368  12.356  1.000 10.088 0 10  C   AAA "O5'" 1 ? 
ATOM   199 C "C5'" . C   A 1 10 ? 1.351   -5.408  12.900  1.000 10.404 0 10  C   AAA "C5'" 1 ? 
ATOM   200 C "C4'" . C   A 1 10 ? 2.697   -5.352  12.207  1.000 9.973  0 10  C   AAA "C4'" 1 ? 
ATOM   201 O "O4'" . C   A 1 10 ? 2.557   -5.654  10.802  1.000 9.896  0 10  C   AAA "O4'" 1 ? 
ATOM   202 C "C3'" . C   A 1 10 ? 3.435   -4.008  12.219  1.000 10.417 0 10  C   AAA "C3'" 1 ? 
ATOM   203 O "O3'" . C   A 1 10 ? 4.084   -3.743  13.466  1.000 10.784 0 10  C   AAA "O3'" 1 ? 
ATOM   204 C "C2'" . C   A 1 10 ? 4.448   -4.298  11.117  1.000 10.024 0 10  C   AAA "C2'" 1 ? 
ATOM   205 O "O2'" . C   A 1 10 ? 5.431   -5.202  11.561  1.000 10.931 0 10  C   AAA "O2'" 1 ? 
ATOM   206 C "C1'" . C   A 1 10 ? 3.566   -4.988  10.074  1.000 9.955  0 10  C   AAA "C1'" 1 ? 
ATOM   207 N N1    . C   A 1 10 ? 2.972   -4.048  9.117   1.000 10.975 0 10  C   AAA N1    1 ? 
ATOM   208 C C2    . C   A 1 10 ? 3.783   -3.657  8.054   1.000 10.476 0 10  C   AAA C2    1 ? 
ATOM   209 O O2    . C   A 1 10 ? 4.933   -4.134  7.973   1.000 10.672 0 10  C   AAA O2    1 ? 
ATOM   210 N N3    . C   A 1 10 ? 3.291   -2.734  7.201   1.000 10.278 0 10  C   AAA N3    1 ? 
ATOM   211 C C4    . C   A 1 10 ? 2.052   -2.233  7.328   1.000 10.506 0 10  C   AAA C4    1 ? 
ATOM   212 N N4    . C   A 1 10 ? 1.627   -1.372  6.421   1.000 11.139 0 10  C   AAA N4    1 ? 
ATOM   213 C C5    . C   A 1 10 ? 1.224   -2.634  8.412   1.000 10.116 0 10  C   AAA C5    1 ? 
ATOM   214 C C6    . C   A 1 10 ? 1.745   -3.501  9.287   1.000 10.383 0 10  C   AAA C6    1 ? 
ATOM   215 P P     . U   A 1 11 ? 4.276   -2.233  13.942  1.000 11.601 0 11  U   AAA P     1 ? 
ATOM   216 O OP1   . U   A 1 11 ? 4.836   -2.322  15.313  1.000 12.601 0 11  U   AAA OP1   1 ? 
ATOM   217 O OP2   . U   A 1 11 ? 3.116   -1.355  13.707  1.000 12.723 0 11  U   AAA OP2   1 ? 
ATOM   218 O "O5'" . U   A 1 11 ? 5.357   -1.655  12.899  1.000 12.194 0 11  U   AAA "O5'" 1 ? 
ATOM   219 C "C5'" . U   A 1 11 ? 6.715   -2.049  13.022  1.000 12.315 0 11  U   AAA "C5'" 1 ? 
ATOM   220 C "C4'" . U   A 1 11 ? 7.476   -1.582  11.802  1.000 10.848 0 11  U   AAA "C4'" 1 ? 
ATOM   221 O "O4'" . U   A 1 11 ? 6.827   -1.999  10.564  1.000 11.389 0 11  U   AAA "O4'" 1 ? 
ATOM   222 C "C3'" . U   A 1 11 ? 7.675   -0.080  11.591  1.000 10.396 0 11  U   AAA "C3'" 1 ? 
ATOM   223 O "O3'" . U   A 1 11 ? 8.681   0.305   12.514  1.000 11.108 0 11  U   AAA "O3'" 1 ? 
ATOM   224 C "C2'" . U   A 1 11 ? 8.192   -0.145  10.159  1.000 9.643  0 11  U   AAA "C2'" 1 ? 
ATOM   225 O "O2'" . U   A 1 11 ? 9.456   -0.761  10.074  1.000 10.443 0 11  U   AAA "O2'" 1 ? 
ATOM   226 C "C1'" . U   A 1 11 ? 7.175   -1.098  9.537   1.000 10.298 0 11  U   AAA "C1'" 1 ? 
ATOM   227 N N1    . U   A 1 11 ? 5.967   -0.425  9.031   1.000 9.671  0 11  U   AAA N1    1 ? 
ATOM   228 C C2    . U   A 1 11 ? 6.061   0.229   7.810   1.000 10.440 0 11  U   AAA C2    1 ? 
ATOM   229 O O2    . U   A 1 11 ? 7.115   0.294   7.168   1.000 10.287 0 11  U   AAA O2    1 ? 
ATOM   230 N N3    . U   A 1 11 ? 4.891   0.796   7.369   1.000 10.226 0 11  U   AAA N3    1 ? 
ATOM   231 C C4    . U   A 1 11 ? 3.693   0.861   8.023   1.000 10.808 0 11  U   AAA C4    1 ? 
ATOM   232 O O4    . U   A 1 11 ? 2.746   1.442   7.470   1.000 11.547 0 11  U   AAA O4    1 ? 
ATOM   233 C C5    . U   A 1 11 ? 3.680   0.152   9.267   1.000 10.772 0 11  U   AAA C5    1 ? 
ATOM   234 C C6    . U   A 1 11 ? 4.798   -0.405  9.752   1.000 10.241 0 11  U   AAA C6    1 ? 
ATOM   235 P P     . U   A 1 12 ? 8.929   1.871   12.826  1.000 12.545 0 12  U   AAA P     1 ? 
ATOM   236 O OP1   . U   A 1 12 ? 9.977   1.963   13.891  1.000 12.797 0 12  U   AAA OP1   1 ? 
ATOM   237 O OP2   . U   A 1 12 ? 7.592   2.562   12.995  1.000 13.104 0 12  U   AAA OP2   1 ? 
ATOM   238 O "O5'" . U   A 1 12 ? 9.506   2.527   11.459  1.000 13.102 0 12  U   AAA "O5'" 1 ? 
ATOM   239 C "C5'" . U   A 1 12 ? 10.841  2.201   11.011  1.000 13.051 0 12  U   AAA "C5'" 1 ? 
ATOM   240 C "C4'" . U   A 1 12 ? 11.077  2.870   9.681   1.000 12.625 0 12  U   AAA "C4'" 1 ? 
ATOM   241 O "O4'" . U   A 1 12 ? 10.162  2.382   8.670   1.000 13.099 0 12  U   AAA "O4'" 1 ? 
ATOM   242 C "C3'" . U   A 1 12 ? 10.856  4.381   9.646   1.000 12.792 0 12  U   AAA "C3'" 1 ? 
ATOM   243 O "O3'" . U   A 1 12 ? 11.996  4.976   10.226  1.000 13.599 0 12  U   AAA "O3'" 1 ? 
ATOM   244 C "C2'" . U   A 1 12 ? 10.757  4.615   8.144   1.000 12.236 0 12  U   AAA "C2'" 1 ? 
ATOM   245 O "O2'" . U   A 1 12 ? 11.995  4.464   7.490   1.000 14.750 0 12  U   AAA "O2'" 1 ? 
ATOM   246 C "C1'" . U   A 1 12 ? 9.851   3.459   7.787   1.000 12.653 0 12  U   AAA "C1'" 1 ? 
ATOM   247 N N1    . U   A 1 12 ? 8.435   3.786   7.882   1.000 10.712 0 12  U   AAA N1    1 ? 
ATOM   248 C C2    . U   A 1 12 ? 7.882   4.490   6.813   1.000 10.261 0 12  U   AAA C2    1 ? 
ATOM   249 O O2    . U   A 1 12 ? 8.556   4.949   5.905   1.000 10.493 0 12  U   AAA O2    1 ? 
ATOM   250 N N3    . U   A 1 12 ? 6.530   4.681   6.878   1.000 9.871  0 12  U   AAA N3    1 ? 
ATOM   251 C C4    . U   A 1 12 ? 5.673   4.174   7.835   1.000 9.941  0 12  U   AAA C4    1 ? 
ATOM   252 O O4    . U   A 1 12 ? 4.473   4.417   7.744   1.000 10.434 0 12  U   AAA O4    1 ? 
ATOM   253 C C5    . U   A 1 12 ? 6.317   3.522   8.940   1.000 10.336 0 12  U   AAA C5    1 ? 
ATOM   254 C C6    . U   A 1 12 ? 7.649   3.319   8.901   1.000 10.265 0 12  U   AAA C6    1 ? 
ATOM   255 P P     . C   A 1 13 ? 11.836  6.412   10.928  1.000 15.553 0 13  C   AAA P     1 ? 
ATOM   256 O OP1   . C   A 1 13 ? 13.134  6.780   11.626  1.000 18.179 0 13  C   AAA OP1   1 ? 
ATOM   257 O OP2   . C   A 1 13 ? 10.575  6.552   11.719  1.000 16.595 0 13  C   AAA OP2   1 ? 
ATOM   258 O "O5'" . C   A 1 13 ? 11.660  7.429   9.715   1.000 15.529 0 13  C   AAA "O5'" 1 ? 
ATOM   259 C "C5'" . C   A 1 13 ? 12.741  7.605   8.811   1.000 15.898 0 13  C   AAA "C5'" 1 ? 
ATOM   260 C "C4'" . C   A 1 13 ? 12.236  8.408   7.633   1.000 14.848 0 13  C   AAA "C4'" 1 ? 
ATOM   261 O "O4'" . C   A 1 13 ? 11.189  7.669   6.941   1.000 15.481 0 13  C   AAA "O4'" 1 ? 
ATOM   262 C "C3'" . C   A 1 13 ? 11.564  9.762   7.923   1.000 15.024 0 13  C   AAA "C3'" 1 ? 
ATOM   263 O "O3'" . C   A 1 13 ? 12.537  10.773  8.158   1.000 15.428 0 13  C   AAA "O3'" 1 ? 
ATOM   264 C "C2'" . C   A 1 13 ? 10.819  9.990   6.590   1.000 13.994 0 13  C   AAA "C2'" 1 ? 
ATOM   265 O "O2'" . C   A 1 13 ? 11.621  10.322  5.475   1.000 15.644 0 13  C   AAA "O2'" 1 ? 
ATOM   266 C "C1'" . C   A 1 13 ? 10.277  8.578   6.353   1.000 15.124 0 13  C   AAA "C1'" 1 ? 
ATOM   267 N N1    . C   A 1 13 ? 8.972   8.348   7.001   1.000 14.124 0 13  C   AAA N1    1 ? 
ATOM   268 C C2    . C   A 1 13 ? 7.850   8.861   6.333   1.000 13.995 0 13  C   AAA C2    1 ? 
ATOM   269 O O2    . C   A 1 13 ? 8.040   9.480   5.285   1.000 15.983 0 13  C   AAA O2    1 ? 
ATOM   270 N N3    . C   A 1 13 ? 6.645   8.575   6.829   1.000 13.604 0 13  C   AAA N3    1 ? 
ATOM   271 C C4    . C   A 1 13 ? 6.487   7.895   7.968   1.000 14.843 0 13  C   AAA C4    1 ? 
ATOM   272 N N4    . C   A 1 13 ? 5.263   7.670   8.421   1.000 17.290 0 13  C   AAA N4    1 ? 
ATOM   273 C C5    . C   A 1 13 ? 7.623   7.414   8.689   1.000 14.061 0 13  C   AAA C5    1 ? 
ATOM   274 C C6    . C   A 1 13 ? 8.816   7.664   8.157   1.000 11.753 0 13  C   AAA C6    1 ? 
ATOM   275 P P     . U   A 1 14 ? 12.141  11.943  9.186   1.000 16.039 0 14  U   AAA P     1 ? 
ATOM   276 O OP1   . U   A 1 14 ? 13.416  12.742  9.475   1.000 18.842 0 14  U   AAA OP1   1 ? 
ATOM   277 O OP2   . U   A 1 14 ? 11.367  11.472  10.396  1.000 20.678 0 14  U   AAA OP2   1 ? 
ATOM   278 O "O5'" . U   A 1 14 ? 11.046  12.816  8.401   1.000 13.675 0 14  U   AAA "O5'" 1 ? 
ATOM   279 C "C5'" . U   A 1 14 ? 11.464  13.498  7.193   1.000 14.457 0 14  U   AAA "C5'" 1 ? 
ATOM   280 C "C4'" . U   A 1 14 ? 10.279  14.212  6.598   1.000 15.099 0 14  U   AAA "C4'" 1 ? 
ATOM   281 O "O4'" . U   A 1 14 ? 9.311   13.247  6.127   1.000 15.436 0 14  U   AAA "O4'" 1 ? 
ATOM   282 C "C3'" . U   A 1 14 ? 9.464   15.114  7.539   1.000 15.734 0 14  U   AAA "C3'" 1 ? 
ATOM   283 O "O3'" . U   A 1 14 ? 10.092  16.365  7.767   1.000 16.186 0 14  U   AAA "O3'" 1 ? 
ATOM   284 C "C2'" . U   A 1 14 ? 8.158   15.236  6.762   1.000 15.568 0 14  U   AAA "C2'" 1 ? 
ATOM   285 O "O2'" . U   A 1 14 ? 8.258   16.122  5.664   1.000 18.951 0 14  U   AAA "O2'" 1 ? 
ATOM   286 C "C1'" . U   A 1 14 ? 8.023   13.793  6.254   1.000 16.984 0 14  U   AAA "C1'" 1 ? 
ATOM   287 N N1    . U   A 1 14 ? 7.278   12.942  7.164   1.000 15.372 0 14  U   AAA N1    1 ? 
ATOM   288 C C2    . U   A 1 14 ? 5.901   12.997  7.074   1.000 17.105 0 14  U   AAA C2    1 ? 
ATOM   289 O O2    . U   A 1 14 ? 5.302   13.744  6.331   1.000 18.953 0 14  U   AAA O2    1 ? 
ATOM   290 N N3    . U   A 1 14 ? 5.240   12.185  7.940   1.000 17.034 0 14  U   AAA N3    1 ? 
ATOM   291 C C4    . U   A 1 14 ? 5.790   11.282  8.816   1.000 16.508 0 14  U   AAA C4    1 ? 
ATOM   292 O O4    . U   A 1 14 ? 5.032   10.592  9.490   1.000 15.737 0 14  U   AAA O4    1 ? 
ATOM   293 C C5    . U   A 1 14 ? 7.231   11.272  8.856   1.000 15.766 0 14  U   AAA C5    1 ? 
ATOM   294 C C6    . U   A 1 14 ? 7.917   12.059  8.005   1.000 15.363 0 14  U   AAA C6    1 ? 
ATOM   295 P P     . C   A 1 15 ? 9.818   17.097  9.171   1.000 17.452 0 15  C   AAA P     1 ? 
ATOM   296 O OP1   . C   A 1 15 ? 10.806  18.245  9.110   1.000 21.200 0 15  C   AAA OP1   1 ? 
ATOM   297 O OP2   . C   A 1 15 ? 9.987   16.129  10.317  1.000 20.523 0 15  C   AAA OP2   1 ? 
ATOM   298 O "O5'" . C   A 1 15 ? 8.342   17.582  9.141   1.000 17.962 0 15  C   AAA "O5'" 1 ? 
ATOM   299 C "C5'" . C   A 1 15 ? 7.991   18.651  8.281   1.000 14.316 0 15  C   AAA "C5'" 1 ? 
ATOM   300 C "C4'" . C   A 1 15 ? 6.498   18.762  8.285   1.000 14.555 0 15  C   AAA "C4'" 1 ? 
ATOM   301 O "O4'" . C   A 1 15 ? 5.884   17.507  7.871   1.000 13.335 0 15  C   AAA "O4'" 1 ? 
ATOM   302 C "C3'" . C   A 1 15 ? 5.872   19.011  9.664   1.000 15.058 0 15  C   AAA "C3'" 1 ? 
ATOM   303 O "O3'" . C   A 1 15 ? 6.033   20.372  10.049  1.000 14.555 0 15  C   AAA "O3'" 1 ? 
ATOM   304 C "C2'" . C   A 1 15 ? 4.413   18.762  9.281   1.000 12.041 0 15  C   AAA "C2'" 1 ? 
ATOM   305 O "O2'" . C   A 1 15 ? 3.793   19.727  8.463   1.000 14.916 0 15  C   AAA "O2'" 1 ? 
ATOM   306 C "C1'" . C   A 1 15 ? 4.572   17.493  8.429   1.000 13.213 0 15  C   AAA "C1'" 1 ? 
ATOM   307 N N1    . C   A 1 15 ? 4.463   16.283  9.270   1.000 13.010 0 15  C   AAA N1    1 ? 
ATOM   308 C C2    . C   A 1 15 ? 3.189   15.823  9.621   1.000 10.168 0 15  C   AAA C2    1 ? 
ATOM   309 O O2    . C   A 1 15 ? 2.176   16.433  9.250   1.000 14.588 0 15  C   AAA O2    1 ? 
ATOM   310 N N3    . C   A 1 15 ? 3.096   14.728  10.388  1.000 13.975 0 15  C   AAA N3    1 ? 
ATOM   311 C C4    . C   A 1 15 ? 4.188   14.073  10.779  1.000 11.531 0 15  C   AAA C4    1 ? 
ATOM   312 N N4    . C   A 1 15 ? 4.003   12.988  11.517  1.000 15.678 0 15  C   AAA N4    1 ? 
ATOM   313 C C5    . C   A 1 15 ? 5.495   14.519  10.440  1.000 13.185 0 15  C   AAA C5    1 ? 
ATOM   314 C C6    . C   A 1 15 ? 5.572   15.645  9.724   1.000 10.304 0 15  C   AAA C6    1 ? 
ATOM   315 P P     . U   A 1 16 ? 6.211   20.629  11.608  1.000 17.080 0 16  U   AAA P     1 ? 
ATOM   316 O OP1   . U   A 1 16 ? 6.591   22.096  11.776  1.000 19.474 0 16  U   AAA OP1   1 ? 
ATOM   317 O OP2   . U   A 1 16 ? 6.972   19.595  12.304  1.000 13.666 0 16  U   AAA OP2   1 ? 
ATOM   318 O "O5'" . U   A 1 16 ? 4.724   20.430  12.208  1.000 14.275 0 16  U   AAA "O5'" 1 ? 
ATOM   319 C "C5'" . U   A 1 16 ? 3.727   21.332  11.728  1.000 13.974 0 16  U   AAA "C5'" 1 ? 
ATOM   320 C "C4'" . U   A 1 16 ? 2.376   20.901  12.237  1.000 12.927 0 16  U   AAA "C4'" 1 ? 
ATOM   321 O "O4'" . U   A 1 16 ? 2.082   19.585  11.712  1.000 12.576 0 16  U   AAA "O4'" 1 ? 
ATOM   322 C "C3'" . U   A 1 16 ? 2.217   20.663  13.737  1.000 13.541 0 16  U   AAA "C3'" 1 ? 
ATOM   323 O "O3'" . U   A 1 16 ? 2.138   21.906  14.419  1.000 13.072 0 16  U   AAA "O3'" 1 ? 
ATOM   324 C "C2'" . U   A 1 16 ? 0.912   19.866  13.742  1.000 12.236 0 16  U   AAA "C2'" 1 ? 
ATOM   325 O "O2'" . U   A 1 16 ? -0.227  20.635  13.440  1.000 14.692 0 16  U   AAA "O2'" 1 ? 
ATOM   326 C "C1'" . U   A 1 16 ? 1.195   18.910  12.587  1.000 11.513 0 16  U   AAA "C1'" 1 ? 
ATOM   327 N N1    . U   A 1 16 ? 1.840   17.665  13.047  1.000 10.879 0 16  U   AAA N1    1 ? 
ATOM   328 C C2    . U   A 1 16 ? 0.993   16.718  13.594  1.000 10.585 0 16  U   AAA C2    1 ? 
ATOM   329 O O2    . U   A 1 16 ? -0.205  16.890  13.595  1.000 11.526 0 16  U   AAA O2    1 ? 
ATOM   330 N N3    . U   A 1 16 ? 1.589   15.564  14.005  1.000 10.842 0 16  U   AAA N3    1 ? 
ATOM   331 C C4    . U   A 1 16 ? 2.934   15.306  14.032  1.000 11.083 0 16  U   AAA C4    1 ? 
ATOM   332 O O4    . U   A 1 16 ? 3.324   14.250  14.496  1.000 14.720 0 16  U   AAA O4    1 ? 
ATOM   333 C C5    . U   A 1 16 ? 3.754   16.349  13.500  1.000 10.590 0 16  U   AAA C5    1 ? 
ATOM   334 C C6    . U   A 1 16 ? 3.193   17.475  13.032  1.000 10.479 0 16  U   AAA C6    1 ? 
ATOM   335 O "O5'" . A   B 1 1  ? -3.821  8.273   18.802  1.000 23.763 0 1   A   BBB "O5'" 1 ? 
ATOM   336 C "C5'" . A   B 1 1  ? -5.189  8.608   19.010  1.000 20.566 0 1   A   BBB "C5'" 1 ? 
ATOM   337 C "C4'" . A   B 1 1  ? -5.488  9.902   18.286  1.000 19.104 0 1   A   BBB "C4'" 1 ? 
ATOM   338 O "O4'" . A   B 1 1  ? -4.651  10.955  18.835  1.000 17.757 0 1   A   BBB "O4'" 1 ? 
ATOM   339 C "C3'" . A   B 1 1  ? -5.190  9.925   16.774  1.000 18.280 0 1   A   BBB "C3'" 1 ? 
ATOM   340 O "O3'" . A   B 1 1  ? -6.259  9.320   16.049  1.000 20.485 0 1   A   BBB "O3'" 1 ? 
ATOM   341 C "C2'" . A   B 1 1  ? -5.080  11.441  16.574  1.000 15.806 0 1   A   BBB "C2'" 1 ? 
ATOM   342 O "O2'" . A   B 1 1  ? -6.323  12.083  16.598  1.000 18.444 0 1   A   BBB "O2'" 1 ? 
ATOM   343 C "C1'" . A   B 1 1  ? -4.251  11.841  17.789  1.000 16.787 0 1   A   BBB "C1'" 1 ? 
ATOM   344 N N9    . A   B 1 1  ? -2.819  11.732  17.570  1.000 14.166 0 1   A   BBB N9    1 ? 
ATOM   345 C C8    . A   B 1 1  ? -1.945  10.777  18.027  1.000 15.341 0 1   A   BBB C8    1 ? 
ATOM   346 N N7    . A   B 1 1  ? -0.700  10.964  17.654  1.000 16.210 0 1   A   BBB N7    1 ? 
ATOM   347 C C5    . A   B 1 1  ? -0.757  12.099  16.862  1.000 14.076 0 1   A   BBB C5    1 ? 
ATOM   348 C C6    . A   B 1 1  ? 0.228   12.792  16.145  1.000 13.871 0 1   A   BBB C6    1 ? 
ATOM   349 N N6    . A   B 1 1  ? 1.505   12.441  16.087  1.000 15.037 0 1   A   BBB N6    1 ? 
ATOM   350 N N1    . A   B 1 1  ? -0.161  13.886  15.449  1.000 10.682 0 1   A   BBB N1    1 ? 
ATOM   351 C C2    . A   B 1 1  ? -1.447  14.224  15.463  1.000 11.323 0 1   A   BBB C2    1 ? 
ATOM   352 N N3    . A   B 1 1  ? -2.480  13.628  16.089  1.000 11.917 0 1   A   BBB N3    1 ? 
ATOM   353 C C4    . A   B 1 1  ? -2.047  12.577  16.795  1.000 13.456 0 1   A   BBB C4    1 ? 
ATOM   354 P P     . G   B 1 2  ? -5.916  8.766   14.573  1.000 23.935 0 2   G   BBB P     1 ? 
ATOM   355 O OP1   . G   B 1 2  ? -7.066  7.967   14.041  1.000 28.346 0 2   G   BBB OP1   1 ? 
ATOM   356 O OP2   . G   B 1 2  ? -4.547  8.161   14.470  1.000 24.135 0 2   G   BBB OP2   1 ? 
ATOM   357 O "O5'" . G   B 1 2  ? -5.723  10.075  13.623  1.000 21.677 0 2   G   BBB "O5'" 1 ? 
ATOM   358 C "C5'" . G   B 1 2  ? -6.799  10.989  13.400  1.000 21.165 0 2   G   BBB "C5'" 1 ? 
ATOM   359 C "C4'" . G   B 1 2  ? -6.303  12.224  12.687  1.000 19.013 0 2   G   BBB "C4'" 1 ? 
ATOM   360 O "O4'" . G   B 1 2  ? -5.315  12.915  13.507  1.000 18.468 0 2   G   BBB "O4'" 1 ? 
ATOM   361 C "C3'" . G   B 1 2  ? -5.605  12.071  11.328  1.000 18.562 0 2   G   BBB "C3'" 1 ? 
ATOM   362 O "O3'" . G   B 1 2  ? -6.585  11.990  10.296  1.000 17.722 0 2   G   BBB "O3'" 1 ? 
ATOM   363 C "C2'" . G   B 1 2  ? -4.957  13.459  11.261  1.000 16.661 0 2   G   BBB "C2'" 1 ? 
ATOM   364 O "O2'" . G   B 1 2  ? -5.869  14.526  11.110  1.000 20.706 0 2   G   BBB "O2'" 1 ? 
ATOM   365 C "C1'" . G   B 1 2  ? -4.394  13.578  12.660  1.000 17.711 0 2   G   BBB "C1'" 1 ? 
ATOM   366 N N9    . G   B 1 2  ? -3.091  12.975  12.752  1.000 15.447 0 2   G   BBB N9    1 ? 
ATOM   367 C C8    . G   B 1 2  ? -2.718  11.777  13.290  1.000 14.188 0 2   G   BBB C8    1 ? 
ATOM   368 N N7    . G   B 1 2  ? -1.449  11.541  13.211  1.000 14.691 0 2   G   BBB N7    1 ? 
ATOM   369 C C5    . G   B 1 2  ? -0.953  12.633  12.499  1.000 13.837 0 2   G   BBB C5    1 ? 
ATOM   370 C C6    . G   B 1 2  ? 0.368   12.937  12.100  1.000 16.821 0 2   G   BBB C6    1 ? 
ATOM   371 O O6    . G   B 1 2  ? 1.396   12.279  12.310  1.000 16.181 0 2   G   BBB O6    1 ? 
ATOM   372 N N1    . G   B 1 2  ? 0.388   14.116  11.349  1.000 15.050 0 2   G   BBB N1    1 ? 
ATOM   373 C C2    . G   B 1 2  ? -0.684  14.942  11.106  1.000 17.145 0 2   G   BBB C2    1 ? 
ATOM   374 N N2    . G   B 1 2  ? -0.497  16.051  10.369  1.000 16.173 0 2   G   BBB N2    1 ? 
ATOM   375 N N3    . G   B 1 2  ? -1.916  14.662  11.505  1.000 15.681 0 2   G   BBB N3    1 ? 
ATOM   376 C C4    . G   B 1 2  ? -1.951  13.509  12.204  1.000 17.389 0 2   G   BBB C4    1 ? 
ATOM   377 P P     . A   B 1 3  ? -6.156  11.163  8.986   1.000 20.301 0 3   A   BBB P     1 ? 
ATOM   378 O OP1   . A   B 1 3  ? -7.444  11.015  8.202   1.000 21.232 0 3   A   BBB OP1   1 ? 
ATOM   379 O OP2   . A   B 1 3  ? -5.217  9.958   9.185   1.000 20.436 0 3   A   BBB OP2   1 ? 
ATOM   380 O "O5'" . A   B 1 3  ? -5.139  12.130  8.212   1.000 17.112 0 3   A   BBB "O5'" 1 ? 
ATOM   381 C "C5'" . A   B 1 3  ? -5.654  13.354  7.611   1.000 18.300 0 3   A   BBB "C5'" 1 ? 
ATOM   382 C "C4'" . A   B 1 3  ? -4.544  14.084  6.896   1.000 17.332 0 3   A   BBB "C4'" 1 ? 
ATOM   383 O "O4'" . A   B 1 3  ? -3.517  14.514  7.826   1.000 18.043 0 3   A   BBB "O4'" 1 ? 
ATOM   384 C "C3'" . A   B 1 3  ? -3.741  13.282  5.867   1.000 18.147 0 3   A   BBB "C3'" 1 ? 
ATOM   385 O "O3'" . A   B 1 3  ? -4.425  13.208  4.641   1.000 18.473 0 3   A   BBB "O3'" 1 ? 
ATOM   386 C "C2'" . A   B 1 3  ? -2.500  14.152  5.721   1.000 16.992 0 3   A   BBB "C2'" 1 ? 
ATOM   387 O "O2'" . A   B 1 3  ? -2.707  15.334  4.978   1.000 17.592 0 3   A   BBB "O2'" 1 ? 
ATOM   388 C "C1'" . A   B 1 3  ? -2.255  14.443  7.201   1.000 18.415 0 3   A   BBB "C1'" 1 ? 
ATOM   389 N N9    . A   B 1 3  ? -1.461  13.431  7.873   1.000 16.450 0 3   A   BBB N9    1 ? 
ATOM   390 C C8    . A   B 1 3  ? -1.876  12.439  8.728   1.000 14.602 0 3   A   BBB C8    1 ? 
ATOM   391 N N7    . A   B 1 3  ? -0.899  11.696  9.181   1.000 16.488 0 3   A   BBB N7    1 ? 
ATOM   392 C C5    . A   B 1 3  ? 0.223   12.216  8.565   1.000 14.135 0 3   A   BBB C5    1 ? 
ATOM   393 C C6    . A   B 1 3  ? 1.589   11.869  8.655   1.000 14.897 0 3   A   BBB C6    1 ? 
ATOM   394 N N6    . A   B 1 3  ? 1.995   10.871  9.404   1.000 15.723 0 3   A   BBB N6    1 ? 
ATOM   395 N N1    . A   B 1 3  ? 2.487   12.562  7.931   1.000 14.610 0 3   A   BBB N1    1 ? 
ATOM   396 C C2    . A   B 1 3  ? 2.012   13.585  7.215   1.000 17.459 0 3   A   BBB C2    1 ? 
ATOM   397 N N3    . A   B 1 3  ? 0.752   13.971  7.012   1.000 14.210 0 3   A   BBB N3    1 ? 
ATOM   398 C C4    . A   B 1 3  ? -0.102  13.275  7.762   1.000 15.662 0 3   A   BBB C4    1 ? 
ATOM   399 P P     . G   B 1 4  ? -4.055  11.939  3.724   1.000 18.797 0 4   G   BBB P     1 ? 
ATOM   400 O OP1   . G   B 1 4  ? -5.267  12.003  2.787   1.000 19.201 0 4   G   BBB OP1   1 ? 
ATOM   401 O OP2   . G   B 1 4  ? -3.892  10.636  4.478   1.000 19.514 0 4   G   BBB OP2   1 ? 
ATOM   402 O "O5'" . G   B 1 4  ? -2.604  12.102  3.056   1.000 17.640 0 4   G   BBB "O5'" 1 ? 
ATOM   403 C "C5'" . G   B 1 4  ? -2.332  13.196  2.153   1.000 15.814 0 4   G   BBB "C5'" 1 ? 
ATOM   404 C "C4'" . G   B 1 4  ? -0.853  13.224  1.886   1.000 16.400 0 4   G   BBB "C4'" 1 ? 
ATOM   405 O "O4'" . G   B 1 4  ? -0.081  13.551  3.095   1.000 15.007 0 4   G   BBB "O4'" 1 ? 
ATOM   406 C "C3'" . G   B 1 4  ? -0.206  11.928  1.390   1.000 15.161 0 4   G   BBB "C3'" 1 ? 
ATOM   407 O "O3'" . G   B 1 4  ? -0.527  11.650  0.028   1.000 12.861 0 4   G   BBB "O3'" 1 ? 
ATOM   408 C "C2'" . G   B 1 4  ? 1.244   12.351  1.599   1.000 12.204 0 4   G   BBB "C2'" 1 ? 
ATOM   409 O "O2'" . G   B 1 4  ? 1.668   13.376  0.746   1.000 14.983 0 4   G   BBB "O2'" 1 ? 
ATOM   410 C "C1'" . G   B 1 4  ? 1.196   12.943  3.001   1.000 14.350 0 4   G   BBB "C1'" 1 ? 
ATOM   411 N N9    . G   B 1 4  ? 1.380   11.934  4.031   1.000 13.275 0 4   G   BBB N9    1 ? 
ATOM   412 C C8    . G   B 1 4  ? 0.422   11.236  4.707   1.000 11.301 0 4   G   BBB C8    1 ? 
ATOM   413 N N7    . G   B 1 4  ? 0.899   10.356  5.536   1.000 13.528 0 4   G   BBB N7    1 ? 
ATOM   414 C C5    . G   B 1 4  ? 2.277   10.411  5.321   1.000 12.063 0 4   G   BBB C5    1 ? 
ATOM   415 C C6    . G   B 1 4  ? 3.327   9.689   5.961   1.000 12.280 0 4   G   BBB C6    1 ? 
ATOM   416 O O6    . G   B 1 4  ? 3.174   8.823   6.806   1.000 13.621 0 4   G   BBB O6    1 ? 
ATOM   417 N N1    . G   B 1 4  ? 4.570   10.021  5.435   1.000 13.220 0 4   G   BBB N1    1 ? 
ATOM   418 C C2    . G   B 1 4  ? 4.800   11.010  4.509   1.000 13.918 0 4   G   BBB C2    1 ? 
ATOM   419 N N2    . G   B 1 4  ? 6.064   11.232  4.126   1.000 15.924 0 4   G   BBB N2    1 ? 
ATOM   420 N N3    . G   B 1 4  ? 3.818   11.715  3.947   1.000 13.743 0 4   G   BBB N3    1 ? 
ATOM   421 C C4    . G   B 1 4  ? 2.597   11.362  4.402   1.000 12.097 0 4   G   BBB C4    1 ? 
ATOM   422 P P     . A   B 1 5  ? -0.561  10.150  -0.529  1.000 12.687 0 5   A   BBB P     1 ? 
ATOM   423 O OP1   . A   B 1 5  ? -1.047  10.298  -1.969  1.000 14.059 0 5   A   BBB OP1   1 ? 
ATOM   424 O OP2   . A   B 1 5  ? -1.252  9.215   0.313   1.000 15.417 0 5   A   BBB OP2   1 ? 
ATOM   425 O "O5'" . A   B 1 5  ? 0.995   9.635   -0.511  1.000 11.154 0 5   A   BBB "O5'" 1 ? 
ATOM   426 C "C5'" . A   B 1 5  ? 1.916   10.262  -1.412  1.000 11.004 0 5   A   BBB "C5'" 1 ? 
ATOM   427 C "C4'" . A   B 1 5  ? 3.311   9.819   -1.086  1.000 10.343 0 5   A   BBB "C4'" 1 ? 
ATOM   428 O "O4'" . A   B 1 5  ? 3.659   10.243  0.252   1.000 9.750  0 5   A   BBB "O4'" 1 ? 
ATOM   429 C "C3'" . A   B 1 5  ? 3.603   8.311   -1.039  1.000 9.799  0 5   A   BBB "C3'" 1 ? 
ATOM   430 O "O3'" . A   B 1 5  ? 3.753   7.871   -2.376  1.000 10.994 0 5   A   BBB "O3'" 1 ? 
ATOM   431 C "C2'" . A   B 1 5  ? 4.943   8.386   -0.302  1.000 9.532  0 5   A   BBB "C2'" 1 ? 
ATOM   432 O "O2'" . A   B 1 5  ? 5.945   8.937   -1.159  1.000 9.941  0 5   A   BBB "O2'" 1 ? 
ATOM   433 C "C1'" . A   B 1 5  ? 4.574   9.331   0.839   1.000 9.185  0 5   A   BBB "C1'" 1 ? 
ATOM   434 N N9    . A   B 1 5  ? 3.918   8.638   1.940   1.000 8.088  0 5   A   BBB N9    1 ? 
ATOM   435 C C8    . A   B 1 5  ? 2.590   8.440   2.191   1.000 9.068  0 5   A   BBB C8    1 ? 
ATOM   436 N N7    . A   B 1 5  ? 2.351   7.654   3.227   1.000 8.908  0 5   A   BBB N7    1 ? 
ATOM   437 C C5    . A   B 1 5  ? 3.602   7.289   3.668   1.000 8.608  0 5   A   BBB C5    1 ? 
ATOM   438 C C6    . A   B 1 5  ? 4.035   6.467   4.726   1.000 9.722  0 5   A   BBB C6    1 ? 
ATOM   439 N N6    . A   B 1 5  ? 3.232   5.835   5.573   1.000 10.640 0 5   A   BBB N6    1 ? 
ATOM   440 N N1    . A   B 1 5  ? 5.343   6.250   4.832   1.000 9.903  0 5   A   BBB N1    1 ? 
ATOM   441 C C2    . A   B 1 5  ? 6.183   6.880   4.013   1.000 11.103 0 5   A   BBB C2    1 ? 
ATOM   442 N N3    . A   B 1 5  ? 5.904   7.650   2.963   1.000 9.343  0 5   A   BBB N3    1 ? 
ATOM   443 C C4    . A   B 1 5  ? 4.577   7.832   2.851   1.000 8.685  0 5   A   BBB C4    1 ? 
ATOM   444 P P     . A   B 1 6  ? 3.598   6.294   -2.738  1.000 14.249 0 6   A   BBB P     1 ? 
ATOM   445 O OP1   . A   B 1 6  ? 3.629   6.226   -4.261  1.000 17.159 0 6   A   BBB OP1   1 ? 
ATOM   446 O OP2   . A   B 1 6  ? 2.391   5.730   -2.059  1.000 14.979 0 6   A   BBB OP2   1 ? 
ATOM   447 O "O5'" . A   B 1 6  ? 4.836   5.554   -2.014  1.000 15.412 0 6   A   BBB "O5'" 1 ? 
ATOM   448 C "C5'" . A   B 1 6  ? 6.201   5.837   -2.383  1.000 16.948 0 6   A   BBB "C5'" 1 ? 
ATOM   449 C "C4'" . A   B 1 6  ? 7.117   5.122   -1.424  1.000 15.456 0 6   A   BBB "C4'" 1 ? 
ATOM   450 O "O4'" . A   B 1 6  ? 6.936   5.621   -0.078  1.000 15.505 0 6   A   BBB "O4'" 1 ? 
ATOM   451 C "C3'" . A   B 1 6  ? 6.932   3.606   -1.254  1.000 15.201 0 6   A   BBB "C3'" 1 ? 
ATOM   452 O "O3'" . A   B 1 6  ? 7.505   2.902   -2.353  1.000 14.308 0 6   A   BBB "O3'" 1 ? 
ATOM   453 C "C2'" . A   B 1 6  ? 7.742   3.435   0.023   1.000 14.318 0 6   A   BBB "C2'" 1 ? 
ATOM   454 O "O2'" . A   B 1 6  ? 9.106   3.685   -0.166  1.000 15.326 0 6   A   BBB "O2'" 1 ? 
ATOM   455 C "C1'" . A   B 1 6  ? 7.174   4.577   0.848   1.000 14.342 0 6   A   BBB "C1'" 1 ? 
ATOM   456 N N9    . A   B 1 6  ? 5.942   4.239   1.543   1.000 11.808 0 6   A   BBB N9    1 ? 
ATOM   457 C C8    . A   B 1 6  ? 4.652   4.585   1.242   1.000 11.903 0 6   A   BBB C8    1 ? 
ATOM   458 N N7    . A   B 1 6  ? 3.778   4.152   2.128   1.000 11.241 0 6   A   BBB N7    1 ? 
ATOM   459 C C5    . A   B 1 6  ? 4.550   3.506   3.083   1.000 10.858 0 6   A   BBB C5    1 ? 
ATOM   460 C C6    . A   B 1 6  ? 4.209   2.775   4.236   1.000 10.708 0 6   A   BBB C6    1 ? 
ATOM   461 N N6    . A   B 1 6  ? 2.984   2.629   4.718   1.000 11.448 0 6   A   BBB N6    1 ? 
ATOM   462 N N1    . A   B 1 6  ? 5.212   2.215   4.941   1.000 10.568 0 6   A   BBB N1    1 ? 
ATOM   463 C C2    . A   B 1 6  ? 6.459   2.349   4.469   1.000 10.288 0 6   A   BBB C2    1 ? 
ATOM   464 N N3    . A   B 1 6  ? 6.904   2.997   3.388   1.000 10.432 0 6   A   BBB N3    1 ? 
ATOM   465 C C4    . A   B 1 6  ? 5.877   3.515   2.702   1.000 11.393 0 6   A   BBB C4    1 ? 
ATOM   466 P P     . G   B 1 7  ? 7.014   1.408   -2.646  1.000 15.497 0 7   G   BBB P     1 ? 
ATOM   467 O OP1   . G   B 1 7  ? 7.686   1.108   -4.000  1.000 16.489 0 7   G   BBB OP1   1 ? 
ATOM   468 O OP2   . G   B 1 7  ? 5.526   1.111   -2.507  1.000 15.013 0 7   G   BBB OP2   1 ? 
ATOM   469 O "O5'" . G   B 1 7  ? 7.744   0.456   -1.493  1.000 14.189 0 7   G   BBB "O5'" 1 ? 
ATOM   470 C "C5'" . G   B 1 7  ? 9.171   0.429   -1.415  1.000 12.459 0 7   G   BBB "C5'" 1 ? 
ATOM   471 C "C4'" . G   B 1 7  ? 9.590   -0.435  -0.258  1.000 12.075 0 7   G   BBB "C4'" 1 ? 
ATOM   472 O "O4'" . G   B 1 7  ? 9.147   0.253   0.943   1.000 11.246 0 7   G   BBB "O4'" 1 ? 
ATOM   473 C "C3'" . G   B 1 7  ? 8.960   -1.827  -0.132  1.000 11.685 0 7   G   BBB "C3'" 1 ? 
ATOM   474 O "O3'" . G   B 1 7  ? 9.563   -2.837  -0.925  1.000 10.957 0 7   G   BBB "O3'" 1 ? 
ATOM   475 C "C2'" . G   B 1 7  ? 9.181   -2.084  1.359   1.000 10.705 0 7   G   BBB "C2'" 1 ? 
ATOM   476 O "O2'" . G   B 1 7  ? 10.525  -2.386  1.647   1.000 11.252 0 7   G   BBB "O2'" 1 ? 
ATOM   477 C "C1'" . G   B 1 7  ? 8.827   -0.712  1.928   1.000 9.967  0 7   G   BBB "C1'" 1 ? 
ATOM   478 N N9    . G   B 1 7  ? 7.427   -0.546  2.250   1.000 9.822  0 7   G   BBB N9    1 ? 
ATOM   479 C C8    . G   B 1 7  ? 6.486   0.175   1.561   1.000 9.077  0 7   G   BBB C8    1 ? 
ATOM   480 N N7    . G   B 1 7  ? 5.296   0.151   2.120   1.000 9.821  0 7   G   BBB N7    1 ? 
ATOM   481 C C5    . G   B 1 7  ? 5.489   -0.618  3.260   1.000 8.579  0 7   G   BBB C5    1 ? 
ATOM   482 C C6    . G   B 1 7  ? 4.550   -1.006  4.256   1.000 8.776  0 7   G   BBB C6    1 ? 
ATOM   483 O O6    . G   B 1 7  ? 3.361   -0.697  4.388   1.000 9.264  0 7   G   BBB O6    1 ? 
ATOM   484 N N1    . G   B 1 7  ? 5.145   -1.846  5.181   1.000 8.331  0 7   G   BBB N1    1 ? 
ATOM   485 C C2    . G   B 1 7  ? 6.482   -2.208  5.197   1.000 8.869  0 7   G   BBB C2    1 ? 
ATOM   486 N N2    . G   B 1 7  ? 6.886   -3.034  6.162   1.000 9.918  0 7   G   BBB N2    1 ? 
ATOM   487 N N3    . G   B 1 7  ? 7.378   -1.841  4.284   1.000 8.272  0 7   G   BBB N3    1 ? 
ATOM   488 C C4    . G   B 1 7  ? 6.794   -1.037  3.359   1.000 8.915  0 7   G   BBB C4    1 ? 
HETATM 489 P P     . SUR B 1 8  ? 8.665   -3.951  -1.562  1.000 12.490 0 8   SUR BBB P     1 ? 
HETATM 490 O OP1   . SUR B 1 8  ? 9.744   -4.753  -2.275  1.000 14.765 0 8   SUR BBB OP1   1 ? 
HETATM 491 O OP2   . SUR B 1 8  ? 7.451   -3.410  -2.142  1.000 12.332 0 8   SUR BBB OP2   1 ? 
HETATM 492 O "O5'" . SUR B 1 8  ? 8.184   -4.815  -0.294  1.000 11.568 0 8   SUR BBB "O5'" 1 ? 
HETATM 493 C "C5'" . SUR B 1 8  ? 9.154   -5.450  0.534   1.000 10.436 0 8   SUR BBB "C5'" 1 ? 
HETATM 494 C "C4'" . SUR B 1 8  ? 8.387   -6.150  1.672   1.000 10.096 0 8   SUR BBB "C4'" 1 ? 
HETATM 495 O "O4'" . SUR B 1 8  ? 7.772   -5.074  2.521   1.000 10.613 0 8   SUR BBB "O4'" 1 ? 
HETATM 496 C "C3'" . SUR B 1 8  ? 7.188   -6.956  1.272   1.000 10.200 0 8   SUR BBB "C3'" 1 ? 
HETATM 497 C "C1'" . SUR B 1 8  ? 6.588   -5.567  3.091   1.000 10.126 0 8   SUR BBB "C1'" 1 ? 
HETATM 498 N N1    . SUR B 1 8  ? 5.475   -4.697  2.663   1.000 9.994  0 8   SUR BBB N1    1 ? 
HETATM 499 C "C2'" . SUR B 1 8  ? 6.390   -7.007  2.599   1.000 10.064 0 8   SUR BBB "C2'" 1 ? 
HETATM 500 C C6    . SUR B 1 8  ? 5.556   -3.846  1.571   1.000 9.848  0 8   SUR BBB C6    1 ? 
HETATM 501 C C2    . SUR B 1 8  ? 4.351   -4.672  3.381   1.000 10.769 0 8   SUR BBB C2    1 ? 
HETATM 502 C C5    . SUR B 1 8  ? 4.465   -3.029  1.227   1.000 10.008 0 8   SUR BBB C5    1 ? 
HETATM 503 S S2    . SUR B 1 8  ? 4.097   -5.730  4.705   1.000 11.613 0 8   SUR BBB S2    1 ? 
HETATM 504 N N3    . SUR B 1 8  ? 3.277   -3.893  3.058   1.000 10.069 0 8   SUR BBB N3    1 ? 
HETATM 505 C C4    . SUR B 1 8  ? 3.337   -2.996  2.002   1.000 10.188 0 8   SUR BBB C4    1 ? 
HETATM 506 O O4    . SUR B 1 8  ? 2.373   -2.252  1.698   1.000 10.261 0 8   SUR BBB O4    1 ? 
HETATM 507 O "O2'" . SUR B 1 8  ? 7.021   -7.907  3.528   1.000 11.496 0 8   SUR BBB "O2'" 1 ? 
HETATM 508 O "O3'" . SUR B 1 8  ? 7.617   -8.263  0.824   1.000 10.551 0 8   SUR BBB "O3'" 1 ? 
HETATM 509 P P     . SUR B 1 9  ? 6.922   -9.022  -0.287  1.000 13.073 0 9   SUR BBB P     1 ? 
HETATM 510 O OP1   . SUR B 1 9  ? 7.930   -10.118 -0.708  1.000 16.461 0 9   SUR BBB OP1   1 ? 
HETATM 511 O OP2   . SUR B 1 9  ? 6.298   -8.149  -1.287  1.000 13.330 0 9   SUR BBB OP2   1 ? 
HETATM 512 O "O5'" . SUR B 1 9  ? 5.726   -9.662  0.398   1.000 13.203 0 9   SUR BBB "O5'" 1 ? 
HETATM 513 C "C5'" . SUR B 1 9  ? 5.886   -10.606 1.471   1.000 12.564 0 9   SUR BBB "C5'" 1 ? 
HETATM 514 C "C4'" . SUR B 1 9  ? 4.668   -10.799 2.377   1.000 12.719 0 9   SUR BBB "C4'" 1 ? 
HETATM 515 O "O4'" . SUR B 1 9  ? 4.273   -9.560  2.989   1.000 12.461 0 9   SUR BBB "O4'" 1 ? 
HETATM 516 C "C3'" . SUR B 1 9  ? 3.439   -11.154 1.534   1.000 12.329 0 9   SUR BBB "C3'" 1 ? 
HETATM 517 C "C1'" . SUR B 1 9  ? 2.858   -9.502  3.018   1.000 12.588 0 9   SUR BBB "C1'" 1 ? 
HETATM 518 N N1    . SUR B 1 9  ? 2.472   -8.258  2.271   1.000 12.437 0 9   SUR BBB N1    1 ? 
HETATM 519 C "C2'" . SUR B 1 9  ? 2.355   -10.790 2.493   1.000 12.163 0 9   SUR BBB "C2'" 1 ? 
HETATM 520 C C6    . SUR B 1 9  ? 3.253   -7.780  1.277   1.000 11.751 0 9   SUR BBB C6    1 ? 
HETATM 521 C C2    . SUR B 1 9  ? 1.303   -7.632  2.620   1.000 12.992 0 9   SUR BBB C2    1 ? 
HETATM 522 C C5    . SUR B 1 9  ? 2.998   -6.589  0.587   1.000 12.923 0 9   SUR BBB C5    1 ? 
HETATM 523 S S2    . SUR B 1 9  ? 0.329   -8.227  3.684   1.000 14.930 0 9   SUR BBB S2    1 ? 
HETATM 524 N N3    . SUR B 1 9  ? 1.036   -6.420  1.937   1.000 12.032 0 9   SUR BBB N3    1 ? 
HETATM 525 C C4    . SUR B 1 9  ? 1.854   -5.932  0.953   1.000 12.264 0 9   SUR BBB C4    1 ? 
HETATM 526 O O4    . SUR B 1 9  ? 1.627   -4.865  0.331   1.000 13.773 0 9   SUR BBB O4    1 ? 
HETATM 527 O "O2'" . SUR B 1 9  ? 2.348   -11.690 3.606   1.000 13.183 0 9   SUR BBB "O2'" 1 ? 
HETATM 528 O "O3'" . SUR B 1 9  ? 3.256   -12.530 1.141   1.000 11.486 0 9   SUR BBB "O3'" 1 ? 
ATOM   529 P P     . C   B 1 10 ? 2.619   -12.889 -0.305  1.000 11.901 0 10  C   BBB P     1 ? 
ATOM   530 O OP1   . C   B 1 10 ? 2.960   -14.339 -0.544  1.000 12.159 0 10  C   BBB OP1   1 ? 
ATOM   531 O OP2   . C   B 1 10 ? 2.997   -11.829 -1.307  1.000 12.949 0 10  C   BBB OP2   1 ? 
ATOM   532 O "O5'" . C   B 1 10 ? 1.077   -12.706 -0.030  1.000 11.180 0 10  C   BBB "O5'" 1 ? 
ATOM   533 C "C5'" . C   B 1 10 ? 0.444   -13.661 0.839   1.000 11.106 0 10  C   BBB "C5'" 1 ? 
ATOM   534 C "C4'" . C   B 1 10 ? -0.881  -13.163 1.369   1.000 10.543 0 10  C   BBB "C4'" 1 ? 
ATOM   535 O "O4'" . C   B 1 10 ? -0.711  -11.873 2.004   1.000 10.851 0 10  C   BBB "O4'" 1 ? 
ATOM   536 C "C3'" . C   B 1 10 ? -2.007  -12.911 0.353   1.000 11.078 0 10  C   BBB "C3'" 1 ? 
ATOM   537 O "O3'" . C   B 1 10 ? -2.628  -14.123 -0.004  1.000 12.184 0 10  C   BBB "O3'" 1 ? 
ATOM   538 C "C2'" . C   B 1 10 ? -2.899  -11.984 1.180   1.000 10.736 0 10  C   BBB "C2'" 1 ? 
ATOM   539 O "O2'" . C   B 1 10 ? -3.549  -12.681 2.223   1.000 11.276 0 10  C   BBB "O2'" 1 ? 
ATOM   540 C "C1'" . C   B 1 10 ? -1.858  -11.073 1.821   1.000 10.771 0 10  C   BBB "C1'" 1 ? 
ATOM   541 N N1    . C   B 1 10 ? -1.462  -9.914  0.980   1.000 10.582 0 10  C   BBB N1    1 ? 
ATOM   542 C C2    . C   B 1 10 ? -2.321  -8.820  1.009   1.000 9.191  0 10  C   BBB C2    1 ? 
ATOM   543 O O2    . C   B 1 10 ? -3.400  -8.917  1.616   1.000 9.871  0 10  C   BBB O2    1 ? 
ATOM   544 N N3    . C   B 1 10 ? -2.014  -7.735  0.231   1.000 9.618  0 10  C   BBB N3    1 ? 
ATOM   545 C C4    . C   B 1 10 ? -0.882  -7.718  -0.470  1.000 9.566  0 10  C   BBB C4    1 ? 
ATOM   546 N N4    . C   B 1 10 ? -0.578  -6.631  -1.158  1.000 10.159 0 10  C   BBB N4    1 ? 
ATOM   547 C C5    . C   B 1 10 ? -0.015  -8.827  -0.517  1.000 10.121 0 10  C   BBB C5    1 ? 
ATOM   548 C C6    . C   B 1 10 ? -0.341  -9.912  0.223   1.000 10.389 0 10  C   BBB C6    1 ? 
ATOM   549 P P     . U   B 1 11 ? -3.427  -14.175 -1.409  1.000 15.301 0 11  U   BBB P     1 ? 
ATOM   550 O OP1   . U   B 1 11 ? -3.832  -15.588 -1.569  1.000 15.946 0 11  U   BBB OP1   1 ? 
ATOM   551 O OP2   . U   B 1 11 ? -2.665  -13.551 -2.508  1.000 16.131 0 11  U   BBB OP2   1 ? 
ATOM   552 O "O5'" . U   B 1 11 ? -4.705  -13.221 -1.197  1.000 14.881 0 11  U   BBB "O5'" 1 ? 
ATOM   553 C "C5'" . U   B 1 11 ? -5.728  -13.602 -0.263  1.000 16.280 0 11  U   BBB "C5'" 1 ? 
ATOM   554 C "C4'" . U   B 1 11 ? -6.754  -12.510 -0.279  1.000 14.968 0 11  U   BBB "C4'" 1 ? 
ATOM   555 O "O4'" . U   B 1 11 ? -6.175  -11.270 0.205   1.000 14.993 0 11  U   BBB "O4'" 1 ? 
ATOM   556 C "C3'" . U   B 1 11 ? -7.310  -12.113 -1.659  1.000 15.264 0 11  U   BBB "C3'" 1 ? 
ATOM   557 O "O3'" . U   B 1 11 ? -8.325  -13.008 -2.059  1.000 16.199 0 11  U   BBB "O3'" 1 ? 
ATOM   558 C "C2'" . U   B 1 11 ? -7.943  -10.778 -1.291  1.000 13.901 0 11  U   BBB "C2'" 1 ? 
ATOM   559 O "O2'" . U   B 1 11 ? -9.105  -10.900 -0.477  1.000 15.922 0 11  U   BBB "O2'" 1 ? 
ATOM   560 C "C1'" . U   B 1 11 ? -6.815  -10.187 -0.455  1.000 14.151 0 11  U   BBB "C1'" 1 ? 
ATOM   561 N N1    . U   B 1 11 ? -5.808  -9.402  -1.221  1.000 12.677 0 11  U   BBB N1    1 ? 
ATOM   562 C C2    . U   B 1 11 ? -6.187  -8.123  -1.591  1.000 11.203 0 11  U   BBB C2    1 ? 
ATOM   563 O O2    . U   B 1 11 ? -7.292  -7.665  -1.370  1.000 12.478 0 11  U   BBB O2    1 ? 
ATOM   564 N N3    . U   B 1 11 ? -5.223  -7.384  -2.181  1.000 10.830 0 11  U   BBB N3    1 ? 
ATOM   565 C C4    . U   B 1 11 ? -3.949  -7.799  -2.530  1.000 12.115 0 11  U   BBB C4    1 ? 
ATOM   566 O O4    . U   B 1 11 ? -3.156  -6.982  -3.027  1.000 13.036 0 11  U   BBB O4    1 ? 
ATOM   567 C C5    . U   B 1 11 ? -3.646  -9.156  -2.181  1.000 11.815 0 11  U   BBB C5    1 ? 
ATOM   568 C C6    . U   B 1 11 ? -4.580  -9.897  -1.559  1.000 12.666 0 11  U   BBB C6    1 ? 
ATOM   569 P P     . U   B 1 12 ? -8.609  -13.202 -3.621  1.000 16.443 0 12  U   BBB P     1 ? 
ATOM   570 O OP1   . U   B 1 12 ? -9.548  -14.351 -3.787  1.000 19.211 0 12  U   BBB OP1   1 ? 
ATOM   571 O OP2   . U   B 1 12 ? -7.333  -13.295 -4.444  1.000 17.738 0 12  U   BBB OP2   1 ? 
ATOM   572 O "O5'" . U   B 1 12 ? -9.405  -11.832 -4.044  1.000 16.079 0 12  U   BBB "O5'" 1 ? 
ATOM   573 C "C5'" . U   B 1 12 ? -10.648 -11.493 -3.417  1.000 17.286 0 12  U   BBB "C5'" 1 ? 
ATOM   574 C "C4'" . U   B 1 12 ? -11.033 -10.112 -3.890  1.000 15.845 0 12  U   BBB "C4'" 1 ? 
ATOM   575 O "O4'" . U   B 1 12 ? -10.082 -9.157  -3.352  1.000 15.452 0 12  U   BBB "O4'" 1 ? 
ATOM   576 C "C3'" . U   B 1 12 ? -10.996 -9.841  -5.405  1.000 18.032 0 12  U   BBB "C3'" 1 ? 
ATOM   577 O "O3'" . U   B 1 12 ? -12.192 -10.297 -6.041  1.000 16.972 0 12  U   BBB "O3'" 1 ? 
ATOM   578 C "C2'" . U   B 1 12 ? -10.929 -8.312  -5.383  1.000 15.465 0 12  U   BBB "C2'" 1 ? 
ATOM   579 O "O2'" . U   B 1 12 ? -12.128 -7.728  -4.931  1.000 16.841 0 12  U   BBB "O2'" 1 ? 
ATOM   580 C "C1'" . U   B 1 12 ? -9.953  -8.066  -4.242  1.000 14.899 0 12  U   BBB "C1'" 1 ? 
ATOM   581 N N1    . U   B 1 12 ? -8.553  -7.990  -4.651  1.000 13.088 0 12  U   BBB N1    1 ? 
ATOM   582 C C2    . U   B 1 12 ? -8.114  -6.761  -5.124  1.000 12.065 0 12  U   BBB C2    1 ? 
ATOM   583 O O2    . U   B 1 12 ? -8.882  -5.832  -5.277  1.000 13.811 0 12  U   BBB O2    1 ? 
ATOM   584 N N3    . U   B 1 12 ? -6.795  -6.726  -5.469  1.000 12.225 0 12  U   BBB N3    1 ? 
ATOM   585 C C4    . U   B 1 12 ? -5.881  -7.762  -5.365  1.000 11.259 0 12  U   BBB C4    1 ? 
ATOM   586 O O4    . U   B 1 12 ? -4.705  -7.594  -5.686  1.000 12.755 0 12  U   BBB O4    1 ? 
ATOM   587 C C5    . U   B 1 12 ? -6.414  -9.000  -4.911  1.000 12.595 0 12  U   BBB C5    1 ? 
ATOM   588 C C6    . U   B 1 12 ? -7.713  -9.069  -4.580  1.000 13.275 0 12  U   BBB C6    1 ? 
ATOM   589 P P     . C   B 1 13 ? -12.039 -10.728 -7.578  1.000 18.990 0 13  C   BBB P     1 ? 
ATOM   590 O OP1   . C   B 1 13 ? -13.341 -11.461 -7.969  1.000 21.112 0 13  C   BBB OP1   1 ? 
ATOM   591 O OP2   . C   B 1 13 ? -10.790 -11.443 -7.908  1.000 18.685 0 13  C   BBB OP2   1 ? 
ATOM   592 O "O5'" . C   B 1 13 ? -12.069 -9.297  -8.334  1.000 18.232 0 13  C   BBB "O5'" 1 ? 
ATOM   593 C "C5'" . C   B 1 13 ? -13.195 -8.403  -8.222  1.000 17.106 0 13  C   BBB "C5'" 1 ? 
ATOM   594 C "C4'" . C   B 1 13 ? -12.829 -7.091  -8.886  1.000 16.402 0 13  C   BBB "C4'" 1 ? 
ATOM   595 O "O4'" . C   B 1 13 ? -11.769 -6.462  -8.115  1.000 16.493 0 13  C   BBB "O4'" 1 ? 
ATOM   596 C "C3'" . C   B 1 13 ? -12.238 -7.134  -10.309 1.000 15.949 0 13  C   BBB "C3'" 1 ? 
ATOM   597 O "O3'" . C   B 1 13 ? -13.293 -7.227  -11.270 1.000 16.555 0 13  C   BBB "O3'" 1 ? 
ATOM   598 C "C2'" . C   B 1 13 ? -11.556 -5.760  -10.362 1.000 14.940 0 13  C   BBB "C2'" 1 ? 
ATOM   599 O "O2'" . C   B 1 13 ? -12.484 -4.698  -10.399 1.000 15.930 0 13  C   BBB "O2'" 1 ? 
ATOM   600 C "C1'" . C   B 1 13 ? -10.912 -5.715  -8.974  1.000 15.073 0 13  C   BBB "C1'" 1 ? 
ATOM   601 N N1    . C   B 1 13 ? -9.546  -6.291  -8.912  1.000 13.167 0 13  C   BBB N1    1 ? 
ATOM   602 C C2    . C   B 1 13 ? -8.504  -5.451  -9.324  1.000 13.944 0 13  C   BBB C2    1 ? 
ATOM   603 O O2    . C   B 1 13 ? -8.785  -4.320  -9.741  1.000 16.495 0 13  C   BBB O2    1 ? 
ATOM   604 N N3    . C   B 1 13 ? -7.253  -5.930  -9.278  1.000 12.471 0 13  C   BBB N3    1 ? 
ATOM   605 C C4    . C   B 1 13 ? -6.982  -7.141  -8.836  1.000 13.326 0 13  C   BBB C4    1 ? 
ATOM   606 N N4    . C   B 1 13 ? -5.737  -7.544  -8.779  1.000 15.535 0 13  C   BBB N4    1 ? 
ATOM   607 C C5    . C   B 1 13 ? -8.036  -8.039  -8.460  1.000 13.984 0 13  C   BBB C5    1 ? 
ATOM   608 C C6    . C   B 1 13 ? -9.285  -7.561  -8.533  1.000 13.147 0 13  C   BBB C6    1 ? 
ATOM   609 P P     . U   B 1 14 ? -12.939 -8.063  -12.594 1.000 18.074 0 14  U   BBB P     1 ? 
ATOM   610 O OP1   . U   B 1 14 ? -14.207 -8.350  -13.338 1.000 20.365 0 14  U   BBB OP1   1 ? 
ATOM   611 O OP2   . U   B 1 14 ? -11.989 -9.250  -12.473 1.000 16.532 0 14  U   BBB OP2   1 ? 
ATOM   612 O "O5'" . U   B 1 14 ? -12.023 -7.101  -13.489 1.000 16.679 0 14  U   BBB "O5'" 1 ? 
ATOM   613 C "C5'" . U   B 1 14 ? -12.587 -5.832  -13.888 1.000 16.892 0 14  U   BBB "C5'" 1 ? 
ATOM   614 C "C4'" . U   B 1 14 ? -11.536 -5.036  -14.617 1.000 17.145 0 14  U   BBB "C4'" 1 ? 
ATOM   615 O "O4'" . U   B 1 14 ? -10.561 -4.606  -13.653 1.000 15.791 0 14  U   BBB "O4'" 1 ? 
ATOM   616 C "C3'" . U   B 1 14 ? -10.693 -5.764  -15.674 1.000 18.311 0 14  U   BBB "C3'" 1 ? 
ATOM   617 O "O3'" . U   B 1 14 ? -11.427 -5.884  -16.888 1.000 19.555 0 14  U   BBB "O3'" 1 ? 
ATOM   618 C "C2'" . U   B 1 14 ? -9.501  -4.808  -15.793 1.000 16.500 0 14  U   BBB "C2'" 1 ? 
ATOM   619 O "O2'" . U   B 1 14 ? -9.843  -3.651  -16.549 1.000 18.344 0 14  U   BBB "O2'" 1 ? 
ATOM   620 C "C1'" . U   B 1 14 ? -9.310  -4.509  -14.298 1.000 17.142 0 14  U   BBB "C1'" 1 ? 
ATOM   621 N N1    . U   B 1 14 ? -8.409  -5.463  -13.666 1.000 15.040 0 14  U   BBB N1    1 ? 
ATOM   622 C C2    . U   B 1 14 ? -7.070  -5.210  -13.885 1.000 16.501 0 14  U   BBB C2    1 ? 
ATOM   623 O O2    . U   B 1 14 ? -6.673  -4.297  -14.583 1.000 17.453 0 14  U   BBB O2    1 ? 
ATOM   624 N N3    . U   B 1 14 ? -6.226  -6.066  -13.257 1.000 16.633 0 14  U   BBB N3    1 ? 
ATOM   625 C C4    . U   B 1 14 ? -6.565  -7.135  -12.468 1.000 15.846 0 14  U   BBB C4    1 ? 
ATOM   626 O O4    . U   B 1 14 ? -5.663  -7.817  -12.010 1.000 16.475 0 14  U   BBB O4    1 ? 
ATOM   627 C C5    . U   B 1 14 ? -7.976  -7.364  -12.304 1.000 16.738 0 14  U   BBB C5    1 ? 
ATOM   628 C C6    . U   B 1 14 ? -8.838  -6.522  -12.895 1.000 15.538 0 14  U   BBB C6    1 ? 
ATOM   629 P P     . C   B 1 15 ? -11.083 -7.128  -17.845 1.000 22.437 0 15  C   BBB P     1 ? 
ATOM   630 O OP1   . C   B 1 15 ? -12.204 -7.085  -18.895 1.000 26.057 0 15  C   BBB OP1   1 ? 
ATOM   631 O OP2   . C   B 1 15 ? -10.758 -8.446  -17.187 1.000 21.842 0 15  C   BBB OP2   1 ? 
ATOM   632 O "O5'" . C   B 1 15 ? -9.687  -6.863  -18.447 1.000 18.947 0 15  C   BBB "O5'" 1 ? 
ATOM   633 C "C5'" . C   B 1 15 ? -9.506  -5.744  -19.316 1.000 16.207 0 15  C   BBB "C5'" 1 ? 
ATOM   634 C "C4'" . C   B 1 15 ? -8.039  -5.596  -19.592 1.000 15.741 0 15  C   BBB "C4'" 1 ? 
ATOM   635 O "O4'" . C   B 1 15 ? -7.291  -5.298  -18.359 1.000 16.002 0 15  C   BBB "O4'" 1 ? 
ATOM   636 C "C3'" . C   B 1 15 ? -7.296  -6.809  -20.167 1.000 17.221 0 15  C   BBB "C3'" 1 ? 
ATOM   637 O "O3'" . C   B 1 15 ? -7.542  -6.962  -21.564 1.000 16.959 0 15  C   BBB "O3'" 1 ? 
ATOM   638 C "C2'" . C   B 1 15 ? -5.857  -6.353  -19.921 1.000 16.118 0 15  C   BBB "C2'" 1 ? 
ATOM   639 O "O2'" . C   B 1 15 ? -5.454  -5.324  -20.788 1.000 15.468 0 15  C   BBB "O2'" 1 ? 
ATOM   640 C "C1'" . C   B 1 15 ? -5.968  -5.775  -18.500 1.000 15.562 0 15  C   BBB "C1'" 1 ? 
ATOM   641 N N1    . C   B 1 15 ? -5.708  -6.807  -17.452 1.000 15.163 0 15  C   BBB N1    1 ? 
ATOM   642 C C2    . C   B 1 15 ? -4.375  -7.121  -17.173 1.000 13.445 0 15  C   BBB C2    1 ? 
ATOM   643 O O2    . C   B 1 15 ? -3.465  -6.574  -17.818 1.000 15.741 0 15  C   BBB O2    1 ? 
ATOM   644 N N3    . C   B 1 15 ? -4.148  -8.058  -16.219 1.000 17.668 0 15  C   BBB N3    1 ? 
ATOM   645 C C4    . C   B 1 15 ? -5.163  -8.625  -15.558 1.000 15.590 0 15  C   BBB C4    1 ? 
ATOM   646 N N4    . C   B 1 15 ? -4.872  -9.539  -14.630 1.000 20.244 0 15  C   BBB N4    1 ? 
ATOM   647 C C5    . C   B 1 15 ? -6.518  -8.307  -15.820 1.000 17.432 0 15  C   BBB C5    1 ? 
ATOM   648 C C6    . C   B 1 15 ? -6.733  -7.392  -16.776 1.000 15.922 0 15  C   BBB C6    1 ? 
ATOM   649 P P     . U   B 1 16 ? -7.579  -8.462  -22.126 1.000 17.642 0 16  U   BBB P     1 ? 
ATOM   650 O OP1   . U   B 1 16 ? -8.043  -8.402  -23.542 1.000 19.912 0 16  U   BBB OP1   1 ? 
ATOM   651 O OP2   . U   B 1 16 ? -8.307  -9.348  -21.197 1.000 16.299 0 16  U   BBB OP2   1 ? 
ATOM   652 O "O5'" . U   B 1 16 ? -6.084  -8.991  -22.078 1.000 16.367 0 16  U   BBB "O5'" 1 ? 
ATOM   653 C "C5'" . U   B 1 16 ? -5.208  -8.430  -23.031 1.000 17.277 0 16  U   BBB "C5'" 1 ? 
ATOM   654 C "C4'" . U   B 1 16 ? -3.809  -8.888  -22.745 1.000 17.392 0 16  U   BBB "C4'" 1 ? 
ATOM   655 O "O4'" . U   B 1 16 ? -3.429  -8.485  -21.411 1.000 16.763 0 16  U   BBB "O4'" 1 ? 
ATOM   656 C "C3'" . U   B 1 16 ? -3.535  -10.396 -22.737 1.000 18.316 0 16  U   BBB "C3'" 1 ? 
ATOM   657 O "O3'" . U   B 1 16 ? -3.362  -10.859 -24.058 1.000 21.411 0 16  U   BBB "O3'" 1 ? 
ATOM   658 C "C2'" . U   B 1 16 ? -2.181  -10.398 -22.015 1.000 17.896 0 16  U   BBB "C2'" 1 ? 
ATOM   659 O "O2'" . U   B 1 16 ? -1.132  -9.892  -22.818 1.000 21.569 0 16  U   BBB "O2'" 1 ? 
ATOM   660 C "C1'" . U   B 1 16 ? -2.495  -9.408  -20.893 1.000 17.658 0 16  U   BBB "C1'" 1 ? 
ATOM   661 N N1    . U   B 1 16 ? -3.044  -10.081 -19.703 1.000 15.442 0 16  U   BBB N1    1 ? 
ATOM   662 C C2    . U   B 1 16 ? -2.098  -10.666 -18.889 1.000 16.419 0 16  U   BBB C2    1 ? 
ATOM   663 O O2    . U   B 1 16 ? -0.913  -10.646 -19.176 1.000 19.272 0 16  U   BBB O2    1 ? 
ATOM   664 N N3    . U   B 1 16 ? -2.591  -11.323 -17.813 1.000 17.454 0 16  U   BBB N3    1 ? 
ATOM   665 C C4    . U   B 1 16 ? -3.903  -11.428 -17.431 1.000 16.042 0 16  U   BBB C4    1 ? 
ATOM   666 O O4    . U   B 1 16 ? -4.186  -12.065 -16.426 1.000 18.849 0 16  U   BBB O4    1 ? 
ATOM   667 C C5    . U   B 1 16 ? -4.842  -10.772 -18.300 1.000 15.623 0 16  U   BBB C5    1 ? 
ATOM   668 C C6    . U   B 1 16 ? -4.377  -10.140 -19.391 1.000 15.433 0 16  U   BBB C6    1 ? 
HETATM 669 O O     . HOH C 2 .  ? -0.158  -5.345  -9.933  1.000 28.316 0 101 HOH AAA O     1 ? 
HETATM 670 O O     . HOH C 2 .  ? 12.360  5.243   5.146   1.000 28.213 0 102 HOH AAA O     1 ? 
HETATM 671 O O     . HOH C 2 .  ? 4.967   16.040  5.393   1.000 26.041 0 103 HOH AAA O     1 ? 
HETATM 672 O O     . HOH C 2 .  ? 3.473   1.137   13.458  1.000 34.426 0 104 HOH AAA O     1 ? 
HETATM 673 O O     . HOH C 2 .  ? 5.034   9.209   11.622  1.000 29.369 0 105 HOH AAA O     1 ? 
HETATM 674 O O     . HOH C 2 .  ? 4.279   22.236  8.257   0.330 16.269 0 106 HOH AAA O     1 ? 
HETATM 675 O O     . HOH C 2 .  ? 2.418   4.125   9.263   1.000 25.114 0 107 HOH AAA O     1 ? 
HETATM 676 O O     . HOH C 2 .  ? 6.544   -5.424  13.919  0.330 19.973 0 108 HOH AAA O     1 ? 
HETATM 677 O O     . HOH C 2 .  ? 5.418   6.355   10.682  1.000 26.600 0 109 HOH AAA O     1 ? 
HETATM 678 O O     . HOH C 2 .  ? 5.203   2.649   11.865  1.000 18.136 0 110 HOH AAA O     1 ? 
HETATM 679 O O     . HOH C 2 .  ? 2.517   -4.636  -10.755 1.000 24.021 0 111 HOH AAA O     1 ? 
HETATM 680 O O     . HOH C 2 .  ? -2.751  3.942   -13.079 0.330 19.104 0 112 HOH AAA O     1 ? 
HETATM 681 O O     . HOH C 2 .  ? -1.827  -1.965  9.660   1.000 17.404 0 113 HOH AAA O     1 ? 
HETATM 682 O O     . HOH C 2 .  ? 4.205   -1.109  17.664  1.000 18.511 0 114 HOH AAA O     1 ? 
HETATM 683 O O     . HOH C 2 .  ? -0.641  -1.759  3.164   1.000 17.741 0 115 HOH AAA O     1 ? 
HETATM 684 O O     . HOH C 2 .  ? -3.274  -1.775  6.206   1.000 14.113 0 116 HOH AAA O     1 ? 
HETATM 685 O O     . HOH C 2 .  ? 2.118   -9.087  10.915  1.000 12.848 0 117 HOH AAA O     1 ? 
HETATM 686 O O     . HOH C 2 .  ? -2.703  -0.030  -5.502  1.000 19.526 0 118 HOH AAA O     1 ? 
HETATM 687 O O     . HOH C 2 .  ? -3.325  -1.039  2.819   1.000 16.031 0 119 HOH AAA O     1 ? 
HETATM 688 O O     . HOH C 2 .  ? 9.519   9.567   11.128  1.000 28.859 0 120 HOH AAA O     1 ? 
HETATM 689 O O     . HOH C 2 .  ? 9.181   13.613  11.111  1.000 27.415 0 121 HOH AAA O     1 ? 
HETATM 690 O O     . HOH C 2 .  ? -2.175  -0.601  -1.906  1.000 17.086 0 122 HOH AAA O     1 ? 
HETATM 691 O O     . HOH C 2 .  ? 9.750   5.888   3.584   1.000 22.347 0 123 HOH AAA O     1 ? 
HETATM 692 O O     . HOH C 2 .  ? 1.136   -1.653  15.631  1.000 14.852 0 124 HOH AAA O     1 ? 
HETATM 693 O O     . HOH C 2 .  ? 14.235  11.264  5.419   1.000 26.198 0 125 HOH AAA O     1 ? 
HETATM 694 O O     . HOH C 2 .  ? -3.029  1.864   -2.621  1.000 21.086 0 126 HOH AAA O     1 ? 
HETATM 695 O O     . HOH C 2 .  ? 1.385   -1.372  -9.751  1.000 28.983 0 127 HOH AAA O     1 ? 
HETATM 696 O O     . HOH C 2 .  ? 1.443   5.141   -8.538  1.000 21.522 0 128 HOH AAA O     1 ? 
HETATM 697 O O     . HOH C 2 .  ? -3.146  -2.935  15.474  1.000 27.171 0 129 HOH AAA O     1 ? 
HETATM 698 O O     . HOH C 2 .  ? 6.446   11.893  12.365  1.000 26.696 0 130 HOH AAA O     1 ? 
HETATM 699 O O     . HOH C 2 .  ? -4.334  -2.576  12.860  1.000 21.663 0 131 HOH AAA O     1 ? 
HETATM 700 O O     . HOH C 2 .  ? -1.960  5.999   -10.679 0.330 16.968 0 132 HOH AAA O     1 ? 
HETATM 701 O O     . HOH C 2 .  ? -3.508  -6.221  14.794  1.000 26.344 0 133 HOH AAA O     1 ? 
HETATM 702 O O     . HOH C 2 .  ? 7.997   5.387   11.986  1.000 20.530 0 134 HOH AAA O     1 ? 
HETATM 703 O O     . HOH C 2 .  ? 2.862   2.237   -9.389  1.000 16.824 0 135 HOH AAA O     1 ? 
HETATM 704 O O     . HOH C 2 .  ? 7.310   -3.432  16.242  0.330 13.049 0 136 HOH AAA O     1 ? 
HETATM 705 O O     . HOH C 2 .  ? 6.232   1.737   15.419  1.000 30.188 0 137 HOH AAA O     1 ? 
HETATM 706 O O     . HOH C 2 .  ? 4.951   23.982  10.295  0.330 15.398 0 138 HOH AAA O     1 ? 
HETATM 707 O O     . HOH C 2 .  ? -1.029  -0.175  6.585   1.000 15.436 0 139 HOH AAA O     1 ? 
HETATM 708 O O     . HOH C 2 .  ? 0.908   -0.909  11.847  1.000 26.706 0 140 HOH AAA O     1 ? 
HETATM 709 O O     . HOH C 2 .  ? -0.187  23.586  13.371  1.000 25.300 0 141 HOH AAA O     1 ? 
HETATM 710 O O     . HOH C 2 .  ? -1.318  -2.494  -4.189  1.000 22.624 0 142 HOH AAA O     1 ? 
HETATM 711 O O     . HOH C 2 .  ? 5.498   -8.145  10.745  0.330 28.027 0 143 HOH AAA O     1 ? 
HETATM 712 O O     . HOH C 2 .  ? -3.258  1.322   1.153   1.000 23.535 0 144 HOH AAA O     1 ? 
HETATM 713 O O     . HOH C 2 .  ? -7.868  -7.959  2.792   1.000 18.158 0 145 HOH AAA O     1 ? 
HETATM 714 O O     . HOH C 2 .  ? 8.561   -0.176  20.040  0.330 59.023 0 146 HOH AAA O     1 ? 
HETATM 715 O O     . HOH D 2 .  ? -3.122  9.436   6.535   1.000 26.071 0 101 HOH BBB O     1 ? 
HETATM 716 O O     . HOH D 2 .  ? -10.386 -8.748  -0.029  1.000 26.803 0 102 HOH BBB O     1 ? 
HETATM 717 O O     . HOH D 2 .  ? -14.895 -4.636  -11.235 1.000 33.237 0 103 HOH BBB O     1 ? 
HETATM 718 O O     . HOH D 2 .  ? -12.332 -5.201  -5.242  1.000 31.653 0 104 HOH BBB O     1 ? 
HETATM 719 O O     . HOH D 2 .  ? -0.777  6.662   0.458   1.000 25.593 0 105 HOH BBB O     1 ? 
HETATM 720 O O     . HOH D 2 .  ? -0.983  -7.225  -4.461  1.000 22.250 0 106 HOH BBB O     1 ? 
HETATM 721 O O     . HOH D 2 .  ? -5.524  -10.065 -8.103  1.000 25.009 0 107 HOH BBB O     1 ? 
HETATM 722 O O     . HOH D 2 .  ? 10.327  -10.834 -1.502  1.000 23.985 0 108 HOH BBB O     1 ? 
HETATM 723 O O     . HOH D 2 .  ? 0.968   13.620  -1.791  0.330 16.834 0 109 HOH BBB O     1 ? 
HETATM 724 O O     . HOH D 2 .  ? -6.126  -4.841  -23.323 0.330 15.019 0 110 HOH BBB O     1 ? 
HETATM 725 O O     . HOH D 2 .  ? -1.432  -11.267 -3.201  1.000 19.062 0 111 HOH BBB O     1 ? 
HETATM 726 O O     . HOH D 2 .  ? 12.546  -3.415  0.203   1.000 19.076 0 112 HOH BBB O     1 ? 
HETATM 727 O O     . HOH D 2 .  ? 9.500   2.380   3.747   1.000 28.572 0 113 HOH BBB O     1 ? 
HETATM 728 O O     . HOH D 2 .  ? -0.165  6.853   3.877   1.000 25.546 0 114 HOH BBB O     1 ? 
HETATM 729 O O     . HOH D 2 .  ? -10.611 -13.088 0.167   1.000 24.346 0 115 HOH BBB O     1 ? 
HETATM 730 O O     . HOH D 2 .  ? 1.195   -11.451 -3.332  1.000 20.248 0 116 HOH BBB O     1 ? 
HETATM 731 O O     . HOH D 2 .  ? -4.784  -12.287 -4.263  1.000 25.078 0 117 HOH BBB O     1 ? 
HETATM 732 O O     . HOH D 2 .  ? 1.247   0.344   2.975   1.000 17.737 0 118 HOH BBB O     1 ? 
HETATM 733 O O     . HOH D 2 .  ? 6.039   9.521   -3.862  1.000 19.930 0 119 HOH BBB O     1 ? 
HETATM 734 O O     . HOH D 2 .  ? -9.848  -10.084 -10.928 1.000 25.774 0 120 HOH BBB O     1 ? 
HETATM 735 O O     . HOH D 2 .  ? 3.105   -14.372 3.483   0.330 12.928 0 121 HOH BBB O     1 ? 
HETATM 736 O O     . HOH D 2 .  ? 3.708   -9.185  -1.856  1.000 23.042 0 122 HOH BBB O     1 ? 
HETATM 737 O O     . HOH D 2 .  ? -8.160  -11.670 -6.992  1.000 23.129 0 123 HOH BBB O     1 ? 
HETATM 738 O O     . HOH D 2 .  ? 2.216   -16.688 0.782   0.330 16.313 0 124 HOH BBB O     1 ? 
HETATM 739 O O     . HOH D 2 .  ? 5.180   -1.597  -1.801  1.000 21.595 0 125 HOH BBB O     1 ? 
HETATM 740 O O     . HOH D 2 .  ? 3.527   -15.459 -3.087  1.000 22.137 0 126 HOH BBB O     1 ? 
HETATM 741 O O     . HOH D 2 .  ? -9.784  -9.609  -14.781 1.000 24.742 0 127 HOH BBB O     1 ? 
HETATM 742 O O     . HOH D 2 .  ? 5.190   -12.494 -3.000  1.000 15.466 0 128 HOH BBB O     1 ? 
HETATM 743 O O     . HOH D 2 .  ? -6.832  -6.678  -25.465 0.330 17.777 0 129 HOH BBB O     1 ? 
HETATM 744 O O     . HOH D 2 .  ? -0.140  -2.515  0.371   1.000 15.289 0 130 HOH BBB O     1 ? 
HETATM 745 O O     . HOH D 2 .  ? 5.409   -8.688  5.754   1.000 17.541 0 131 HOH BBB O     1 ? 
HETATM 746 O O     . HOH D 2 .  ? 5.290   -5.535  -1.890  1.000 19.155 0 132 HOH BBB O     1 ? 
HETATM 747 O O     . HOH D 2 .  ? 2.911   0.875   0.685   1.000 23.679 0 133 HOH BBB O     1 ? 
HETATM 748 O O     . HOH D 2 .  ? 1.874   -7.032  -2.739  1.000 25.280 0 134 HOH BBB O     1 ? 
HETATM 749 O O     . HOH D 2 .  ? -5.127  -2.240  -20.290 0.330 42.214 0 135 HOH BBB O     1 ? 
HETATM 750 O O     . HOH D 2 .  ? 3.110   2.744   -1.281  1.000 26.827 0 136 HOH BBB O     1 ? 
HETATM 751 O O     . HOH D 2 .  ? 2.070   16.488  1.553   0.330 31.979 0 137 HOH BBB O     1 ? 
HETATM 752 O O     . HOH D 2 .  ? -0.445  1.983   4.807   1.000 22.793 0 138 HOH BBB O     1 ? 
HETATM 753 O O     . HOH D 2 .  ? -0.853  8.880   -7.320  0.330 33.599 0 139 HOH BBB O     1 ? 
# 
